data_5GWJ
#
_entry.id   5GWJ
#
_cell.length_a   80.178
_cell.length_b   176.990
_cell.length_c   94.414
_cell.angle_alpha   90.00
_cell.angle_beta   111.50
_cell.angle_gamma   90.00
#
_symmetry.space_group_name_H-M   'P 1 21 1'
#
loop_
_entity.id
_entity.type
_entity.pdbx_description
1 polymer 'DNA topoisomerase 2-beta'
2 polymer "DNA (5'-D(P*AP*GP*CP*CP*GP*AP*GP*C)-3')"
3 polymer "DNA (5'-D(P*TP*GP*CP*AP*GP*CP*TP*CP*GP*GP*CP*T)-3')"
4 non-polymer "chloro{4,5-di(amino-kappaN)-N-[9-(4-hydroxy-3,5-dimethoxyphenyl)-8-oxo-5,5a,6,8,8a,9-hexahydro-2H-furo[3',4':6,7]naphtho[2,3-d][1,3]dioxol-5-yl]pentanamide}platinum"
5 non-polymer "chloro{4,5-di(amino-kappaN)-N-[9-(4-hydroxy-3,5-dimethoxyphenyl)-8-oxo-5,5a,6,8,8a,9-hexahydro-2H-furo[3',4':6,7]naphtho[2,3-d][1,3]dioxol-5-yl]pentanamide}platinum"
6 non-polymer 'MAGNESIUM ION'
7 water water
#
loop_
_entity_poly.entity_id
_entity_poly.type
_entity_poly.pdbx_seq_one_letter_code
_entity_poly.pdbx_strand_id
1 'polypeptide(L)'
;MASWSHPQFEKGADDDDKVPDPTSVDSVKYSKIKGIPKLDDANDAGGKHSLECTLILTEGDSAKSLAVSGLGVIGRDRYG
VFPLRGKILNVREASHKQIMENAEINNIIKIVGLQYKKSYDDAESLKTLRYGKIMIMTDQDQDGSHIKGLLINFIHHNWP
SLLKHGFLEEFITPIVKASKNKQELSFYSIPEFDEWKKHIENQKAWKIKYYKGLGTSTAKEAKEYFADMERHRILFRYAG
PEDDAAITLAFSKKKIDDRKEWLTNFMEDRRQRRLHGLPEQFLYGTATKHLTYNDFINKELILFSNSDNERSIPSLVDGF
KPGQRKVLFTCFKRNDKREVKVAQLAGSVAEMSAYHHGEQALMMTIVNLAQNFVGSNNINLLQPIGQFGTRLHGGKDAAS
PRYIFTMLSTLARLLFPAVDDNLLKFLYDDNQRVEPEWYIPIIPMVLINGAEGIGTGWACKLPNYDAREIVNNVRRMLDG
LDPHPMLPNYKNFKGTIQELGQNQYAVSGEIFVVDRNTVEITELPVRTWTQVYKEQVLEPMLNGTDKTPALISDYKEYHT
DTTVKFVVKMTEEKLAQAEAAGLHKVFKLQTTLTCNSMVLFDHMGCLKKYETVQDILKEFFDLRLSYYGLRKEWLVGMLG
AESTKLNNQARFILEKIQGKITIENRSKKDLIQMLVQRGYESDPVKAWKEAQEKAAEEDETQNQHDDSSSDSGTPSGPDF
NYILNMSLWSLTKEKVEELIKQRDAKGREVNDLKRKSPSDLWKEDLAAFVEELDKVESQEREDGAPGFSSISAHHHHHHH
HHH
;
A,B
2 'polydeoxyribonucleotide' (DA)(DG)(DC)(DC)(DG)(DA)(DG)(DC) C,E
3 'polydeoxyribonucleotide' (DT)(DG)(DC)(DA)(DG)(DC)(DT)(DC)(DG)(DG)(DC)(DT) D,F
#
# COMPACT_ATOMS: atom_id res chain seq x y z
N LYS A 34 -2.69 -26.97 24.79
CA LYS A 34 -4.02 -27.08 25.39
C LYS A 34 -4.65 -25.71 25.66
N GLY A 35 -5.05 -25.02 24.61
CA GLY A 35 -5.60 -23.69 24.70
C GLY A 35 -4.73 -22.57 24.13
N ILE A 36 -3.78 -22.89 23.25
CA ILE A 36 -2.88 -21.91 22.65
C ILE A 36 -3.11 -21.93 21.14
N PRO A 37 -3.84 -20.95 20.60
CA PRO A 37 -4.23 -21.03 19.18
C PRO A 37 -3.06 -21.14 18.21
N LYS A 38 -2.00 -20.35 18.38
CA LYS A 38 -0.93 -20.30 17.40
C LYS A 38 0.14 -21.37 17.61
N LEU A 39 -0.10 -22.32 18.52
CA LEU A 39 0.90 -23.34 18.84
C LEU A 39 0.74 -24.58 17.99
N ASP A 40 1.86 -25.05 17.42
CA ASP A 40 1.94 -26.36 16.77
C ASP A 40 2.77 -27.25 17.70
N ASP A 41 2.09 -27.83 18.69
CA ASP A 41 2.75 -28.58 19.74
C ASP A 41 3.42 -29.83 19.20
N ALA A 42 4.55 -30.19 19.79
CA ALA A 42 5.23 -31.41 19.41
C ALA A 42 4.42 -32.62 19.87
N ASN A 43 4.50 -33.69 19.06
CA ASN A 43 3.73 -34.89 19.38
C ASN A 43 4.15 -35.48 20.73
N ASP A 44 5.46 -35.54 20.98
CA ASP A 44 5.99 -36.12 22.22
C ASP A 44 6.14 -35.10 23.34
N ALA A 45 5.69 -33.86 23.14
CA ALA A 45 5.77 -32.85 24.18
C ALA A 45 4.79 -33.17 25.29
N GLY A 46 5.28 -33.14 26.54
CA GLY A 46 4.49 -33.41 27.71
C GLY A 46 4.61 -34.82 28.27
N GLY A 47 5.16 -35.74 27.48
CA GLY A 47 5.29 -37.15 27.83
C GLY A 47 6.65 -37.51 28.36
N LYS A 48 7.11 -38.71 28.00
CA LYS A 48 8.37 -39.24 28.50
C LYS A 48 9.57 -38.77 27.70
N HIS A 49 9.38 -38.32 26.46
CA HIS A 49 10.46 -37.82 25.64
C HIS A 49 10.56 -36.30 25.66
N SER A 50 10.05 -35.66 26.72
CA SER A 50 9.97 -34.20 26.76
C SER A 50 11.35 -33.56 26.66
N LEU A 51 12.32 -34.05 27.43
CA LEU A 51 13.66 -33.47 27.45
C LEU A 51 14.40 -33.65 26.12
N GLU A 52 13.90 -34.49 25.21
CA GLU A 52 14.45 -34.60 23.87
C GLU A 52 13.68 -33.77 22.86
N CYS A 53 12.65 -33.05 23.30
CA CYS A 53 11.86 -32.18 22.42
C CYS A 53 12.37 -30.74 22.49
N THR A 54 12.30 -30.07 21.33
CA THR A 54 12.76 -28.69 21.18
C THR A 54 11.59 -27.81 20.79
N LEU A 55 11.42 -26.70 21.50
CA LEU A 55 10.41 -25.70 21.16
C LEU A 55 11.09 -24.58 20.36
N ILE A 56 10.63 -24.40 19.12
CA ILE A 56 11.15 -23.37 18.23
C ILE A 56 10.29 -22.12 18.38
N LEU A 57 10.87 -21.06 18.95
CA LEU A 57 10.23 -19.76 19.06
C LEU A 57 10.66 -18.89 17.88
N THR A 58 9.70 -18.51 17.05
CA THR A 58 10.00 -17.79 15.82
C THR A 58 9.68 -16.31 15.94
N GLU A 59 10.26 -15.53 15.03
CA GLU A 59 9.98 -14.10 14.92
C GLU A 59 8.80 -13.91 13.98
N GLY A 60 7.59 -14.04 14.54
CA GLY A 60 6.38 -13.78 13.81
C GLY A 60 5.79 -15.01 13.15
N ASP A 61 4.55 -14.85 12.69
CA ASP A 61 3.80 -15.98 12.14
C ASP A 61 4.39 -16.44 10.81
N SER A 62 4.87 -15.51 10.00
CA SER A 62 5.48 -15.89 8.73
C SER A 62 6.69 -16.79 8.96
N ALA A 63 7.50 -16.49 9.97
CA ALA A 63 8.61 -17.39 10.29
C ALA A 63 8.12 -18.72 10.85
N LYS A 64 6.97 -18.73 11.55
CA LYS A 64 6.44 -19.99 12.05
C LYS A 64 6.09 -20.93 10.90
N SER A 65 5.36 -20.43 9.90
CA SER A 65 4.97 -21.27 8.78
C SER A 65 6.17 -21.80 8.03
N LEU A 66 7.23 -21.00 7.92
CA LEU A 66 8.46 -21.49 7.30
C LEU A 66 9.08 -22.63 8.11
N ALA A 67 9.05 -22.53 9.43
CA ALA A 67 9.59 -23.60 10.26
C ALA A 67 8.73 -24.86 10.16
N VAL A 68 7.41 -24.70 10.20
CA VAL A 68 6.50 -25.83 10.05
C VAL A 68 6.66 -26.47 8.67
N SER A 69 6.96 -25.66 7.65
CA SER A 69 7.20 -26.20 6.32
C SER A 69 8.51 -27.00 6.28
N GLY A 70 9.54 -26.53 6.98
CA GLY A 70 10.83 -27.20 6.92
C GLY A 70 10.88 -28.49 7.71
N LEU A 71 10.06 -28.63 8.74
CA LEU A 71 10.08 -29.83 9.59
C LEU A 71 9.51 -31.06 8.89
N GLY A 72 8.96 -30.92 7.68
CA GLY A 72 8.44 -32.06 6.95
C GLY A 72 7.26 -32.70 7.64
N VAL A 73 7.38 -33.97 8.00
CA VAL A 73 6.36 -34.67 8.78
C VAL A 73 7.06 -35.32 9.97
N ILE A 74 8.31 -35.74 9.77
CA ILE A 74 9.06 -36.39 10.84
C ILE A 74 9.37 -35.39 11.96
N GLY A 75 9.51 -34.11 11.63
CA GLY A 75 9.86 -33.11 12.62
C GLY A 75 8.81 -32.86 13.67
N ARG A 76 7.56 -33.31 13.45
CA ARG A 76 6.49 -33.02 14.40
C ARG A 76 6.63 -33.80 15.71
N ASP A 77 7.42 -34.87 15.73
CA ASP A 77 7.50 -35.68 16.92
C ASP A 77 8.37 -35.03 18.00
N ARG A 78 9.43 -34.33 17.60
CA ARG A 78 10.37 -33.78 18.58
C ARG A 78 10.57 -32.27 18.44
N TYR A 79 9.73 -31.59 17.65
CA TYR A 79 9.86 -30.14 17.47
C TYR A 79 8.49 -29.49 17.51
N GLY A 80 8.32 -28.52 18.40
CA GLY A 80 7.14 -27.66 18.39
C GLY A 80 7.49 -26.27 17.88
N VAL A 81 6.50 -25.55 17.36
CA VAL A 81 6.69 -24.21 16.81
C VAL A 81 5.68 -23.27 17.45
N PHE A 82 6.15 -22.09 17.87
CA PHE A 82 5.28 -21.05 18.43
C PHE A 82 5.82 -19.68 18.02
N PRO A 83 4.96 -18.77 17.53
CA PRO A 83 5.45 -17.48 17.06
C PRO A 83 5.40 -16.38 18.11
N LEU A 84 6.46 -15.57 18.13
CA LEU A 84 6.52 -14.35 18.93
C LEU A 84 6.12 -13.16 18.08
N ARG A 85 5.28 -12.29 18.65
CA ARG A 85 4.76 -11.13 17.92
CA ARG A 85 4.76 -11.13 17.93
C ARG A 85 5.69 -9.92 18.11
N GLY A 86 6.95 -10.11 17.74
CA GLY A 86 7.92 -9.04 17.86
C GLY A 86 8.67 -8.98 19.18
N LYS A 87 9.02 -7.77 19.63
CA LYS A 87 9.75 -7.63 20.87
C LYS A 87 8.89 -8.07 22.05
N ILE A 88 9.50 -8.74 23.01
CA ILE A 88 8.78 -9.22 24.18
C ILE A 88 9.18 -8.38 25.38
N LEU A 89 8.47 -8.61 26.48
CA LEU A 89 8.65 -7.81 27.69
C LEU A 89 10.04 -8.04 28.27
N ASN A 90 10.69 -6.95 28.64
CA ASN A 90 11.94 -6.99 29.42
C ASN A 90 11.54 -7.20 30.87
N VAL A 91 11.51 -8.47 31.29
CA VAL A 91 10.99 -8.87 32.59
C VAL A 91 11.90 -8.54 33.76
N ARG A 92 13.14 -8.15 33.50
CA ARG A 92 14.13 -7.98 34.57
C ARG A 92 13.69 -6.94 35.60
N GLU A 93 13.10 -5.84 35.15
CA GLU A 93 12.65 -4.82 36.09
C GLU A 93 11.23 -4.34 35.78
N ALA A 94 10.48 -5.08 34.98
CA ALA A 94 9.09 -4.74 34.76
C ALA A 94 8.27 -5.04 36.01
N SER A 95 7.15 -4.33 36.16
CA SER A 95 6.29 -4.50 37.33
C SER A 95 5.69 -5.89 37.36
N HIS A 96 5.27 -6.32 38.55
CA HIS A 96 4.66 -7.63 38.69
C HIS A 96 3.32 -7.69 37.95
N LYS A 97 2.57 -6.59 37.97
CA LYS A 97 1.29 -6.57 37.26
C LYS A 97 1.50 -6.76 35.76
N GLN A 98 2.50 -6.08 35.19
CA GLN A 98 2.77 -6.22 33.76
C GLN A 98 3.26 -7.62 33.41
N ILE A 99 4.02 -8.25 34.31
CA ILE A 99 4.51 -9.60 34.06
C ILE A 99 3.37 -10.61 34.11
N MET A 100 2.47 -10.46 35.10
CA MET A 100 1.37 -11.41 35.22
C MET A 100 0.39 -11.30 34.07
N GLU A 101 0.22 -10.11 33.50
CA GLU A 101 -0.78 -9.91 32.47
C GLU A 101 -0.21 -9.95 31.06
N ASN A 102 1.02 -10.40 30.90
CA ASN A 102 1.64 -10.47 29.57
C ASN A 102 1.30 -11.80 28.92
N ALA A 103 0.51 -11.75 27.85
CA ALA A 103 0.00 -12.98 27.24
C ALA A 103 1.11 -13.81 26.63
N GLU A 104 2.10 -13.16 26.02
CA GLU A 104 3.14 -13.90 25.32
C GLU A 104 4.06 -14.62 26.30
N ILE A 105 4.48 -13.92 27.35
CA ILE A 105 5.31 -14.56 28.38
C ILE A 105 4.57 -15.76 28.97
N ASN A 106 3.30 -15.58 29.31
CA ASN A 106 2.52 -16.66 29.92
C ASN A 106 2.32 -17.83 28.96
N ASN A 107 2.12 -17.55 27.68
CA ASN A 107 1.99 -18.63 26.70
C ASN A 107 3.25 -19.47 26.65
N ILE A 108 4.42 -18.83 26.68
CA ILE A 108 5.68 -19.58 26.67
C ILE A 108 5.79 -20.44 27.93
N ILE A 109 5.36 -19.91 29.07
CA ILE A 109 5.47 -20.65 30.32
C ILE A 109 4.61 -21.91 30.28
N LYS A 110 3.38 -21.79 29.80
CA LYS A 110 2.50 -22.96 29.75
C LYS A 110 3.01 -23.99 28.73
N ILE A 111 3.50 -23.53 27.58
CA ILE A 111 3.96 -24.45 26.55
C ILE A 111 5.16 -25.25 27.03
N VAL A 112 6.13 -24.57 27.66
CA VAL A 112 7.31 -25.27 28.14
C VAL A 112 6.99 -26.04 29.42
N GLY A 113 6.09 -25.53 30.24
CA GLY A 113 5.82 -26.12 31.54
C GLY A 113 6.64 -25.55 32.67
N LEU A 114 7.19 -24.35 32.50
CA LEU A 114 8.00 -23.74 33.54
C LEU A 114 7.14 -23.27 34.71
N GLN A 115 7.80 -23.06 35.85
CA GLN A 115 7.16 -22.50 37.02
C GLN A 115 8.09 -21.47 37.64
N TYR A 116 7.53 -20.33 38.03
CA TYR A 116 8.32 -19.30 38.69
C TYR A 116 8.89 -19.81 40.01
N LYS A 117 10.03 -19.24 40.40
CA LYS A 117 10.70 -19.51 41.67
C LYS A 117 11.27 -20.93 41.76
N LYS A 118 10.86 -21.82 40.86
CA LYS A 118 11.31 -23.20 40.88
C LYS A 118 12.72 -23.32 40.31
N SER A 119 13.60 -24.00 41.04
CA SER A 119 14.97 -24.22 40.62
C SER A 119 15.08 -25.50 39.80
N TYR A 120 15.97 -25.48 38.82
CA TYR A 120 16.19 -26.62 37.93
C TYR A 120 17.66 -27.02 38.02
N ASP A 121 18.06 -27.49 39.20
CA ASP A 121 19.45 -27.91 39.45
C ASP A 121 19.64 -29.40 39.14
N ASP A 122 19.01 -30.27 39.91
CA ASP A 122 19.16 -31.71 39.76
C ASP A 122 18.35 -32.18 38.55
N ALA A 123 18.40 -33.50 38.30
CA ALA A 123 17.62 -34.09 37.22
C ALA A 123 16.19 -34.41 37.63
N GLU A 124 15.91 -34.48 38.93
CA GLU A 124 14.53 -34.71 39.39
C GLU A 124 13.63 -33.53 39.05
N SER A 125 14.17 -32.31 39.09
CA SER A 125 13.37 -31.12 38.82
C SER A 125 13.06 -30.96 37.34
N LEU A 126 13.91 -31.50 36.46
CA LEU A 126 13.74 -31.36 35.02
C LEU A 126 12.62 -32.19 34.44
N LYS A 127 11.88 -32.96 35.25
CA LYS A 127 10.83 -33.80 34.68
C LYS A 127 9.52 -33.04 34.51
N THR A 128 9.33 -31.94 35.23
CA THR A 128 8.10 -31.15 35.12
C THR A 128 8.04 -30.31 33.84
N LEU A 129 9.05 -30.39 32.98
CA LEU A 129 9.08 -29.62 31.75
C LEU A 129 8.52 -30.45 30.59
N ARG A 130 7.80 -29.76 29.70
CA ARG A 130 7.28 -30.41 28.50
C ARG A 130 8.25 -30.34 27.33
N TYR A 131 9.25 -29.45 27.39
CA TYR A 131 10.30 -29.36 26.38
C TYR A 131 11.66 -29.25 27.06
N GLY A 132 12.68 -29.86 26.47
CA GLY A 132 14.01 -29.81 27.03
C GLY A 132 14.91 -28.72 26.48
N LYS A 133 14.55 -28.14 25.34
CA LYS A 133 15.35 -27.11 24.72
C LYS A 133 14.44 -26.09 24.04
N ILE A 134 14.87 -24.83 24.07
CA ILE A 134 14.22 -23.76 23.33
C ILE A 134 15.18 -23.32 22.23
N MET A 135 14.69 -23.29 21.00
CA MET A 135 15.47 -22.88 19.85
C MET A 135 14.86 -21.62 19.29
N ILE A 136 15.58 -20.50 19.40
CA ILE A 136 15.12 -19.22 18.89
C ILE A 136 15.44 -19.14 17.41
N MET A 137 14.47 -18.74 16.61
CA MET A 137 14.66 -18.59 15.16
C MET A 137 14.16 -17.20 14.76
N THR A 138 15.08 -16.27 14.55
CA THR A 138 14.73 -14.91 14.14
C THR A 138 15.40 -14.59 12.81
N ASP A 139 15.05 -13.44 12.24
CA ASP A 139 15.82 -12.93 11.11
C ASP A 139 17.27 -12.72 11.54
N GLN A 140 18.17 -12.89 10.59
CA GLN A 140 19.58 -12.59 10.83
C GLN A 140 19.87 -11.11 10.61
N ASP A 141 19.10 -10.26 11.27
CA ASP A 141 19.33 -8.82 11.29
C ASP A 141 19.44 -8.37 12.74
N GLN A 142 19.63 -7.06 12.94
CA GLN A 142 19.89 -6.55 14.29
C GLN A 142 18.68 -6.76 15.20
N ASP A 143 17.46 -6.48 14.71
CA ASP A 143 16.28 -6.64 15.54
C ASP A 143 16.06 -8.09 15.93
N GLY A 144 16.46 -9.02 15.06
CA GLY A 144 16.43 -10.42 15.46
C GLY A 144 17.34 -10.68 16.65
N SER A 145 18.53 -10.05 16.66
CA SER A 145 19.43 -10.21 17.79
C SER A 145 18.81 -9.65 19.07
N HIS A 146 18.04 -8.56 18.96
CA HIS A 146 17.41 -8.01 20.14
C HIS A 146 16.38 -8.96 20.72
N ILE A 147 15.62 -9.64 19.84
CA ILE A 147 14.63 -10.60 20.33
C ILE A 147 15.31 -11.79 20.98
N LYS A 148 16.40 -12.28 20.39
CA LYS A 148 17.18 -13.32 21.05
C LYS A 148 17.59 -12.89 22.46
N GLY A 149 18.14 -11.67 22.57
CA GLY A 149 18.59 -11.18 23.87
C GLY A 149 17.45 -11.07 24.87
N LEU A 150 16.26 -10.64 24.40
CA LEU A 150 15.11 -10.54 25.30
C LEU A 150 14.68 -11.91 25.81
N LEU A 151 14.77 -12.94 24.96
CA LEU A 151 14.51 -14.30 25.43
C LEU A 151 15.58 -14.76 26.40
N ILE A 152 16.85 -14.50 26.07
CA ILE A 152 17.93 -14.82 26.99
C ILE A 152 17.72 -14.09 28.31
N ASN A 153 17.37 -12.81 28.24
CA ASN A 153 17.13 -12.03 29.45
C ASN A 153 15.98 -12.60 30.26
N PHE A 154 14.97 -13.16 29.58
CA PHE A 154 13.81 -13.72 30.26
C PHE A 154 14.18 -14.99 31.02
N ILE A 155 14.93 -15.89 30.37
CA ILE A 155 15.30 -17.14 31.02
C ILE A 155 16.34 -16.89 32.11
N HIS A 156 17.30 -16.00 31.84
CA HIS A 156 18.38 -15.76 32.80
C HIS A 156 17.86 -15.12 34.09
N HIS A 157 16.78 -14.34 34.00
CA HIS A 157 16.28 -13.65 35.17
C HIS A 157 15.46 -14.56 36.06
N ASN A 158 14.76 -15.53 35.47
CA ASN A 158 13.86 -16.39 36.24
C ASN A 158 14.42 -17.77 36.50
N TRP A 159 15.25 -18.32 35.62
CA TRP A 159 15.77 -19.67 35.76
C TRP A 159 17.22 -19.72 35.33
N PRO A 160 18.11 -19.06 36.07
CA PRO A 160 19.54 -19.09 35.69
C PRO A 160 20.13 -20.48 35.70
N SER A 161 19.55 -21.41 36.46
CA SER A 161 20.06 -22.78 36.46
C SER A 161 19.84 -23.46 35.12
N LEU A 162 18.80 -23.08 34.37
CA LEU A 162 18.53 -23.68 33.07
C LEU A 162 19.59 -23.30 32.05
N LEU A 163 20.17 -22.09 32.15
CA LEU A 163 21.20 -21.69 31.19
C LEU A 163 22.47 -22.50 31.38
N LYS A 164 22.76 -22.91 32.61
CA LYS A 164 23.93 -23.73 32.87
C LYS A 164 23.74 -25.18 32.44
N HIS A 165 22.53 -25.56 32.05
CA HIS A 165 22.27 -26.88 31.50
C HIS A 165 22.29 -26.89 29.98
N GLY A 166 22.37 -25.73 29.34
CA GLY A 166 22.30 -25.66 27.89
C GLY A 166 20.87 -25.71 27.40
N PHE A 167 20.04 -24.82 27.94
CA PHE A 167 18.63 -24.84 27.61
C PHE A 167 18.32 -24.06 26.34
N LEU A 168 19.11 -23.05 26.00
CA LEU A 168 18.84 -22.16 24.87
C LEU A 168 19.78 -22.41 23.70
N GLU A 169 19.22 -22.36 22.50
CA GLU A 169 19.99 -22.46 21.27
C GLU A 169 19.31 -21.62 20.21
N GLU A 170 19.95 -21.50 19.04
CA GLU A 170 19.40 -20.68 17.97
C GLU A 170 19.57 -21.38 16.64
N PHE A 171 18.71 -21.01 15.70
CA PHE A 171 18.72 -21.55 14.35
C PHE A 171 19.08 -20.42 13.38
N ILE A 172 20.20 -20.57 12.69
CA ILE A 172 20.77 -19.52 11.84
C ILE A 172 20.27 -19.69 10.42
N THR A 173 20.03 -18.57 9.75
CA THR A 173 19.63 -18.52 8.34
C THR A 173 20.55 -17.56 7.60
N PRO A 174 20.54 -17.58 6.28
CA PRO A 174 21.39 -16.62 5.56
C PRO A 174 20.63 -15.37 5.12
N ILE A 175 21.36 -14.37 4.65
CA ILE A 175 20.75 -13.16 4.08
C ILE A 175 21.72 -12.43 3.15
N THR A 216 11.74 -13.20 4.07
CA THR A 216 12.27 -14.54 4.29
C THR A 216 12.22 -15.36 3.00
N SER A 217 12.67 -16.62 3.09
CA SER A 217 12.91 -17.47 1.93
C SER A 217 11.71 -18.40 1.69
N THR A 218 11.87 -19.33 0.74
CA THR A 218 10.77 -20.15 0.25
C THR A 218 10.60 -21.43 1.07
N ALA A 219 9.53 -22.17 0.77
CA ALA A 219 9.29 -23.44 1.45
C ALA A 219 10.34 -24.47 1.08
N LYS A 220 10.77 -24.48 -0.18
CA LYS A 220 11.83 -25.39 -0.62
C LYS A 220 13.14 -25.13 0.12
N GLU A 221 13.49 -23.86 0.32
CA GLU A 221 14.70 -23.53 1.07
C GLU A 221 14.56 -23.91 2.54
N ALA A 222 13.34 -23.90 3.08
CA ALA A 222 13.14 -24.25 4.48
C ALA A 222 13.53 -25.71 4.74
N LYS A 223 13.03 -26.63 3.91
CA LYS A 223 13.36 -28.04 4.09
C LYS A 223 14.83 -28.33 3.86
N GLU A 224 15.52 -27.49 3.07
CA GLU A 224 16.96 -27.65 2.91
C GLU A 224 17.74 -27.15 4.12
N TYR A 225 17.23 -26.11 4.80
CA TYR A 225 17.86 -25.67 6.04
C TYR A 225 17.75 -26.72 7.12
N PHE A 226 16.56 -27.33 7.26
CA PHE A 226 16.32 -28.29 8.33
C PHE A 226 16.95 -29.64 8.05
N ALA A 227 17.06 -30.03 6.78
CA ALA A 227 17.81 -31.24 6.45
C ALA A 227 19.27 -31.10 6.87
N ASP A 228 19.82 -29.89 6.78
CA ASP A 228 21.18 -29.60 7.25
C ASP A 228 21.16 -28.95 8.63
N MET A 229 20.44 -29.58 9.56
CA MET A 229 20.18 -28.98 10.86
C MET A 229 21.47 -28.73 11.64
N GLU A 230 22.49 -29.57 11.43
CA GLU A 230 23.71 -29.45 12.22
C GLU A 230 24.44 -28.16 11.91
N ARG A 231 24.49 -27.76 10.64
CA ARG A 231 25.23 -26.57 10.24
C ARG A 231 24.51 -25.27 10.58
N HIS A 232 23.21 -25.31 10.89
CA HIS A 232 22.45 -24.12 11.23
C HIS A 232 22.15 -23.99 12.72
N ARG A 233 22.51 -24.98 13.54
CA ARG A 233 22.16 -25.00 14.95
C ARG A 233 23.37 -24.58 15.78
N ILE A 234 23.23 -23.50 16.54
CA ILE A 234 24.28 -22.99 17.41
C ILE A 234 23.75 -22.94 18.83
N LEU A 235 24.53 -23.47 19.78
CA LEU A 235 24.08 -23.60 21.15
C LEU A 235 24.73 -22.55 22.02
N PHE A 236 23.93 -21.92 22.88
CA PHE A 236 24.47 -20.93 23.80
C PHE A 236 25.13 -21.63 24.98
N ARG A 237 26.17 -21.01 25.51
CA ARG A 237 27.00 -21.60 26.54
C ARG A 237 27.17 -20.63 27.69
N TYR A 238 26.91 -21.10 28.91
CA TYR A 238 27.21 -20.32 30.10
C TYR A 238 28.61 -20.71 30.58
N ALA A 239 29.50 -19.73 30.70
CA ALA A 239 30.89 -20.00 31.03
C ALA A 239 31.37 -19.32 32.31
N GLY A 240 30.52 -18.59 33.01
CA GLY A 240 30.91 -17.95 34.25
C GLY A 240 30.20 -16.64 34.48
N PRO A 241 30.63 -15.89 35.49
CA PRO A 241 29.96 -14.62 35.81
C PRO A 241 30.10 -13.56 34.72
N GLU A 242 31.01 -13.74 33.76
CA GLU A 242 31.08 -12.82 32.64
C GLU A 242 29.79 -12.84 31.82
N ASP A 243 29.11 -13.98 31.79
CA ASP A 243 27.84 -14.06 31.08
C ASP A 243 26.74 -13.36 31.85
N ASP A 244 26.74 -13.48 33.18
CA ASP A 244 25.74 -12.77 33.96
C ASP A 244 25.93 -11.26 33.84
N ALA A 245 27.18 -10.78 33.90
CA ALA A 245 27.41 -9.35 33.81
C ALA A 245 27.05 -8.80 32.43
N ALA A 246 27.28 -9.59 31.38
CA ALA A 246 26.95 -9.13 30.03
C ALA A 246 25.45 -8.99 29.84
N ILE A 247 24.68 -9.97 30.31
CA ILE A 247 23.22 -9.90 30.20
C ILE A 247 22.69 -8.73 31.03
N THR A 248 23.17 -8.57 32.25
CA THR A 248 22.77 -7.45 33.09
C THR A 248 23.14 -6.12 32.46
N LEU A 249 24.32 -6.05 31.84
CA LEU A 249 24.74 -4.82 31.17
C LEU A 249 23.73 -4.40 30.12
N ALA A 250 23.13 -5.38 29.43
CA ALA A 250 22.28 -5.07 28.30
C ALA A 250 20.85 -4.76 28.70
N PHE A 251 20.35 -5.35 29.80
CA PHE A 251 18.91 -5.32 30.05
C PHE A 251 18.50 -4.80 31.41
N SER A 252 19.42 -4.28 32.21
CA SER A 252 19.06 -3.75 33.53
C SER A 252 18.97 -2.23 33.45
N LYS A 253 17.89 -1.68 34.00
CA LYS A 253 17.73 -0.22 34.00
C LYS A 253 18.78 0.46 34.86
N LYS A 254 19.41 -0.26 35.78
CA LYS A 254 20.45 0.34 36.61
C LYS A 254 21.79 0.40 35.91
N LYS A 255 21.85 0.02 34.63
CA LYS A 255 23.10 -0.06 33.88
C LYS A 255 23.08 0.82 32.63
N ILE A 256 22.35 1.95 32.69
CA ILE A 256 22.30 2.86 31.55
C ILE A 256 23.67 3.49 31.30
N ASP A 257 24.32 3.97 32.36
CA ASP A 257 25.63 4.60 32.19
C ASP A 257 26.67 3.59 31.72
N ASP A 258 26.60 2.35 32.21
CA ASP A 258 27.51 1.34 31.73
C ASP A 258 27.28 1.07 30.25
N ARG A 259 26.02 1.15 29.81
CA ARG A 259 25.75 0.97 28.38
C ARG A 259 26.32 2.13 27.56
N LYS A 260 26.32 3.35 28.10
CA LYS A 260 26.94 4.48 27.41
C LYS A 260 28.43 4.21 27.20
N GLU A 261 29.14 3.80 28.25
CA GLU A 261 30.56 3.48 28.08
C GLU A 261 30.74 2.30 27.15
N TRP A 262 29.88 1.29 27.29
CA TRP A 262 29.93 0.09 26.44
C TRP A 262 29.85 0.45 24.97
N LEU A 263 28.93 1.35 24.62
CA LEU A 263 28.77 1.77 23.23
C LEU A 263 29.80 2.81 22.83
N THR A 264 30.27 3.63 23.79
CA THR A 264 31.32 4.60 23.47
C THR A 264 32.58 3.90 23.00
N ASN A 265 32.98 2.82 23.69
CA ASN A 265 34.14 2.07 23.26
C ASN A 265 33.90 1.43 21.90
N PHE A 266 32.68 0.97 21.65
CA PHE A 266 32.38 0.31 20.37
C PHE A 266 32.49 1.29 19.21
N MET A 267 31.89 2.48 19.33
CA MET A 267 31.94 3.46 18.25
C MET A 267 33.35 3.96 18.01
N GLU A 268 34.14 4.10 19.09
CA GLU A 268 35.52 4.53 18.93
C GLU A 268 36.36 3.44 18.26
N ASP A 269 36.21 2.20 18.70
CA ASP A 269 36.98 1.11 18.11
C ASP A 269 36.62 0.90 16.64
N ARG A 270 35.34 1.10 16.28
CA ARG A 270 34.95 0.90 14.88
C ARG A 270 35.60 1.92 13.95
N ARG A 271 35.82 3.15 14.43
CA ARG A 271 36.52 4.14 13.61
C ARG A 271 37.98 3.78 13.38
N GLN A 272 38.63 3.18 14.37
CA GLN A 272 40.03 2.81 14.21
C GLN A 272 40.21 1.80 13.07
N ARG A 273 39.34 0.80 13.01
CA ARG A 273 39.43 -0.19 11.95
C ARG A 273 38.85 0.28 10.63
N ARG A 274 37.96 1.29 10.64
CA ARG A 274 37.50 1.87 9.39
C ARG A 274 38.61 2.67 8.71
N LEU A 275 39.57 3.15 9.48
CA LEU A 275 40.76 3.80 8.93
C LEU A 275 41.85 2.80 8.56
N HIS A 276 41.75 1.56 9.04
CA HIS A 276 42.72 0.52 8.71
C HIS A 276 41.95 -0.52 7.89
N GLY A 277 41.57 -1.65 8.46
CA GLY A 277 40.80 -2.64 7.72
C GLY A 277 39.96 -3.53 8.61
N LEU A 278 38.71 -3.78 8.21
CA LEU A 278 37.76 -4.62 8.96
C LEU A 278 37.66 -4.26 10.44
N LYS A 289 30.46 -23.48 16.33
CA LYS A 289 29.07 -23.85 16.58
C LYS A 289 28.64 -23.70 18.05
N HIS A 290 29.52 -23.11 18.88
CA HIS A 290 29.18 -22.78 20.25
C HIS A 290 29.41 -21.30 20.48
N LEU A 291 28.57 -20.69 21.32
CA LEU A 291 28.63 -19.25 21.52
C LEU A 291 28.28 -18.92 22.95
N THR A 292 29.19 -18.27 23.66
CA THR A 292 28.94 -17.86 25.02
C THR A 292 28.03 -16.62 25.04
N TYR A 293 27.28 -16.47 26.13
CA TYR A 293 26.41 -15.31 26.25
C TYR A 293 27.21 -14.02 26.25
N ASN A 294 28.41 -14.04 26.83
CA ASN A 294 29.25 -12.85 26.85
C ASN A 294 29.67 -12.45 25.44
N ASP A 295 29.96 -13.43 24.58
CA ASP A 295 30.31 -13.08 23.20
C ASP A 295 29.09 -12.67 22.40
N PHE A 296 27.93 -13.23 22.71
CA PHE A 296 26.70 -12.82 22.03
C PHE A 296 26.35 -11.36 22.35
N ILE A 297 26.46 -10.97 23.62
CA ILE A 297 26.14 -9.60 24.01
C ILE A 297 27.13 -8.63 23.39
N ASN A 298 28.43 -8.91 23.54
CA ASN A 298 29.47 -7.95 23.19
C ASN A 298 29.87 -7.99 21.73
N LYS A 299 29.36 -8.95 20.95
CA LYS A 299 29.69 -9.01 19.54
C LYS A 299 28.49 -9.11 18.62
N GLU A 300 27.30 -9.43 19.13
CA GLU A 300 26.11 -9.47 18.28
C GLU A 300 25.04 -8.50 18.72
N LEU A 301 24.64 -8.52 20.00
CA LEU A 301 23.60 -7.61 20.45
C LEU A 301 24.03 -6.15 20.31
N ILE A 302 25.32 -5.87 20.52
CA ILE A 302 25.80 -4.50 20.46
C ILE A 302 25.60 -3.90 19.08
N LEU A 303 25.53 -4.73 18.05
CA LEU A 303 25.22 -4.23 16.72
C LEU A 303 23.80 -3.72 16.63
N PHE A 304 22.87 -4.33 17.37
CA PHE A 304 21.53 -3.77 17.42
C PHE A 304 21.50 -2.46 18.20
N SER A 305 22.12 -2.46 19.39
CA SER A 305 22.09 -1.27 20.22
C SER A 305 22.67 -0.07 19.49
N ASN A 306 23.75 -0.27 18.74
CA ASN A 306 24.30 0.84 17.96
C ASN A 306 23.39 1.20 16.79
N SER A 307 22.85 0.20 16.09
CA SER A 307 21.92 0.48 15.02
CA SER A 307 21.91 0.48 15.02
C SER A 307 20.66 1.16 15.55
N ASP A 308 20.26 0.84 16.78
CA ASP A 308 19.10 1.48 17.38
C ASP A 308 19.34 2.98 17.52
N ASN A 309 20.57 3.37 17.89
CA ASN A 309 20.91 4.79 18.00
C ASN A 309 20.97 5.45 16.63
N GLU A 310 21.46 4.73 15.62
CA GLU A 310 21.61 5.33 14.30
C GLU A 310 20.26 5.62 13.67
N ARG A 311 19.21 4.89 14.06
CA ARG A 311 17.90 5.10 13.48
C ARG A 311 16.97 5.92 14.36
N SER A 312 17.36 6.18 15.61
CA SER A 312 16.50 6.88 16.56
C SER A 312 17.02 8.25 16.95
N ILE A 313 18.31 8.50 16.85
CA ILE A 313 18.88 9.78 17.24
C ILE A 313 19.14 10.59 15.97
N PRO A 314 18.56 11.78 15.84
CA PRO A 314 18.65 12.52 14.58
C PRO A 314 20.01 13.17 14.41
N SER A 315 20.26 13.59 13.18
CA SER A 315 21.46 14.33 12.84
C SER A 315 21.26 15.81 13.14
N LEU A 316 22.34 16.43 13.63
CA LEU A 316 22.31 17.87 13.86
C LEU A 316 22.15 18.65 12.56
N VAL A 317 22.68 18.12 11.45
CA VAL A 317 22.77 18.91 10.23
C VAL A 317 21.38 19.21 9.68
N ASP A 318 20.55 18.18 9.49
CA ASP A 318 19.24 18.40 8.90
C ASP A 318 18.10 18.09 9.84
N GLY A 319 18.37 17.65 11.06
CA GLY A 319 17.30 17.32 12.00
C GLY A 319 16.56 16.04 11.70
N PHE A 320 16.99 15.26 10.71
CA PHE A 320 16.33 14.02 10.31
C PHE A 320 17.00 12.80 10.93
N LYS A 321 16.22 11.71 11.01
CA LYS A 321 16.70 10.36 11.15
C LYS A 321 16.69 9.67 9.79
N PRO A 322 17.46 8.59 9.61
CA PRO A 322 17.56 7.98 8.27
C PRO A 322 16.23 7.62 7.62
N GLY A 323 15.27 7.09 8.38
CA GLY A 323 13.97 6.79 7.81
C GLY A 323 13.27 8.05 7.32
N GLN A 324 13.25 9.10 8.14
CA GLN A 324 12.69 10.37 7.70
C GLN A 324 13.42 10.91 6.49
N ARG A 325 14.76 10.78 6.47
CA ARG A 325 15.53 11.30 5.35
C ARG A 325 15.22 10.55 4.07
N LYS A 326 14.97 9.24 4.17
CA LYS A 326 14.58 8.48 2.98
C LYS A 326 13.25 8.97 2.43
N VAL A 327 12.32 9.38 3.31
CA VAL A 327 11.04 9.89 2.85
C VAL A 327 11.23 11.18 2.06
N LEU A 328 12.00 12.12 2.61
CA LEU A 328 12.20 13.38 1.91
C LEU A 328 12.92 13.18 0.59
N PHE A 329 13.93 12.30 0.57
CA PHE A 329 14.64 11.98 -0.67
C PHE A 329 13.68 11.44 -1.73
N THR A 330 12.77 10.55 -1.33
CA THR A 330 11.80 10.01 -2.27
C THR A 330 10.83 11.08 -2.75
N CYS A 331 10.33 11.93 -1.83
CA CYS A 331 9.45 13.00 -2.26
C CYS A 331 10.13 13.97 -3.20
N PHE A 332 11.41 14.27 -2.96
CA PHE A 332 12.14 15.16 -3.86
C PHE A 332 12.30 14.54 -5.24
N LYS A 333 12.62 13.24 -5.28
CA LYS A 333 12.84 12.57 -6.56
C LYS A 333 11.55 12.39 -7.34
N ARG A 334 10.43 12.16 -6.65
CA ARG A 334 9.15 12.04 -7.33
C ARG A 334 8.65 13.39 -7.82
N ASN A 335 8.79 14.42 -7.00
CA ASN A 335 8.34 15.76 -7.32
C ASN A 335 6.86 15.77 -7.72
N ASP A 336 6.05 15.25 -6.81
CA ASP A 336 4.61 15.15 -7.05
C ASP A 336 3.97 16.53 -7.06
N LYS A 337 3.14 16.78 -8.07
CA LYS A 337 2.35 18.00 -8.14
C LYS A 337 0.93 17.82 -7.65
N ARG A 338 0.47 16.58 -7.44
CA ARG A 338 -0.84 16.29 -6.91
C ARG A 338 -0.70 15.36 -5.71
N GLU A 339 -1.80 15.24 -4.95
CA GLU A 339 -1.79 14.43 -3.75
C GLU A 339 -1.41 12.99 -4.06
N VAL A 340 -0.76 12.34 -3.10
CA VAL A 340 -0.40 10.94 -3.20
C VAL A 340 -0.82 10.24 -1.91
N LYS A 341 -1.43 9.06 -2.03
CA LYS A 341 -1.83 8.32 -0.84
C LYS A 341 -0.60 7.96 -0.01
N VAL A 342 -0.74 8.10 1.32
CA VAL A 342 0.37 7.81 2.20
C VAL A 342 0.86 6.39 2.02
N ALA A 343 -0.07 5.43 1.94
CA ALA A 343 0.35 4.04 1.74
C ALA A 343 1.09 3.87 0.42
N GLN A 344 0.62 4.53 -0.63
CA GLN A 344 1.31 4.48 -1.90
C GLN A 344 2.69 5.12 -1.79
N LEU A 345 2.80 6.27 -1.14
CA LEU A 345 4.11 6.90 -0.99
C LEU A 345 5.06 6.01 -0.20
N ALA A 346 4.57 5.38 0.88
CA ALA A 346 5.41 4.49 1.65
C ALA A 346 5.99 3.39 0.76
N GLY A 347 5.16 2.80 -0.10
CA GLY A 347 5.68 1.79 -1.01
C GLY A 347 6.72 2.35 -1.96
N SER A 348 6.50 3.58 -2.41
CA SER A 348 7.48 4.21 -3.29
C SER A 348 8.79 4.48 -2.55
N VAL A 349 8.73 4.85 -1.27
CA VAL A 349 9.93 5.12 -0.49
C VAL A 349 10.74 3.85 -0.31
N ALA A 350 10.06 2.76 0.05
CA ALA A 350 10.75 1.48 0.25
C ALA A 350 11.47 1.03 -1.01
N GLU A 351 10.91 1.34 -2.17
CA GLU A 351 11.50 0.89 -3.42
C GLU A 351 12.64 1.81 -3.85
N MET A 352 12.41 3.11 -3.82
CA MET A 352 13.39 4.07 -4.35
C MET A 352 14.54 4.35 -3.40
N SER A 353 14.37 4.15 -2.10
CA SER A 353 15.40 4.51 -1.13
C SER A 353 15.94 3.32 -0.36
N ALA A 354 15.54 2.09 -0.71
CA ALA A 354 16.01 0.88 -0.03
C ALA A 354 15.70 0.93 1.47
N TYR A 355 14.42 1.12 1.79
CA TYR A 355 13.96 1.03 3.17
C TYR A 355 13.65 -0.43 3.49
N HIS A 356 14.36 -0.99 4.47
CA HIS A 356 14.35 -2.43 4.70
C HIS A 356 13.51 -2.85 5.92
N HIS A 357 12.54 -2.05 6.32
CA HIS A 357 11.73 -2.36 7.49
C HIS A 357 10.26 -2.42 7.10
N GLY A 358 9.41 -2.75 8.07
CA GLY A 358 7.98 -2.84 7.77
C GLY A 358 7.42 -1.49 7.37
N GLU A 359 6.45 -1.52 6.47
CA GLU A 359 5.92 -0.27 5.96
C GLU A 359 5.08 0.47 6.99
N GLN A 360 4.58 -0.22 8.02
CA GLN A 360 3.78 0.48 9.01
C GLN A 360 4.59 1.57 9.71
N ALA A 361 5.82 1.24 10.10
CA ALA A 361 6.68 2.25 10.68
C ALA A 361 6.88 3.41 9.70
N LEU A 362 7.04 3.07 8.42
CA LEU A 362 7.25 4.11 7.41
C LEU A 362 6.02 4.99 7.27
N MET A 363 4.83 4.39 7.29
CA MET A 363 3.63 5.20 7.22
C MET A 363 3.44 6.05 8.47
N MET A 364 3.87 5.55 9.63
CA MET A 364 3.89 6.37 10.83
C MET A 364 4.78 7.59 10.67
N THR A 365 6.01 7.37 10.16
CA THR A 365 6.93 8.48 9.96
C THR A 365 6.33 9.54 9.06
N ILE A 366 5.66 9.11 7.98
CA ILE A 366 5.07 10.07 7.04
C ILE A 366 4.00 10.89 7.73
N VAL A 367 3.15 10.24 8.53
CA VAL A 367 2.11 10.98 9.25
C VAL A 367 2.73 11.98 10.21
N ASN A 368 3.76 11.55 10.96
CA ASN A 368 4.42 12.45 11.90
C ASN A 368 5.07 13.63 11.18
N LEU A 369 5.59 13.41 9.98
CA LEU A 369 6.19 14.49 9.21
C LEU A 369 5.15 15.49 8.68
N ALA A 370 3.89 15.09 8.59
CA ALA A 370 2.89 15.97 8.00
C ALA A 370 2.05 16.72 9.02
N GLN A 371 2.08 16.29 10.28
CA GLN A 371 1.19 16.88 11.27
C GLN A 371 1.55 18.34 11.52
N ASN A 372 0.50 19.15 11.76
CA ASN A 372 0.69 20.59 11.93
C ASN A 372 -0.18 21.17 13.05
N PHE A 373 -0.71 20.34 13.95
CA PHE A 373 -1.47 20.88 15.08
C PHE A 373 -0.52 21.41 16.15
N VAL A 374 -1.10 22.18 17.08
CA VAL A 374 -0.30 22.82 18.13
C VAL A 374 0.42 21.75 18.91
N GLY A 375 1.75 21.84 18.96
CA GLY A 375 2.58 20.89 19.66
C GLY A 375 3.30 19.90 18.77
N SER A 376 3.01 19.86 17.48
CA SER A 376 3.73 18.96 16.59
C SER A 376 4.85 19.71 15.87
N ASN A 377 4.70 19.97 14.57
CA ASN A 377 5.75 20.61 13.80
C ASN A 377 5.50 22.12 13.67
N ASN A 378 6.56 22.90 13.86
CA ASN A 378 6.49 24.32 13.54
C ASN A 378 6.42 24.56 12.05
N ILE A 379 7.13 23.74 11.27
CA ILE A 379 7.05 23.77 9.82
C ILE A 379 6.97 22.32 9.35
N ASN A 380 5.77 21.87 8.98
CA ASN A 380 5.62 20.53 8.43
C ASN A 380 6.08 20.51 6.97
N LEU A 381 6.97 19.58 6.65
CA LEU A 381 7.51 19.49 5.30
C LEU A 381 6.58 18.77 4.34
N LEU A 382 5.67 17.94 4.85
CA LEU A 382 4.65 17.29 4.05
C LEU A 382 3.29 17.89 4.39
N GLN A 383 2.39 17.97 3.37
CA GLN A 383 1.10 18.56 3.71
C GLN A 383 0.13 17.49 4.20
N PRO A 384 -0.61 17.78 5.28
CA PRO A 384 -1.62 16.84 5.76
C PRO A 384 -2.94 17.03 5.02
N ILE A 385 -3.10 16.33 3.91
CA ILE A 385 -4.32 16.40 3.11
C ILE A 385 -5.19 15.24 3.56
N GLY A 386 -6.06 15.49 4.54
CA GLY A 386 -6.90 14.47 5.11
C GLY A 386 -6.84 14.54 6.62
N GLN A 387 -7.31 13.50 7.29
CA GLN A 387 -7.31 13.48 8.75
C GLN A 387 -5.98 12.89 9.25
N PHE A 388 -5.03 13.76 9.59
CA PHE A 388 -3.74 13.34 10.11
C PHE A 388 -3.67 13.44 11.63
N GLY A 389 -4.78 13.72 12.30
CA GLY A 389 -4.78 13.88 13.73
C GLY A 389 -4.97 15.33 14.14
N THR A 390 -5.48 15.51 15.37
CA THR A 390 -5.76 16.82 15.90
C THR A 390 -5.17 16.94 17.30
N ARG A 391 -5.26 18.14 17.87
CA ARG A 391 -4.83 18.33 19.24
C ARG A 391 -5.80 17.73 20.25
N LEU A 392 -6.94 17.22 19.79
CA LEU A 392 -7.86 16.54 20.70
C LEU A 392 -7.23 15.29 21.29
N HIS A 393 -6.54 14.51 20.45
CA HIS A 393 -5.98 13.22 20.84
C HIS A 393 -4.48 13.16 20.55
N GLY A 394 -3.82 14.30 20.36
CA GLY A 394 -2.40 14.27 20.09
C GLY A 394 -2.03 13.50 18.84
N GLY A 395 -2.86 13.59 17.81
CA GLY A 395 -2.59 12.91 16.57
C GLY A 395 -2.99 11.45 16.52
N LYS A 396 -3.41 10.87 17.64
CA LYS A 396 -3.83 9.48 17.65
C LYS A 396 -5.14 9.26 16.93
N ASP A 397 -5.90 10.31 16.64
CA ASP A 397 -7.14 10.22 15.90
C ASP A 397 -6.94 10.33 14.39
N ALA A 398 -5.73 10.07 13.90
CA ALA A 398 -5.50 10.11 12.47
C ALA A 398 -6.21 8.95 11.78
N ALA A 399 -6.71 9.19 10.58
CA ALA A 399 -7.34 8.14 9.80
C ALA A 399 -6.28 7.18 9.26
N SER A 400 -6.75 6.11 8.64
CA SER A 400 -5.86 5.09 8.11
C SER A 400 -4.99 5.66 7.01
N PRO A 401 -3.72 5.24 6.91
CA PRO A 401 -2.86 5.75 5.83
C PRO A 401 -3.31 5.35 4.44
N ARG A 402 -4.31 4.47 4.30
CA ARG A 402 -4.82 4.18 2.96
C ARG A 402 -5.86 5.19 2.50
N TYR A 403 -6.31 6.09 3.39
CA TYR A 403 -7.34 7.07 3.08
C TYR A 403 -6.87 8.52 3.14
N ILE A 404 -5.62 8.77 3.52
CA ILE A 404 -5.11 10.13 3.66
C ILE A 404 -4.01 10.36 2.62
N PHE A 405 -3.92 11.60 2.16
CA PHE A 405 -3.01 12.00 1.10
C PHE A 405 -1.99 12.99 1.62
N THR A 406 -0.88 13.11 0.88
CA THR A 406 0.14 14.09 1.22
C THR A 406 0.92 14.47 -0.02
N MET A 407 1.77 15.47 0.14
CA MET A 407 2.66 16.01 -0.89
C MET A 407 3.57 17.03 -0.20
N LEU A 408 4.64 17.39 -0.89
CA LEU A 408 5.60 18.32 -0.32
C LEU A 408 4.93 19.67 -0.04
N SER A 409 5.28 20.24 1.10
CA SER A 409 5.00 21.65 1.36
C SER A 409 5.82 22.51 0.40
N THR A 410 5.29 23.68 0.06
CA THR A 410 6.04 24.61 -0.79
C THR A 410 7.29 25.14 -0.09
N LEU A 411 7.35 25.05 1.23
CA LEU A 411 8.54 25.49 1.96
C LEU A 411 9.66 24.47 1.92
N ALA A 412 9.36 23.23 1.54
CA ALA A 412 10.32 22.13 1.66
C ALA A 412 11.55 22.40 0.79
N ARG A 413 11.31 22.78 -0.45
CA ARG A 413 12.39 23.03 -1.40
C ARG A 413 13.04 24.39 -1.19
N LEU A 414 12.36 25.32 -0.52
CA LEU A 414 13.01 26.56 -0.12
C LEU A 414 13.94 26.34 1.07
N LEU A 415 13.65 25.35 1.92
CA LEU A 415 14.54 25.01 3.02
C LEU A 415 15.68 24.10 2.59
N PHE A 416 15.45 23.22 1.62
CA PHE A 416 16.44 22.27 1.12
C PHE A 416 16.65 22.53 -0.37
N PRO A 417 17.41 23.57 -0.73
CA PRO A 417 17.46 23.98 -2.14
C PRO A 417 18.05 22.89 -3.03
N ALA A 418 17.38 22.66 -4.16
CA ALA A 418 17.77 21.55 -5.03
C ALA A 418 19.21 21.69 -5.51
N VAL A 419 19.69 22.92 -5.70
CA VAL A 419 21.06 23.10 -6.18
C VAL A 419 22.06 22.50 -5.20
N ASP A 420 21.75 22.49 -3.90
CA ASP A 420 22.69 21.91 -2.93
C ASP A 420 22.81 20.40 -3.04
N ASP A 421 21.87 19.72 -3.72
CA ASP A 421 22.00 18.28 -3.89
C ASP A 421 23.31 17.91 -4.56
N ASN A 422 23.84 18.79 -5.43
CA ASN A 422 25.10 18.50 -6.11
C ASN A 422 26.29 18.50 -5.17
N LEU A 423 26.11 18.83 -3.88
CA LEU A 423 27.19 18.89 -2.92
C LEU A 423 27.14 17.77 -1.89
N LEU A 424 26.11 16.93 -1.91
CA LEU A 424 25.88 15.96 -0.86
C LEU A 424 26.57 14.63 -1.18
N LYS A 425 26.70 13.81 -0.16
CA LYS A 425 27.30 12.48 -0.28
C LYS A 425 26.15 11.47 -0.29
N PHE A 426 25.79 10.99 -1.47
CA PHE A 426 24.68 10.05 -1.58
C PHE A 426 25.17 8.63 -1.31
N LEU A 427 24.38 7.88 -0.53
CA LEU A 427 24.74 6.53 -0.14
C LEU A 427 24.30 5.52 -1.18
N TYR A 428 24.81 4.29 -1.02
CA TYR A 428 24.50 3.21 -1.96
C TYR A 428 24.03 2.00 -1.18
N ASP A 429 22.89 1.46 -1.58
CA ASP A 429 22.39 0.18 -1.11
C ASP A 429 22.07 -0.71 -2.31
N ASP A 430 22.60 -1.94 -2.31
CA ASP A 430 22.51 -2.82 -3.47
C ASP A 430 22.94 -2.12 -4.75
N ASN A 431 24.06 -1.37 -4.67
CA ASN A 431 24.62 -0.64 -5.81
C ASN A 431 23.65 0.41 -6.36
N GLN A 432 22.50 0.56 -5.71
CA GLN A 432 21.53 1.59 -6.06
C GLN A 432 21.85 2.83 -5.22
N ARG A 433 21.85 4.00 -5.85
CA ARG A 433 22.07 5.24 -5.12
C ARG A 433 20.80 5.60 -4.37
N VAL A 434 20.95 5.97 -3.09
CA VAL A 434 19.80 6.26 -2.23
C VAL A 434 19.98 7.64 -1.58
N GLU A 435 19.44 7.82 -0.38
CA GLU A 435 19.45 9.15 0.23
C GLU A 435 20.87 9.55 0.67
N PRO A 436 21.12 10.86 0.83
CA PRO A 436 22.45 11.29 1.27
C PRO A 436 22.63 11.04 2.77
N GLU A 437 23.89 11.15 3.21
CA GLU A 437 24.13 10.98 4.64
C GLU A 437 23.43 12.05 5.45
N TRP A 438 23.30 13.25 4.87
CA TRP A 438 22.40 14.27 5.39
C TRP A 438 22.15 15.31 4.30
N TYR A 439 21.02 16.00 4.41
CA TYR A 439 20.78 17.22 3.68
C TYR A 439 21.39 18.39 4.47
N ILE A 440 21.52 19.54 3.79
CA ILE A 440 22.08 20.72 4.43
C ILE A 440 21.09 21.88 4.27
N PRO A 441 20.10 21.99 5.14
CA PRO A 441 19.07 23.04 4.98
C PRO A 441 19.64 24.43 5.25
N ILE A 442 18.86 25.45 4.88
CA ILE A 442 19.31 26.84 5.03
C ILE A 442 19.23 27.34 6.46
N ILE A 443 18.48 26.66 7.33
CA ILE A 443 18.41 26.94 8.76
C ILE A 443 18.40 25.62 9.52
N PRO A 444 18.83 25.64 10.80
CA PRO A 444 18.91 24.38 11.55
C PRO A 444 17.54 23.74 11.81
N MET A 445 17.10 22.88 10.88
CA MET A 445 15.82 22.22 11.02
C MET A 445 15.71 21.37 12.28
N VAL A 446 16.84 20.94 12.84
CA VAL A 446 16.80 20.19 14.09
C VAL A 446 16.20 20.99 15.24
N LEU A 447 16.23 22.32 15.15
CA LEU A 447 15.63 23.18 16.17
C LEU A 447 14.20 23.58 15.86
N ILE A 448 13.78 23.50 14.60
CA ILE A 448 12.47 24.00 14.22
C ILE A 448 11.37 23.05 14.68
N ASN A 449 11.51 21.76 14.39
CA ASN A 449 10.44 20.81 14.63
C ASN A 449 10.68 19.94 15.85
N GLY A 450 11.70 20.23 16.64
CA GLY A 450 11.91 19.51 17.87
C GLY A 450 12.26 18.06 17.64
N ALA A 451 13.55 17.82 17.39
CA ALA A 451 14.05 16.47 17.22
C ALA A 451 13.86 15.69 18.52
N GLU A 452 13.48 14.42 18.39
CA GLU A 452 13.14 13.59 19.53
C GLU A 452 13.38 12.12 19.17
N GLY A 453 14.08 11.40 20.05
CA GLY A 453 14.38 10.01 19.79
C GLY A 453 14.90 9.22 20.97
N ILE A 454 14.63 7.91 21.00
CA ILE A 454 15.05 7.04 22.09
C ILE A 454 15.88 5.91 21.50
N GLY A 455 17.13 5.81 21.93
CA GLY A 455 17.98 4.73 21.46
C GLY A 455 18.35 3.77 22.57
N THR A 456 19.58 3.27 22.54
CA THR A 456 20.16 2.49 23.62
C THR A 456 21.32 3.26 24.22
N GLY A 457 21.30 3.42 25.53
CA GLY A 457 22.31 4.24 26.19
C GLY A 457 21.97 5.71 26.19
N TRP A 458 21.58 6.26 25.04
CA TRP A 458 21.26 7.67 24.94
C TRP A 458 19.84 7.88 24.42
N ALA A 459 19.34 9.09 24.64
CA ALA A 459 18.09 9.54 24.06
C ALA A 459 18.24 11.03 23.73
N CYS A 460 17.39 11.49 22.84
CA CYS A 460 17.42 12.88 22.38
C CYS A 460 16.05 13.50 22.62
N LYS A 461 16.05 14.74 23.08
CA LYS A 461 14.81 15.49 23.25
C LYS A 461 15.11 16.96 23.06
N LEU A 462 14.54 17.55 22.01
CA LEU A 462 14.64 18.96 21.73
C LEU A 462 13.23 19.54 21.56
N PRO A 463 12.97 20.70 22.15
CA PRO A 463 11.70 21.39 21.92
C PRO A 463 11.74 22.11 20.58
N ASN A 464 10.62 22.73 20.22
CA ASN A 464 10.52 23.50 18.99
C ASN A 464 11.08 24.91 19.21
N TYR A 465 11.52 25.52 18.12
CA TYR A 465 12.01 26.90 18.14
C TYR A 465 11.41 27.67 16.99
N ASP A 466 11.34 29.00 17.13
CA ASP A 466 10.65 29.83 16.16
C ASP A 466 11.50 30.00 14.91
N ALA A 467 10.91 29.74 13.74
CA ALA A 467 11.67 29.82 12.50
C ALA A 467 12.20 31.23 12.26
N ARG A 468 11.35 32.24 12.45
CA ARG A 468 11.78 33.61 12.16
C ARG A 468 12.89 34.06 13.11
N GLU A 469 12.81 33.70 14.39
CA GLU A 469 13.91 34.01 15.30
CA GLU A 469 13.91 34.03 15.29
C GLU A 469 15.19 33.30 14.87
N ILE A 470 15.08 32.07 14.38
CA ILE A 470 16.25 31.35 13.90
C ILE A 470 16.87 32.09 12.71
N VAL A 471 16.03 32.56 11.79
CA VAL A 471 16.52 33.29 10.63
C VAL A 471 17.26 34.54 11.09
N ASN A 472 16.65 35.30 12.02
CA ASN A 472 17.27 36.53 12.51
CA ASN A 472 17.27 36.53 12.49
C ASN A 472 18.62 36.26 13.15
N ASN A 473 18.75 35.17 13.90
CA ASN A 473 20.05 34.84 14.49
C ASN A 473 21.06 34.44 13.42
N VAL A 474 20.61 33.77 12.34
CA VAL A 474 21.51 33.45 11.24
C VAL A 474 21.99 34.74 10.57
N ARG A 475 21.08 35.70 10.39
CA ARG A 475 21.47 36.98 9.80
C ARG A 475 22.44 37.74 10.70
N ARG A 476 22.25 37.66 12.02
CA ARG A 476 23.18 38.30 12.94
C ARG A 476 24.57 37.67 12.83
N MET A 477 24.62 36.33 12.79
CA MET A 477 25.92 35.66 12.72
C MET A 477 26.61 35.90 11.39
N LEU A 478 25.84 36.10 10.31
CA LEU A 478 26.44 36.46 9.03
C LEU A 478 27.09 37.84 9.06
N ASP A 479 26.67 38.70 9.97
CA ASP A 479 27.27 40.01 10.15
C ASP A 479 28.37 40.03 11.21
N GLY A 480 28.77 38.85 11.70
CA GLY A 480 29.79 38.73 12.72
C GLY A 480 29.33 39.06 14.13
N LEU A 481 28.03 39.17 14.36
CA LEU A 481 27.49 39.47 15.68
C LEU A 481 27.15 38.19 16.44
N ASP A 482 26.98 38.34 17.73
CA ASP A 482 26.60 37.17 18.51
C ASP A 482 25.10 36.90 18.38
N PRO A 483 24.71 35.63 18.32
CA PRO A 483 23.27 35.32 18.27
C PRO A 483 22.61 35.60 19.60
N HIS A 484 21.36 36.04 19.53
CA HIS A 484 20.56 36.21 20.74
C HIS A 484 20.19 34.85 21.35
N PRO A 485 20.03 34.78 22.67
CA PRO A 485 19.49 33.57 23.28
C PRO A 485 18.06 33.32 22.83
N MET A 486 17.70 32.04 22.75
CA MET A 486 16.39 31.62 22.24
C MET A 486 15.64 30.77 23.25
N LEU A 487 14.43 31.10 23.47
CA LEU A 487 13.54 30.26 24.23
C LEU A 487 12.72 29.36 23.30
N PRO A 488 12.25 28.22 23.79
CA PRO A 488 11.36 27.39 22.99
C PRO A 488 10.12 28.16 22.55
N ASN A 489 9.67 27.86 21.34
CA ASN A 489 8.51 28.53 20.77
C ASN A 489 7.72 27.56 19.91
N TYR A 490 6.43 27.45 20.17
CA TYR A 490 5.55 26.53 19.43
C TYR A 490 4.53 27.31 18.63
N LYS A 491 4.45 27.00 17.34
CA LYS A 491 3.53 27.72 16.46
C LYS A 491 2.09 27.59 16.97
N ASN A 492 1.39 28.71 16.98
CA ASN A 492 -0.01 28.85 17.36
C ASN A 492 -0.28 28.56 18.83
N PHE A 493 0.75 28.47 19.65
CA PHE A 493 0.59 28.27 21.08
C PHE A 493 0.34 29.62 21.74
N LYS A 494 -0.78 29.75 22.43
CA LYS A 494 -1.18 31.03 23.00
C LYS A 494 -0.65 31.24 24.42
N GLY A 495 0.03 30.26 24.99
CA GLY A 495 0.53 30.36 26.34
C GLY A 495 1.88 31.02 26.44
N THR A 496 2.57 30.76 27.54
CA THR A 496 3.86 31.35 27.84
C THR A 496 4.86 30.26 28.17
N ILE A 497 6.11 30.48 27.77
CA ILE A 497 7.21 29.60 28.08
C ILE A 497 8.28 30.46 28.76
N GLN A 498 8.52 30.20 30.03
CA GLN A 498 9.42 31.01 30.84
C GLN A 498 10.61 30.19 31.29
N GLU A 499 11.79 30.78 31.25
CA GLU A 499 13.01 30.06 31.62
C GLU A 499 13.14 30.05 33.15
N LEU A 500 13.12 28.85 33.73
CA LEU A 500 13.37 28.63 35.17
C LEU A 500 14.84 28.41 35.50
N GLY A 501 15.63 27.97 34.54
CA GLY A 501 17.01 27.65 34.80
C GLY A 501 17.65 27.11 33.54
N GLN A 502 18.86 26.60 33.71
CA GLN A 502 19.60 26.06 32.57
C GLN A 502 18.85 24.87 31.98
N ASN A 503 18.35 25.03 30.75
CA ASN A 503 17.68 23.97 30.00
C ASN A 503 16.42 23.48 30.69
N GLN A 504 15.80 24.34 31.50
CA GLN A 504 14.56 24.01 32.20
C GLN A 504 13.58 25.16 32.02
N TYR A 505 12.31 24.82 31.74
CA TYR A 505 11.33 25.82 31.36
C TYR A 505 9.97 25.49 31.96
N ALA A 506 9.20 26.53 32.22
CA ALA A 506 7.81 26.41 32.64
C ALA A 506 6.90 26.74 31.46
N VAL A 507 6.04 25.80 31.10
CA VAL A 507 5.06 25.94 30.03
C VAL A 507 3.68 26.06 30.65
N SER A 508 2.98 27.16 30.38
CA SER A 508 1.72 27.46 31.04
C SER A 508 0.62 27.74 30.03
N GLY A 509 -0.56 27.16 30.27
CA GLY A 509 -1.74 27.49 29.52
C GLY A 509 -2.32 28.81 29.99
N GLU A 510 -3.60 29.02 29.67
CA GLU A 510 -4.28 30.27 29.96
C GLU A 510 -5.59 29.99 30.70
N ILE A 511 -5.76 30.66 31.84
CA ILE A 511 -7.00 30.58 32.60
C ILE A 511 -7.24 31.94 33.25
N PHE A 512 -8.49 32.41 33.20
CA PHE A 512 -8.80 33.70 33.79
C PHE A 512 -10.21 33.66 34.39
N VAL A 513 -10.42 34.51 35.39
CA VAL A 513 -11.69 34.58 36.09
C VAL A 513 -12.67 35.43 35.30
N VAL A 514 -13.85 34.90 35.05
CA VAL A 514 -14.91 35.66 34.38
C VAL A 514 -15.77 36.36 35.44
N ASP A 515 -16.46 35.58 36.27
CA ASP A 515 -17.16 36.13 37.43
C ASP A 515 -16.81 35.30 38.66
N ARG A 516 -17.48 35.53 39.79
CA ARG A 516 -17.17 34.81 41.01
C ARG A 516 -17.76 33.41 41.06
N ASN A 517 -18.23 32.89 39.92
CA ASN A 517 -18.66 31.51 39.80
C ASN A 517 -18.12 30.84 38.55
N THR A 518 -17.24 31.51 37.80
CA THR A 518 -16.85 31.04 36.48
C THR A 518 -15.38 31.35 36.23
N VAL A 519 -14.65 30.34 35.74
CA VAL A 519 -13.34 30.56 35.12
C VAL A 519 -13.45 30.03 33.70
N GLU A 520 -12.52 30.50 32.86
CA GLU A 520 -12.46 30.10 31.46
C GLU A 520 -11.04 29.68 31.12
N ILE A 521 -10.90 28.53 30.46
CA ILE A 521 -9.62 27.98 30.04
C ILE A 521 -9.55 28.05 28.53
N THR A 522 -8.61 28.84 28.01
CA THR A 522 -8.51 29.04 26.57
C THR A 522 -7.23 28.48 25.96
N GLU A 523 -6.36 27.86 26.76
CA GLU A 523 -5.15 27.25 26.23
C GLU A 523 -4.64 26.22 27.23
N LEU A 524 -4.25 25.07 26.72
CA LEU A 524 -3.60 24.07 27.53
C LEU A 524 -2.11 24.08 27.24
N PRO A 525 -1.25 23.74 28.19
CA PRO A 525 0.19 23.73 27.91
C PRO A 525 0.52 22.76 26.78
N VAL A 526 1.66 23.02 26.13
CA VAL A 526 2.06 22.28 24.95
C VAL A 526 2.12 20.79 25.25
N ARG A 527 1.55 19.99 24.34
CA ARG A 527 1.46 18.53 24.41
C ARG A 527 0.52 18.05 25.51
N THR A 528 -0.32 18.91 26.06
CA THR A 528 -1.50 18.48 26.80
C THR A 528 -2.67 18.45 25.82
N TRP A 529 -3.17 17.25 25.52
CA TRP A 529 -4.21 17.12 24.52
C TRP A 529 -5.58 17.33 25.15
N THR A 530 -6.51 17.84 24.33
CA THR A 530 -7.77 18.34 24.87
C THR A 530 -8.57 17.23 25.55
N GLN A 531 -8.71 16.08 24.88
CA GLN A 531 -9.49 14.99 25.44
C GLN A 531 -8.81 14.41 26.68
N VAL A 532 -7.48 14.36 26.70
CA VAL A 532 -6.78 13.84 27.87
C VAL A 532 -6.97 14.78 29.06
N TYR A 533 -6.91 16.09 28.81
CA TYR A 533 -7.16 17.05 29.88
C TYR A 533 -8.58 16.93 30.40
N LYS A 534 -9.54 16.73 29.51
CA LYS A 534 -10.93 16.60 29.93
C LYS A 534 -11.10 15.40 30.85
N GLU A 535 -10.52 14.25 30.48
CA GLU A 535 -10.76 13.01 31.20
C GLU A 535 -9.94 12.92 32.48
N GLN A 536 -8.72 13.44 32.48
CA GLN A 536 -7.85 13.28 33.63
C GLN A 536 -7.85 14.46 34.59
N VAL A 537 -8.46 15.58 34.23
CA VAL A 537 -8.45 16.75 35.10
C VAL A 537 -9.86 17.23 35.40
N LEU A 538 -10.61 17.58 34.35
CA LEU A 538 -11.90 18.21 34.59
C LEU A 538 -12.93 17.21 35.10
N GLU A 539 -12.94 15.98 34.56
CA GLU A 539 -13.90 15.00 35.06
C GLU A 539 -13.64 14.63 36.52
N PRO A 540 -12.41 14.29 36.94
CA PRO A 540 -12.18 14.12 38.37
C PRO A 540 -12.48 15.36 39.20
N MET A 541 -12.29 16.57 38.66
CA MET A 541 -12.68 17.77 39.42
C MET A 541 -14.19 17.89 39.56
N LEU A 542 -14.95 17.41 38.57
CA LEU A 542 -16.39 17.51 38.61
C LEU A 542 -17.02 16.43 39.48
N ASN A 543 -16.50 15.20 39.38
CA ASN A 543 -17.10 14.07 40.08
C ASN A 543 -16.38 13.69 41.36
N GLY A 544 -15.12 14.08 41.53
CA GLY A 544 -14.34 13.54 42.62
C GLY A 544 -13.87 12.13 42.29
N THR A 545 -12.89 11.63 43.02
CA THR A 545 -12.48 10.25 42.91
C THR A 545 -12.58 9.59 44.28
N ASP A 546 -12.06 8.37 44.39
CA ASP A 546 -11.96 7.72 45.69
C ASP A 546 -10.93 8.40 46.58
N LYS A 547 -10.00 9.17 46.00
CA LYS A 547 -8.91 9.80 46.73
C LYS A 547 -8.91 11.33 46.71
N THR A 548 -9.81 11.97 45.96
CA THR A 548 -9.84 13.43 45.84
C THR A 548 -11.28 13.93 45.85
N PRO A 549 -11.51 15.15 46.34
CA PRO A 549 -12.86 15.71 46.33
C PRO A 549 -13.18 16.42 45.02
N ALA A 550 -14.46 16.69 44.83
CA ALA A 550 -14.90 17.52 43.71
C ALA A 550 -14.52 18.96 43.97
N LEU A 551 -14.16 19.67 42.91
CA LEU A 551 -13.78 21.07 43.04
C LEU A 551 -14.67 22.00 42.23
N ILE A 552 -15.25 21.52 41.13
CA ILE A 552 -16.09 22.35 40.28
C ILE A 552 -17.49 21.78 40.23
N SER A 553 -18.44 22.65 39.87
CA SER A 553 -19.82 22.20 39.81
C SER A 553 -20.28 21.87 38.41
N ASP A 554 -19.62 22.38 37.38
CA ASP A 554 -20.00 22.08 36.00
C ASP A 554 -18.91 22.60 35.07
N TYR A 555 -18.93 22.10 33.83
CA TYR A 555 -18.08 22.67 32.80
C TYR A 555 -18.70 22.36 31.45
N LYS A 556 -18.47 23.26 30.49
CA LYS A 556 -18.90 23.08 29.11
C LYS A 556 -17.73 23.32 28.18
N GLU A 557 -17.82 22.72 26.99
CA GLU A 557 -16.76 22.75 25.98
C GLU A 557 -17.21 23.53 24.76
N TYR A 558 -16.34 24.40 24.27
CA TYR A 558 -16.60 25.16 23.05
C TYR A 558 -15.37 25.12 22.15
N HIS A 559 -14.83 23.92 21.96
CA HIS A 559 -13.59 23.77 21.20
C HIS A 559 -13.85 23.84 19.70
N THR A 560 -12.79 24.17 18.97
CA THR A 560 -12.73 23.88 17.55
C THR A 560 -11.67 22.78 17.35
N ASP A 561 -11.37 22.48 16.08
CA ASP A 561 -10.35 21.48 15.82
C ASP A 561 -8.95 21.95 16.22
N THR A 562 -8.75 23.27 16.37
CA THR A 562 -7.43 23.81 16.61
C THR A 562 -7.36 24.70 17.84
N THR A 563 -8.47 24.95 18.55
CA THR A 563 -8.46 25.80 19.74
C THR A 563 -9.12 25.10 20.90
N VAL A 564 -8.91 25.66 22.09
CA VAL A 564 -9.43 25.10 23.33
C VAL A 564 -10.26 26.18 24.03
N LYS A 565 -11.46 25.80 24.49
CA LYS A 565 -12.29 26.70 25.27
C LYS A 565 -13.14 25.88 26.23
N PHE A 566 -12.75 25.85 27.49
CA PHE A 566 -13.52 25.28 28.59
C PHE A 566 -14.08 26.43 29.43
N VAL A 567 -15.38 26.38 29.71
CA VAL A 567 -16.02 27.29 30.64
C VAL A 567 -16.41 26.48 31.87
N VAL A 568 -15.89 26.85 33.03
CA VAL A 568 -16.00 26.05 34.26
C VAL A 568 -16.78 26.83 35.31
N LYS A 569 -17.70 26.15 35.98
CA LYS A 569 -18.54 26.74 37.02
C LYS A 569 -18.09 26.24 38.38
N MET A 570 -17.98 27.15 39.36
CA MET A 570 -17.59 26.81 40.72
C MET A 570 -18.40 27.63 41.70
N THR A 571 -18.41 27.19 42.96
CA THR A 571 -18.98 28.03 44.00
C THR A 571 -18.00 29.14 44.34
N GLU A 572 -18.52 30.21 44.94
CA GLU A 572 -17.67 31.33 45.32
C GLU A 572 -16.54 30.89 46.23
N GLU A 573 -16.84 30.00 47.19
CA GLU A 573 -15.82 29.55 48.13
C GLU A 573 -14.72 28.78 47.41
N LYS A 574 -15.10 27.75 46.62
CA LYS A 574 -14.10 26.93 45.94
C LYS A 574 -13.23 27.77 45.02
N LEU A 575 -13.81 28.73 44.31
CA LEU A 575 -13.01 29.57 43.43
C LEU A 575 -12.00 30.40 44.21
N ALA A 576 -12.40 30.90 45.38
CA ALA A 576 -11.47 31.69 46.19
C ALA A 576 -10.29 30.84 46.65
N GLN A 577 -10.56 29.58 47.02
CA GLN A 577 -9.47 28.71 47.44
C GLN A 577 -8.56 28.36 46.27
N ALA A 578 -9.14 28.20 45.07
CA ALA A 578 -8.33 27.93 43.89
C ALA A 578 -7.41 29.09 43.56
N GLU A 579 -7.90 30.33 43.66
CA GLU A 579 -7.04 31.49 43.41
C GLU A 579 -5.95 31.63 44.46
N ALA A 580 -6.25 31.28 45.71
CA ALA A 580 -5.23 31.35 46.76
C ALA A 580 -4.09 30.39 46.47
N ALA A 581 -4.41 29.19 45.98
CA ALA A 581 -3.38 28.20 45.64
C ALA A 581 -2.76 28.42 44.27
N GLY A 582 -3.38 29.22 43.41
CA GLY A 582 -2.90 29.45 42.06
C GLY A 582 -3.73 28.70 41.05
N LEU A 583 -4.40 29.45 40.17
CA LEU A 583 -5.32 28.83 39.21
C LEU A 583 -4.59 27.88 38.27
N HIS A 584 -3.44 28.29 37.73
CA HIS A 584 -2.71 27.40 36.84
C HIS A 584 -2.24 26.16 37.56
N LYS A 585 -1.88 26.27 38.84
CA LYS A 585 -1.46 25.10 39.59
C LYS A 585 -2.63 24.16 39.83
N VAL A 586 -3.75 24.70 40.33
CA VAL A 586 -4.90 23.88 40.69
C VAL A 586 -5.47 23.17 39.47
N PHE A 587 -5.55 23.87 38.34
CA PHE A 587 -6.13 23.31 37.13
C PHE A 587 -5.11 22.60 36.24
N LYS A 588 -3.89 22.35 36.74
CA LYS A 588 -2.88 21.57 36.03
C LYS A 588 -2.59 22.19 34.67
N LEU A 589 -2.40 23.51 34.66
CA LEU A 589 -2.15 24.23 33.42
C LEU A 589 -0.71 24.68 33.28
N GLN A 590 0.19 24.15 34.10
CA GLN A 590 1.61 24.45 34.01
C GLN A 590 2.37 23.14 34.08
N THR A 591 3.26 22.92 33.11
CA THR A 591 4.11 21.74 33.07
C THR A 591 5.55 22.18 32.90
N THR A 592 6.47 21.36 33.38
CA THR A 592 7.90 21.65 33.28
C THR A 592 8.48 20.98 32.05
N LEU A 593 9.41 21.68 31.41
CA LEU A 593 10.09 21.19 30.21
C LEU A 593 11.59 21.24 30.49
N THR A 594 12.22 20.08 30.57
CA THR A 594 13.63 19.95 30.89
C THR A 594 14.36 19.32 29.71
N CYS A 595 15.45 19.96 29.27
CA CYS A 595 16.13 19.59 28.05
C CYS A 595 17.61 19.37 28.33
N ASN A 596 17.92 18.35 29.14
CA ASN A 596 19.29 18.02 29.50
C ASN A 596 19.78 16.78 28.77
N SER A 597 19.17 16.45 27.63
CA SER A 597 19.62 15.31 26.86
C SER A 597 19.52 15.66 25.38
N MET A 598 20.21 16.73 25.00
CA MET A 598 20.27 17.15 23.60
C MET A 598 21.44 16.43 22.92
N VAL A 599 21.17 15.16 22.59
CA VAL A 599 22.14 14.26 21.97
C VAL A 599 21.85 14.17 20.48
N LEU A 600 22.86 14.40 19.65
CA LEU A 600 22.71 14.36 18.21
C LEU A 600 23.96 13.75 17.58
N PHE A 601 23.84 13.34 16.32
CA PHE A 601 25.01 13.01 15.52
C PHE A 601 25.53 14.27 14.85
N ASP A 602 26.81 14.57 15.03
CA ASP A 602 27.39 15.74 14.38
C ASP A 602 27.64 15.43 12.91
N HIS A 603 28.22 16.40 12.19
CA HIS A 603 28.36 16.25 10.74
C HIS A 603 29.30 15.13 10.34
N MET A 604 30.21 14.71 11.23
CA MET A 604 31.11 13.60 10.96
C MET A 604 30.48 12.25 11.26
N GLY A 605 29.25 12.23 11.77
CA GLY A 605 28.63 11.01 12.22
C GLY A 605 28.96 10.60 13.63
N CYS A 606 29.58 11.48 14.42
CA CYS A 606 29.91 11.17 15.80
C CYS A 606 28.77 11.60 16.72
N LEU A 607 28.42 10.74 17.68
CA LEU A 607 27.42 11.09 18.67
C LEU A 607 27.98 12.11 19.64
N LYS A 608 27.23 13.18 19.90
CA LYS A 608 27.69 14.26 20.76
CA LYS A 608 27.69 14.26 20.76
C LYS A 608 26.53 14.78 21.60
N LYS A 609 26.82 15.19 22.83
CA LYS A 609 25.82 15.80 23.70
C LYS A 609 26.06 17.30 23.71
N TYR A 610 25.02 18.06 23.42
CA TYR A 610 25.12 19.52 23.33
C TYR A 610 24.46 20.14 24.56
N GLU A 611 25.16 21.06 25.20
CA GLU A 611 24.68 21.62 26.44
C GLU A 611 23.69 22.76 26.22
N THR A 612 23.83 23.50 25.13
CA THR A 612 22.93 24.60 24.82
C THR A 612 22.50 24.55 23.37
N VAL A 613 21.38 25.22 23.08
CA VAL A 613 20.93 25.34 21.70
CA VAL A 613 20.95 25.30 21.69
C VAL A 613 21.87 26.22 20.90
N GLN A 614 22.48 27.21 21.56
CA GLN A 614 23.46 28.06 20.89
CA GLN A 614 23.46 28.06 20.88
C GLN A 614 24.61 27.25 20.31
N ASP A 615 25.07 26.24 21.07
CA ASP A 615 26.12 25.37 20.55
C ASP A 615 25.67 24.63 19.30
N ILE A 616 24.40 24.19 19.28
CA ILE A 616 23.86 23.54 18.09
C ILE A 616 23.81 24.50 16.93
N LEU A 617 23.33 25.72 17.18
CA LEU A 617 23.23 26.73 16.13
C LEU A 617 24.60 27.08 15.57
N LYS A 618 25.60 27.20 16.45
CA LYS A 618 26.93 27.59 15.99
C LYS A 618 27.56 26.51 15.13
N GLU A 619 27.50 25.26 15.60
CA GLU A 619 28.07 24.18 14.81
C GLU A 619 27.36 24.05 13.47
N PHE A 620 26.04 24.26 13.46
CA PHE A 620 25.32 24.25 12.19
C PHE A 620 25.74 25.42 11.30
N PHE A 621 25.96 26.60 11.90
CA PHE A 621 26.24 27.79 11.09
C PHE A 621 27.52 27.66 10.28
N ASP A 622 28.60 27.17 10.92
CA ASP A 622 29.88 27.07 10.23
C ASP A 622 29.81 26.08 9.08
N LEU A 623 29.10 24.97 9.27
CA LEU A 623 29.02 23.97 8.21
C LEU A 623 28.20 24.51 7.04
N ARG A 624 27.06 25.14 7.32
CA ARG A 624 26.22 25.64 6.25
C ARG A 624 26.89 26.76 5.47
N LEU A 625 27.60 27.67 6.17
CA LEU A 625 28.32 28.72 5.47
C LEU A 625 29.38 28.13 4.55
N SER A 626 30.10 27.12 5.05
CA SER A 626 31.11 26.46 4.22
C SER A 626 30.48 25.86 2.98
N TYR A 627 29.30 25.24 3.11
CA TYR A 627 28.63 24.65 1.96
C TYR A 627 28.06 25.70 1.00
N TYR A 628 27.75 26.91 1.48
CA TYR A 628 27.47 28.00 0.55
C TYR A 628 28.72 28.37 -0.24
N GLY A 629 29.91 28.16 0.33
CA GLY A 629 31.12 28.30 -0.44
C GLY A 629 31.25 27.23 -1.51
N LEU A 630 30.98 25.98 -1.14
CA LEU A 630 31.04 24.89 -2.11
C LEU A 630 30.01 25.08 -3.22
N ARG A 631 28.84 25.61 -2.87
CA ARG A 631 27.82 25.84 -3.88
C ARG A 631 28.25 26.90 -4.89
N LYS A 632 28.94 27.95 -4.42
CA LYS A 632 29.39 28.96 -5.36
C LYS A 632 30.47 28.40 -6.29
N GLU A 633 31.43 27.65 -5.74
CA GLU A 633 32.43 27.01 -6.60
C GLU A 633 31.76 26.10 -7.62
N TRP A 634 30.71 25.37 -7.20
CA TRP A 634 30.02 24.48 -8.13
C TRP A 634 29.29 25.26 -9.22
N LEU A 635 28.62 26.35 -8.84
CA LEU A 635 27.87 27.15 -9.80
C LEU A 635 28.80 27.87 -10.78
N VAL A 636 29.97 28.31 -10.32
CA VAL A 636 30.91 28.95 -11.24
C VAL A 636 31.39 27.95 -12.28
N GLY A 637 31.68 26.71 -11.86
CA GLY A 637 32.10 25.71 -12.82
C GLY A 637 30.97 25.28 -13.75
N MET A 638 29.79 25.05 -13.19
CA MET A 638 28.69 24.57 -14.02
C MET A 638 28.20 25.65 -14.97
N LEU A 639 27.95 26.86 -14.45
CA LEU A 639 27.56 27.98 -15.32
C LEU A 639 28.64 28.32 -16.34
N GLY A 640 29.92 28.16 -15.98
CA GLY A 640 30.98 28.39 -16.94
C GLY A 640 30.95 27.40 -18.08
N ALA A 641 30.78 26.11 -17.75
CA ALA A 641 30.66 25.10 -18.78
C ALA A 641 29.44 25.36 -19.67
N GLU A 642 28.32 25.77 -19.07
CA GLU A 642 27.15 26.05 -19.90
C GLU A 642 27.40 27.24 -20.82
N SER A 643 28.12 28.25 -20.31
CA SER A 643 28.50 29.39 -21.15
C SER A 643 29.38 28.94 -22.30
N THR A 644 30.39 28.11 -22.02
CA THR A 644 31.24 27.59 -23.09
C THR A 644 30.42 26.77 -24.09
N LYS A 645 29.45 26.00 -23.59
CA LYS A 645 28.61 25.19 -24.49
C LYS A 645 27.84 26.08 -25.46
N LEU A 646 27.15 27.09 -24.95
CA LEU A 646 26.39 27.98 -25.81
C LEU A 646 27.31 28.72 -26.78
N ASN A 647 28.53 29.06 -26.35
CA ASN A 647 29.45 29.73 -27.25
C ASN A 647 29.75 28.87 -28.48
N ASN A 648 30.02 27.58 -28.27
CA ASN A 648 30.32 26.69 -29.39
C ASN A 648 29.10 26.48 -30.29
N GLN A 649 27.92 26.26 -29.69
CA GLN A 649 26.71 26.06 -30.48
C GLN A 649 26.40 27.30 -31.31
N ALA A 650 26.48 28.49 -30.69
CA ALA A 650 26.25 29.71 -31.44
C ALA A 650 27.29 29.90 -32.53
N ARG A 651 28.55 29.58 -32.24
CA ARG A 651 29.58 29.70 -33.26
C ARG A 651 29.31 28.77 -34.44
N PHE A 652 28.88 27.53 -34.16
CA PHE A 652 28.62 26.59 -35.23
C PHE A 652 27.45 27.02 -36.10
N ILE A 653 26.40 27.57 -35.49
CA ILE A 653 25.25 28.02 -36.27
C ILE A 653 25.61 29.22 -37.13
N LEU A 654 26.34 30.17 -36.56
CA LEU A 654 26.73 31.35 -37.32
C LEU A 654 27.64 30.98 -38.48
N GLU A 655 28.62 30.09 -38.23
CA GLU A 655 29.48 29.64 -39.30
C GLU A 655 28.72 28.81 -40.34
N LYS A 656 27.57 28.24 -39.97
CA LYS A 656 26.81 27.42 -40.91
C LYS A 656 25.92 28.27 -41.81
N ILE A 657 25.24 29.27 -41.25
CA ILE A 657 24.36 30.13 -42.03
C ILE A 657 25.12 31.13 -42.88
N GLN A 658 26.45 31.09 -42.85
CA GLN A 658 27.27 31.97 -43.66
C GLN A 658 28.08 31.23 -44.70
N GLY A 659 28.04 29.91 -44.70
CA GLY A 659 28.80 29.12 -45.65
C GLY A 659 30.20 28.76 -45.21
N LYS A 660 30.64 29.20 -44.04
CA LYS A 660 31.99 28.90 -43.58
C LYS A 660 32.16 27.43 -43.22
N ILE A 661 31.07 26.74 -42.91
CA ILE A 661 31.10 25.31 -42.58
C ILE A 661 29.92 24.63 -43.28
N THR A 662 30.15 23.43 -43.79
CA THR A 662 29.08 22.60 -44.35
C THR A 662 29.19 21.19 -43.78
N ILE A 663 28.05 20.58 -43.54
CA ILE A 663 28.00 19.21 -43.03
C ILE A 663 27.29 18.26 -43.98
N GLU A 664 26.69 18.78 -45.06
CA GLU A 664 25.84 17.96 -45.93
C GLU A 664 26.61 16.81 -46.54
N ASN A 665 26.08 15.60 -46.37
CA ASN A 665 26.61 14.37 -46.95
C ASN A 665 28.05 14.07 -46.55
N ARG A 666 28.54 14.66 -45.46
CA ARG A 666 29.86 14.33 -44.95
C ARG A 666 29.77 13.16 -43.99
N SER A 667 30.79 12.30 -44.01
CA SER A 667 30.80 11.16 -43.11
C SER A 667 31.00 11.61 -41.67
N LYS A 668 30.70 10.70 -40.74
CA LYS A 668 30.83 11.04 -39.33
C LYS A 668 32.29 11.25 -38.95
N LYS A 669 33.19 10.39 -39.44
CA LYS A 669 34.61 10.56 -39.14
C LYS A 669 35.13 11.89 -39.66
N ASP A 670 34.82 12.22 -40.91
CA ASP A 670 35.32 13.47 -41.48
C ASP A 670 34.71 14.67 -40.77
N LEU A 671 33.45 14.56 -40.37
CA LEU A 671 32.80 15.68 -39.70
C LEU A 671 33.38 15.90 -38.30
N ILE A 672 33.69 14.82 -37.58
CA ILE A 672 34.29 15.00 -36.25
C ILE A 672 35.70 15.57 -36.36
N GLN A 673 36.54 14.97 -37.21
CA GLN A 673 37.91 15.47 -37.37
C GLN A 673 37.94 16.89 -37.90
N MET A 674 36.89 17.32 -38.60
CA MET A 674 36.86 18.70 -39.06
C MET A 674 36.53 19.64 -37.93
N LEU A 675 35.55 19.28 -37.10
CA LEU A 675 35.18 20.14 -35.97
C LEU A 675 36.34 20.27 -35.00
N VAL A 676 37.13 19.21 -34.82
CA VAL A 676 38.32 19.32 -33.99
C VAL A 676 39.31 20.27 -34.62
N GLN A 677 39.52 20.15 -35.94
CA GLN A 677 40.50 20.97 -36.63
C GLN A 677 40.14 22.45 -36.63
N ARG A 678 38.87 22.80 -36.41
CA ARG A 678 38.43 24.19 -36.37
CA ARG A 678 38.46 24.19 -36.37
C ARG A 678 38.27 24.70 -34.94
N GLY A 679 38.81 23.99 -33.96
CA GLY A 679 38.81 24.51 -32.59
C GLY A 679 37.51 24.40 -31.83
N TYR A 680 36.61 23.50 -32.22
CA TYR A 680 35.39 23.26 -31.46
C TYR A 680 35.69 22.35 -30.27
N GLU A 681 35.08 22.67 -29.13
CA GLU A 681 35.36 21.95 -27.89
C GLU A 681 34.40 20.78 -27.70
N SER A 682 34.95 19.65 -27.27
CA SER A 682 34.12 18.55 -26.82
C SER A 682 33.20 19.04 -25.70
N ASP A 683 32.01 18.42 -25.60
CA ASP A 683 30.91 18.80 -24.71
C ASP A 683 31.46 19.35 -23.39
N PRO A 684 31.44 20.67 -23.20
CA PRO A 684 32.04 21.24 -21.98
C PRO A 684 31.30 20.89 -20.71
N VAL A 685 29.97 20.73 -20.77
CA VAL A 685 29.22 20.36 -19.58
C VAL A 685 29.50 18.91 -19.19
N LYS A 686 29.52 18.00 -20.15
CA LYS A 686 29.86 16.63 -19.82
C LYS A 686 31.29 16.54 -19.31
N ALA A 687 32.23 17.26 -19.95
CA ALA A 687 33.60 17.26 -19.46
C ALA A 687 33.68 17.75 -18.02
N TRP A 688 32.96 18.83 -17.71
CA TRP A 688 33.02 19.39 -16.37
C TRP A 688 32.42 18.44 -15.34
N LYS A 689 31.29 17.80 -15.66
CA LYS A 689 30.70 16.85 -14.73
C LYS A 689 31.60 15.63 -14.54
N GLU A 690 32.23 15.16 -15.63
CA GLU A 690 33.15 14.04 -15.51
C GLU A 690 34.43 14.43 -14.78
N ALA A 691 34.82 15.71 -14.87
CA ALA A 691 35.98 16.17 -14.10
C ALA A 691 35.72 16.10 -12.61
N GLN A 692 34.46 16.28 -12.19
CA GLN A 692 34.08 16.16 -10.78
C GLN A 692 33.97 14.71 -10.34
N GLU A 693 34.85 13.84 -10.81
CA GLU A 693 34.89 12.44 -10.40
C GLU A 693 36.32 11.91 -10.39
N GLY A 717 36.85 9.84 -27.15
CA GLY A 717 36.86 10.75 -28.28
C GLY A 717 35.99 11.98 -28.03
N PRO A 718 36.15 13.00 -28.88
CA PRO A 718 35.37 14.22 -28.71
C PRO A 718 33.87 13.97 -28.86
N ASP A 719 33.08 14.70 -28.10
CA ASP A 719 31.62 14.59 -28.09
C ASP A 719 31.04 15.90 -28.63
N PHE A 720 30.60 15.88 -29.88
CA PHE A 720 29.98 17.05 -30.48
C PHE A 720 28.47 16.89 -30.66
N ASN A 721 27.88 15.92 -29.95
CA ASN A 721 26.43 15.69 -30.05
C ASN A 721 25.64 16.92 -29.63
N TYR A 722 26.16 17.70 -28.68
CA TYR A 722 25.42 18.89 -28.24
C TYR A 722 25.27 19.89 -29.38
N ILE A 723 26.11 19.79 -30.40
CA ILE A 723 25.98 20.66 -31.57
C ILE A 723 25.08 20.03 -32.62
N LEU A 724 25.34 18.78 -32.97
CA LEU A 724 24.68 18.16 -34.11
C LEU A 724 23.33 17.54 -33.77
N ASN A 725 22.95 17.48 -32.49
CA ASN A 725 21.59 17.11 -32.11
C ASN A 725 20.63 18.29 -32.12
N MET A 726 21.12 19.49 -32.38
CA MET A 726 20.21 20.61 -32.53
C MET A 726 19.32 20.37 -33.76
N SER A 727 18.09 20.85 -33.69
CA SER A 727 17.17 20.66 -34.79
C SER A 727 17.57 21.52 -35.98
N LEU A 728 16.99 21.21 -37.15
CA LEU A 728 17.15 22.07 -38.31
C LEU A 728 16.50 23.43 -38.11
N TRP A 729 15.53 23.53 -37.19
CA TRP A 729 14.98 24.83 -36.83
C TRP A 729 16.06 25.79 -36.38
N SER A 730 17.17 25.25 -35.83
CA SER A 730 18.23 26.09 -35.29
C SER A 730 18.82 27.03 -36.34
N LEU A 731 18.74 26.66 -37.62
CA LEU A 731 19.32 27.49 -38.68
C LEU A 731 18.40 28.60 -39.14
N THR A 732 17.15 28.64 -38.66
CA THR A 732 16.22 29.67 -39.11
C THR A 732 16.46 30.97 -38.35
N LYS A 733 15.91 32.05 -38.91
CA LYS A 733 16.26 33.41 -38.47
C LYS A 733 15.95 33.62 -37.00
N GLU A 734 14.71 33.35 -36.59
CA GLU A 734 14.33 33.63 -35.20
C GLU A 734 15.10 32.76 -34.22
N LYS A 735 15.45 31.54 -34.60
CA LYS A 735 16.19 30.66 -33.71
C LYS A 735 17.66 31.08 -33.60
N VAL A 736 18.22 31.69 -34.64
CA VAL A 736 19.58 32.22 -34.54
C VAL A 736 19.61 33.38 -33.56
N GLU A 737 18.65 34.30 -33.67
CA GLU A 737 18.56 35.42 -32.74
C GLU A 737 18.31 34.94 -31.32
N GLU A 738 17.43 33.95 -31.17
CA GLU A 738 17.15 33.39 -29.84
C GLU A 738 18.39 32.74 -29.24
N LEU A 739 19.14 31.98 -30.05
CA LEU A 739 20.32 31.31 -29.55
C LEU A 739 21.39 32.30 -29.10
N ILE A 740 21.56 33.39 -29.85
CA ILE A 740 22.57 34.39 -29.49
C ILE A 740 22.17 35.11 -28.20
N LYS A 741 20.88 35.37 -28.00
CA LYS A 741 20.49 36.02 -26.76
C LYS A 741 20.65 35.07 -25.57
N GLN A 742 20.41 33.77 -25.76
CA GLN A 742 20.62 32.85 -24.65
C GLN A 742 22.08 32.75 -24.27
N ARG A 743 22.96 32.74 -25.28
CA ARG A 743 24.39 32.73 -25.02
C ARG A 743 24.84 33.96 -24.25
N ASP A 744 24.37 35.14 -24.69
CA ASP A 744 24.76 36.37 -24.01
C ASP A 744 24.16 36.45 -22.62
N ALA A 745 22.96 35.89 -22.43
CA ALA A 745 22.33 35.93 -21.11
C ALA A 745 23.06 35.01 -20.13
N LYS A 746 23.56 33.87 -20.60
CA LYS A 746 24.30 32.98 -19.72
C LYS A 746 25.63 33.59 -19.32
N GLY A 747 26.29 34.28 -20.25
CA GLY A 747 27.52 34.97 -19.91
C GLY A 747 27.29 35.99 -18.80
N ARG A 748 26.22 36.76 -18.88
CA ARG A 748 25.88 37.68 -17.81
C ARG A 748 25.53 36.93 -16.54
N GLU A 749 24.94 35.73 -16.66
CA GLU A 749 24.58 34.93 -15.49
C GLU A 749 25.83 34.47 -14.73
N VAL A 750 26.89 34.11 -15.46
CA VAL A 750 28.15 33.75 -14.82
C VAL A 750 28.67 34.92 -13.98
N ASN A 751 28.74 36.11 -14.60
CA ASN A 751 29.29 37.27 -13.90
C ASN A 751 28.41 37.68 -12.73
N ASP A 752 27.09 37.64 -12.90
CA ASP A 752 26.22 37.99 -11.78
C ASP A 752 26.44 37.03 -10.61
N LEU A 753 26.78 35.77 -10.89
CA LEU A 753 27.00 34.81 -9.82
C LEU A 753 28.38 35.01 -9.20
N LYS A 754 29.38 35.35 -10.02
CA LYS A 754 30.72 35.57 -9.48
C LYS A 754 30.74 36.79 -8.56
N ARG A 755 29.87 37.77 -8.80
CA ARG A 755 29.81 38.95 -7.95
C ARG A 755 29.11 38.70 -6.62
N LYS A 756 28.52 37.53 -6.39
CA LYS A 756 27.81 37.28 -5.13
C LYS A 756 28.70 36.48 -4.19
N SER A 757 28.65 36.83 -2.92
CA SER A 757 29.39 36.07 -1.93
C SER A 757 28.54 34.91 -1.41
N PRO A 758 29.18 33.90 -0.81
CA PRO A 758 28.38 32.86 -0.14
C PRO A 758 27.36 33.44 0.84
N SER A 759 27.73 34.51 1.53
CA SER A 759 26.77 35.18 2.41
C SER A 759 25.60 35.75 1.62
N ASP A 760 25.87 36.37 0.46
CA ASP A 760 24.81 36.91 -0.39
C ASP A 760 23.85 35.82 -0.80
N LEU A 761 24.39 34.68 -1.25
CA LEU A 761 23.52 33.58 -1.67
C LEU A 761 22.67 33.10 -0.51
N TRP A 762 23.26 33.02 0.69
CA TRP A 762 22.49 32.60 1.86
C TRP A 762 21.38 33.60 2.16
N LYS A 763 21.67 34.90 2.06
CA LYS A 763 20.64 35.90 2.33
C LYS A 763 19.51 35.83 1.32
N GLU A 764 19.84 35.56 0.04
CA GLU A 764 18.79 35.36 -0.96
C GLU A 764 17.89 34.19 -0.59
N ASP A 765 18.47 33.08 -0.15
CA ASP A 765 17.67 31.93 0.22
C ASP A 765 16.80 32.24 1.43
N LEU A 766 17.35 32.96 2.42
CA LEU A 766 16.59 33.28 3.62
C LEU A 766 15.42 34.20 3.31
N ALA A 767 15.65 35.22 2.47
CA ALA A 767 14.58 36.14 2.12
C ALA A 767 13.48 35.44 1.36
N ALA A 768 13.85 34.57 0.43
CA ALA A 768 12.87 33.80 -0.33
C ALA A 768 12.06 32.88 0.57
N PHE A 769 12.72 32.30 1.59
CA PHE A 769 12.01 31.42 2.51
C PHE A 769 11.01 32.20 3.37
N VAL A 770 11.44 33.36 3.91
CA VAL A 770 10.56 34.12 4.80
C VAL A 770 9.34 34.62 4.04
N GLU A 771 9.51 34.99 2.78
CA GLU A 771 8.38 35.47 1.99
C GLU A 771 7.30 34.41 1.85
N GLU A 772 7.71 33.17 1.53
CA GLU A 772 6.73 32.10 1.38
C GLU A 772 6.19 31.64 2.72
N LEU A 773 7.02 31.68 3.76
CA LEU A 773 6.55 31.34 5.10
C LEU A 773 5.43 32.28 5.55
N ASP A 774 5.56 33.57 5.26
CA ASP A 774 4.49 34.51 5.60
C ASP A 774 3.22 34.21 4.82
N LYS A 775 3.35 33.91 3.53
CA LYS A 775 2.18 33.66 2.72
C LYS A 775 1.48 32.37 3.15
N VAL A 776 2.25 31.31 3.42
CA VAL A 776 1.67 30.04 3.82
C VAL A 776 0.99 30.14 5.18
N GLU A 777 1.63 30.79 6.14
CA GLU A 777 1.05 30.88 7.49
C GLU A 777 -0.15 31.81 7.53
N SER A 778 -0.19 32.81 6.64
CA SER A 778 -1.37 33.66 6.56
C SER A 778 -2.53 32.94 5.88
N GLN A 779 -2.24 32.18 4.82
CA GLN A 779 -3.27 31.35 4.19
CA GLN A 779 -3.27 31.36 4.20
C GLN A 779 -3.79 30.30 5.17
N GLU A 780 -2.94 29.75 6.03
CA GLU A 780 -3.40 28.77 7.00
C GLU A 780 -4.43 29.38 7.95
N ARG A 781 -4.21 30.63 8.38
CA ARG A 781 -5.15 31.28 9.27
C ARG A 781 -6.45 31.64 8.55
N GLU A 782 -6.40 31.87 7.24
CA GLU A 782 -7.62 32.07 6.46
C GLU A 782 -8.41 30.77 6.36
N ASP A 783 -7.76 29.68 5.95
CA ASP A 783 -8.40 28.38 5.73
C ASP A 783 -8.91 27.79 7.06
N SER B 31 -32.12 0.29 32.46
CA SER B 31 -31.69 -0.47 31.28
C SER B 31 -30.51 0.16 30.51
N LYS B 32 -29.39 -0.55 30.44
CA LYS B 32 -28.23 -0.08 29.71
C LYS B 32 -27.49 -1.25 29.07
N ILE B 33 -26.63 -0.93 28.11
CA ILE B 33 -25.81 -1.91 27.40
C ILE B 33 -24.35 -1.64 27.73
N LYS B 34 -23.62 -2.68 28.13
CA LYS B 34 -22.25 -2.51 28.60
C LYS B 34 -21.24 -3.45 27.97
N GLY B 35 -21.67 -4.47 27.23
CA GLY B 35 -20.73 -5.40 26.64
C GLY B 35 -20.48 -5.20 25.16
N ILE B 36 -20.79 -4.02 24.64
CA ILE B 36 -20.61 -3.70 23.24
C ILE B 36 -19.65 -2.51 23.13
N PRO B 37 -18.36 -2.78 22.89
CA PRO B 37 -17.37 -1.69 22.91
C PRO B 37 -17.67 -0.57 21.92
N LYS B 38 -18.08 -0.90 20.69
CA LYS B 38 -18.20 0.10 19.64
C LYS B 38 -19.53 0.86 19.64
N LEU B 39 -20.36 0.70 20.67
CA LEU B 39 -21.63 1.40 20.73
C LEU B 39 -21.46 2.71 21.49
N ASP B 40 -21.99 3.79 20.93
CA ASP B 40 -22.13 5.07 21.63
C ASP B 40 -23.62 5.25 21.94
N ASP B 41 -24.06 4.72 23.08
CA ASP B 41 -25.46 4.72 23.45
C ASP B 41 -25.94 6.15 23.71
N ALA B 42 -27.19 6.42 23.34
CA ALA B 42 -27.79 7.71 23.63
C ALA B 42 -28.00 7.85 25.14
N ASN B 43 -27.85 9.08 25.64
CA ASN B 43 -27.97 9.32 27.07
C ASN B 43 -29.35 8.92 27.59
N ASP B 44 -30.42 9.27 26.87
CA ASP B 44 -31.78 8.97 27.31
C ASP B 44 -32.30 7.63 26.83
N ALA B 45 -31.47 6.83 26.15
CA ALA B 45 -31.94 5.52 25.71
C ALA B 45 -32.09 4.60 26.92
N GLY B 46 -33.24 3.92 27.01
CA GLY B 46 -33.52 3.01 28.09
C GLY B 46 -34.38 3.60 29.19
N GLY B 47 -34.55 4.91 29.22
CA GLY B 47 -35.32 5.60 30.23
C GLY B 47 -36.73 5.88 29.77
N LYS B 48 -37.28 7.02 30.21
CA LYS B 48 -38.65 7.33 29.86
C LYS B 48 -38.76 7.95 28.48
N HIS B 49 -37.67 8.51 27.97
CA HIS B 49 -37.62 9.14 26.65
C HIS B 49 -37.09 8.20 25.59
N SER B 50 -37.18 6.88 25.81
CA SER B 50 -36.60 5.92 24.89
C SER B 50 -37.19 6.06 23.49
N LEU B 51 -38.52 6.14 23.39
CA LEU B 51 -39.18 6.20 22.10
C LEU B 51 -38.85 7.47 21.33
N GLU B 52 -38.27 8.48 21.98
CA GLU B 52 -37.81 9.68 21.30
C GLU B 52 -36.34 9.62 20.92
N CYS B 53 -35.67 8.51 21.21
CA CYS B 53 -34.27 8.31 20.86
C CYS B 53 -34.14 7.58 19.53
N THR B 54 -33.10 7.93 18.79
CA THR B 54 -32.83 7.36 17.47
C THR B 54 -31.47 6.67 17.50
N LEU B 55 -31.43 5.44 17.00
CA LEU B 55 -30.20 4.69 16.84
C LEU B 55 -29.72 4.84 15.40
N ILE B 56 -28.55 5.44 15.21
CA ILE B 56 -27.96 5.59 13.89
C ILE B 56 -27.06 4.39 13.62
N LEU B 57 -27.44 3.58 12.63
CA LEU B 57 -26.60 2.48 12.16
C LEU B 57 -25.79 2.96 10.97
N THR B 58 -24.46 2.95 11.10
CA THR B 58 -23.57 3.48 10.07
C THR B 58 -22.90 2.36 9.28
N GLU B 59 -22.40 2.73 8.10
CA GLU B 59 -21.63 1.82 7.24
C GLU B 59 -20.15 1.94 7.61
N GLY B 60 -19.76 1.19 8.64
CA GLY B 60 -18.37 1.16 9.05
C GLY B 60 -18.06 2.15 10.15
N ASP B 61 -16.84 2.00 10.70
CA ASP B 61 -16.42 2.83 11.82
C ASP B 61 -16.15 4.26 11.39
N SER B 62 -15.60 4.46 10.19
CA SER B 62 -15.34 5.82 9.73
C SER B 62 -16.63 6.62 9.63
N ALA B 63 -17.70 5.98 9.16
CA ALA B 63 -18.99 6.67 9.14
C ALA B 63 -19.50 6.91 10.55
N LYS B 64 -19.19 6.02 11.50
CA LYS B 64 -19.58 6.27 12.89
C LYS B 64 -18.88 7.50 13.44
N SER B 65 -17.57 7.59 13.27
CA SER B 65 -16.83 8.73 13.79
C SER B 65 -17.34 10.03 13.18
N LEU B 66 -17.70 10.00 11.90
CA LEU B 66 -18.28 11.19 11.29
CA LEU B 66 -18.29 11.18 11.26
C LEU B 66 -19.64 11.51 11.88
N ALA B 67 -20.40 10.50 12.31
CA ALA B 67 -21.71 10.77 12.90
C ALA B 67 -21.58 11.33 14.31
N VAL B 68 -20.69 10.77 15.13
CA VAL B 68 -20.49 11.33 16.47
C VAL B 68 -19.90 12.73 16.38
N SER B 69 -19.10 13.00 15.34
CA SER B 69 -18.57 14.34 15.15
C SER B 69 -19.69 15.31 14.80
N GLY B 70 -20.64 14.88 13.96
CA GLY B 70 -21.69 15.78 13.53
C GLY B 70 -22.74 16.06 14.59
N LEU B 71 -22.91 15.14 15.54
CA LEU B 71 -23.93 15.27 16.58
C LEU B 71 -23.62 16.36 17.60
N GLY B 72 -22.46 17.00 17.52
CA GLY B 72 -22.14 18.10 18.41
C GLY B 72 -22.04 17.66 19.87
N VAL B 73 -22.87 18.24 20.73
CA VAL B 73 -22.96 17.81 22.12
C VAL B 73 -24.42 17.50 22.44
N ILE B 74 -25.33 18.24 21.82
CA ILE B 74 -26.75 18.04 22.08
C ILE B 74 -27.21 16.68 21.55
N GLY B 75 -26.57 16.20 20.47
CA GLY B 75 -27.00 14.96 19.86
C GLY B 75 -26.80 13.73 20.73
N ARG B 76 -25.98 13.83 21.78
CA ARG B 76 -25.70 12.65 22.59
C ARG B 76 -26.91 12.22 23.41
N ASP B 77 -27.90 13.10 23.61
CA ASP B 77 -29.00 12.75 24.48
C ASP B 77 -30.04 11.88 23.78
N ARG B 78 -30.30 12.11 22.51
CA ARG B 78 -31.36 11.39 21.83
C ARG B 78 -30.88 10.69 20.56
N TYR B 79 -29.57 10.57 20.37
CA TYR B 79 -29.01 9.87 19.23
C TYR B 79 -27.90 8.96 19.71
N GLY B 80 -28.03 7.67 19.39
CA GLY B 80 -26.97 6.70 19.57
C GLY B 80 -26.40 6.31 18.22
N VAL B 81 -25.14 5.88 18.22
CA VAL B 81 -24.44 5.51 17.00
C VAL B 81 -23.83 4.13 17.20
N PHE B 82 -23.97 3.26 16.19
CA PHE B 82 -23.41 1.91 16.18
C PHE B 82 -22.98 1.56 14.75
N PRO B 83 -21.77 1.05 14.56
CA PRO B 83 -21.30 0.77 13.20
C PRO B 83 -21.55 -0.66 12.75
N LEU B 84 -21.96 -0.79 11.50
CA LEU B 84 -22.07 -2.08 10.83
C LEU B 84 -20.81 -2.31 10.00
N ARG B 85 -20.23 -3.49 10.13
CA ARG B 85 -19.01 -3.83 9.39
C ARG B 85 -19.36 -4.45 8.05
N GLY B 86 -20.02 -3.66 7.19
CA GLY B 86 -20.32 -4.11 5.85
C GLY B 86 -21.67 -4.80 5.71
N LYS B 87 -21.77 -5.75 4.78
CA LYS B 87 -23.03 -6.44 4.55
C LYS B 87 -23.40 -7.31 5.74
N ILE B 88 -24.68 -7.31 6.08
CA ILE B 88 -25.19 -8.05 7.21
C ILE B 88 -25.98 -9.26 6.71
N LEU B 89 -26.32 -10.13 7.66
CA LEU B 89 -26.97 -11.38 7.33
C LEU B 89 -28.36 -11.15 6.72
N ASN B 90 -28.65 -11.88 5.65
CA ASN B 90 -30.01 -11.97 5.10
C ASN B 90 -30.76 -12.99 5.95
N VAL B 91 -31.49 -12.49 6.96
CA VAL B 91 -32.10 -13.40 7.93
C VAL B 91 -33.29 -14.15 7.37
N ARG B 92 -33.82 -13.70 6.25
CA ARG B 92 -34.92 -14.41 5.61
C ARG B 92 -34.40 -15.76 5.14
N GLU B 93 -35.04 -16.83 5.58
CA GLU B 93 -34.70 -18.21 5.22
C GLU B 93 -33.27 -18.62 5.65
N ALA B 94 -32.58 -17.82 6.46
CA ALA B 94 -31.30 -18.26 7.02
C ALA B 94 -31.53 -19.30 8.11
N SER B 95 -30.53 -20.13 8.34
CA SER B 95 -30.65 -21.18 9.35
C SER B 95 -30.78 -20.58 10.75
N HIS B 96 -31.33 -21.38 11.66
CA HIS B 96 -31.47 -20.90 13.03
C HIS B 96 -30.11 -20.71 13.69
N LYS B 97 -29.16 -21.61 13.42
CA LYS B 97 -27.83 -21.49 14.03
C LYS B 97 -27.13 -20.22 13.57
N GLN B 98 -27.17 -19.92 12.27
CA GLN B 98 -26.49 -18.74 11.76
C GLN B 98 -27.09 -17.46 12.30
N ILE B 99 -28.40 -17.41 12.50
CA ILE B 99 -29.04 -16.24 13.08
C ILE B 99 -28.66 -16.08 14.55
N MET B 100 -28.67 -17.18 15.31
CA MET B 100 -28.37 -17.09 16.73
C MET B 100 -26.93 -16.69 17.01
N GLU B 101 -26.00 -17.08 16.15
CA GLU B 101 -24.58 -16.85 16.39
C GLU B 101 -24.05 -15.63 15.62
N ASN B 102 -24.91 -14.78 15.08
CA ASN B 102 -24.49 -13.61 14.32
C ASN B 102 -24.31 -12.40 15.24
N ALA B 103 -23.06 -11.92 15.34
CA ALA B 103 -22.75 -10.87 16.30
C ALA B 103 -23.44 -9.55 15.95
N GLU B 104 -23.56 -9.24 14.66
CA GLU B 104 -24.13 -7.95 14.28
C GLU B 104 -25.63 -7.93 14.58
N ILE B 105 -26.34 -8.98 14.19
CA ILE B 105 -27.78 -9.07 14.44
C ILE B 105 -28.05 -9.01 15.95
N ASN B 106 -27.31 -9.81 16.73
CA ASN B 106 -27.55 -9.85 18.17
C ASN B 106 -27.23 -8.52 18.84
N ASN B 107 -26.18 -7.83 18.36
CA ASN B 107 -25.88 -6.51 18.90
C ASN B 107 -27.01 -5.54 18.65
N ILE B 108 -27.59 -5.55 17.44
CA ILE B 108 -28.70 -4.66 17.14
C ILE B 108 -29.88 -4.95 18.05
N ILE B 109 -30.17 -6.24 18.27
CA ILE B 109 -31.29 -6.62 19.11
C ILE B 109 -31.08 -6.17 20.54
N LYS B 110 -29.86 -6.34 21.06
CA LYS B 110 -29.58 -5.96 22.43
C LYS B 110 -29.66 -4.44 22.60
N ILE B 111 -29.20 -3.67 21.61
CA ILE B 111 -29.15 -2.22 21.74
C ILE B 111 -30.55 -1.62 21.70
N VAL B 112 -31.38 -2.10 20.77
CA VAL B 112 -32.75 -1.59 20.64
C VAL B 112 -33.66 -2.18 21.72
N GLY B 113 -33.40 -3.40 22.16
CA GLY B 113 -34.27 -4.06 23.11
C GLY B 113 -35.35 -4.91 22.49
N LEU B 114 -35.18 -5.33 21.24
CA LEU B 114 -36.17 -6.11 20.53
C LEU B 114 -36.26 -7.54 21.09
N GLN B 115 -37.37 -8.20 20.81
CA GLN B 115 -37.57 -9.58 21.21
C GLN B 115 -38.16 -10.35 20.04
N TYR B 116 -37.62 -11.52 19.76
CA TYR B 116 -38.19 -12.36 18.74
C TYR B 116 -39.60 -12.78 19.12
N LYS B 117 -40.45 -12.92 18.11
CA LYS B 117 -41.84 -13.38 18.22
C LYS B 117 -42.75 -12.39 18.93
N LYS B 118 -42.30 -11.16 19.17
CA LYS B 118 -43.10 -10.16 19.87
C LYS B 118 -43.70 -9.18 18.87
N SER B 119 -44.99 -8.91 19.02
CA SER B 119 -45.68 -7.95 18.18
C SER B 119 -45.64 -6.56 18.82
N TYR B 120 -45.54 -5.54 17.98
CA TYR B 120 -45.46 -4.14 18.42
C TYR B 120 -46.59 -3.35 17.79
N ASP B 121 -47.84 -3.67 18.16
CA ASP B 121 -49.01 -2.98 17.61
C ASP B 121 -49.36 -1.76 18.46
N ASP B 122 -49.83 -2.00 19.68
CA ASP B 122 -50.26 -0.93 20.56
C ASP B 122 -49.05 -0.22 21.15
N ALA B 123 -49.32 0.77 22.02
CA ALA B 123 -48.25 1.47 22.71
C ALA B 123 -47.78 0.74 23.95
N GLU B 124 -48.57 -0.21 24.45
CA GLU B 124 -48.14 -1.02 25.58
C GLU B 124 -46.95 -1.91 25.22
N SER B 125 -46.92 -2.41 23.98
CA SER B 125 -45.82 -3.26 23.56
C SER B 125 -44.54 -2.47 23.29
N LEU B 126 -44.68 -1.20 22.94
CA LEU B 126 -43.55 -0.34 22.60
C LEU B 126 -42.76 0.11 23.82
N LYS B 127 -43.20 -0.26 25.03
CA LYS B 127 -42.54 0.20 26.24
C LYS B 127 -41.30 -0.64 26.59
N THR B 128 -41.02 -1.70 25.84
CA THR B 128 -39.82 -2.48 26.07
C THR B 128 -38.65 -2.09 25.18
N LEU B 129 -38.80 -1.07 24.32
CA LEU B 129 -37.73 -0.66 23.43
C LEU B 129 -36.92 0.49 24.02
N ARG B 130 -35.61 0.44 23.83
CA ARG B 130 -34.71 1.48 24.30
C ARG B 130 -34.55 2.62 23.30
N TYR B 131 -34.91 2.39 22.03
CA TYR B 131 -34.91 3.40 20.99
C TYR B 131 -36.23 3.29 20.23
N GLY B 132 -36.77 4.43 19.80
CA GLY B 132 -38.00 4.44 19.04
C GLY B 132 -37.84 4.46 17.54
N LYS B 133 -36.64 4.71 17.04
CA LYS B 133 -36.37 4.82 15.62
C LYS B 133 -34.97 4.30 15.31
N ILE B 134 -34.80 3.70 14.14
CA ILE B 134 -33.49 3.37 13.60
C ILE B 134 -33.26 4.22 12.34
N MET B 135 -32.12 4.90 12.30
CA MET B 135 -31.75 5.76 11.17
C MET B 135 -30.50 5.19 10.51
N ILE B 136 -30.65 4.69 9.27
CA ILE B 136 -29.54 4.11 8.53
C ILE B 136 -28.73 5.22 7.87
N MET B 137 -27.41 5.16 8.04
CA MET B 137 -26.50 6.13 7.42
C MET B 137 -25.43 5.36 6.66
N THR B 138 -25.57 5.25 5.34
CA THR B 138 -24.60 4.60 4.49
C THR B 138 -24.11 5.56 3.42
N ASP B 139 -23.10 5.12 2.67
CA ASP B 139 -22.71 5.84 1.47
C ASP B 139 -23.87 5.88 0.49
N GLN B 140 -23.94 6.96 -0.28
CA GLN B 140 -24.97 7.14 -1.29
CA GLN B 140 -25.01 7.07 -1.27
C GLN B 140 -24.59 6.44 -2.60
N ASP B 141 -24.10 5.23 -2.51
CA ASP B 141 -23.74 4.40 -3.65
C ASP B 141 -24.57 3.11 -3.60
N GLN B 142 -24.33 2.23 -4.57
CA GLN B 142 -25.16 1.03 -4.70
C GLN B 142 -24.99 0.10 -3.50
N ASP B 143 -23.76 -0.11 -3.03
CA ASP B 143 -23.59 -1.03 -1.92
C ASP B 143 -24.24 -0.47 -0.66
N GLY B 144 -24.25 0.85 -0.49
CA GLY B 144 -24.99 1.44 0.61
C GLY B 144 -26.49 1.14 0.51
N SER B 145 -27.03 1.16 -0.70
CA SER B 145 -28.44 0.82 -0.87
C SER B 145 -28.70 -0.62 -0.48
N HIS B 146 -27.75 -1.51 -0.77
CA HIS B 146 -27.91 -2.92 -0.43
C HIS B 146 -27.93 -3.10 1.09
N ILE B 147 -27.12 -2.31 1.80
CA ILE B 147 -27.12 -2.40 3.26
C ILE B 147 -28.44 -1.90 3.83
N LYS B 148 -28.97 -0.80 3.29
CA LYS B 148 -30.30 -0.34 3.69
C LYS B 148 -31.33 -1.45 3.52
N GLY B 149 -31.34 -2.08 2.34
CA GLY B 149 -32.32 -3.12 2.08
C GLY B 149 -32.17 -4.31 3.00
N LEU B 150 -30.92 -4.71 3.30
CA LEU B 150 -30.71 -5.84 4.20
C LEU B 150 -31.21 -5.53 5.60
N LEU B 151 -31.05 -4.28 6.05
CA LEU B 151 -31.63 -3.88 7.32
C LEU B 151 -33.15 -3.86 7.27
N ILE B 152 -33.72 -3.30 6.19
CA ILE B 152 -35.17 -3.32 5.99
C ILE B 152 -35.67 -4.76 6.00
N ASN B 153 -34.96 -5.66 5.33
CA ASN B 153 -35.36 -7.07 5.30
C ASN B 153 -35.33 -7.67 6.69
N PHE B 154 -34.39 -7.25 7.54
CA PHE B 154 -34.26 -7.81 8.88
C PHE B 154 -35.43 -7.38 9.77
N ILE B 155 -35.80 -6.11 9.71
CA ILE B 155 -36.93 -5.63 10.49
C ILE B 155 -38.23 -6.17 9.93
N HIS B 156 -38.34 -6.25 8.60
CA HIS B 156 -39.58 -6.70 7.97
C HIS B 156 -39.85 -8.17 8.23
N HIS B 157 -38.80 -8.98 8.35
CA HIS B 157 -39.00 -10.41 8.50
C HIS B 157 -39.39 -10.79 9.93
N ASN B 158 -38.93 -10.05 10.93
CA ASN B 158 -39.16 -10.40 12.32
C ASN B 158 -40.21 -9.53 13.01
N TRP B 159 -40.35 -8.26 12.62
CA TRP B 159 -41.26 -7.33 13.28
C TRP B 159 -41.93 -6.44 12.25
N PRO B 160 -42.77 -7.03 11.39
CA PRO B 160 -43.47 -6.20 10.39
C PRO B 160 -44.37 -5.14 11.01
N SER B 161 -44.82 -5.33 12.24
CA SER B 161 -45.63 -4.33 12.92
C SER B 161 -44.84 -3.05 13.16
N LEU B 162 -43.52 -3.15 13.31
CA LEU B 162 -42.71 -1.96 13.54
C LEU B 162 -42.64 -1.06 12.30
N LEU B 163 -42.69 -1.65 11.11
CA LEU B 163 -42.64 -0.83 9.89
C LEU B 163 -43.90 0.02 9.73
N LYS B 164 -45.04 -0.46 10.25
CA LYS B 164 -46.27 0.30 10.19
C LYS B 164 -46.30 1.44 11.20
N HIS B 165 -45.32 1.53 12.10
CA HIS B 165 -45.21 2.65 13.03
C HIS B 165 -44.23 3.71 12.55
N GLY B 166 -43.48 3.46 11.48
CA GLY B 166 -42.45 4.39 11.07
C GLY B 166 -41.19 4.20 11.87
N PHE B 167 -40.69 2.97 11.90
CA PHE B 167 -39.53 2.65 12.73
C PHE B 167 -38.21 2.93 12.03
N LEU B 168 -38.17 2.85 10.71
CA LEU B 168 -36.95 2.98 9.93
C LEU B 168 -36.90 4.31 9.21
N GLU B 169 -35.73 4.92 9.17
CA GLU B 169 -35.49 6.13 8.41
C GLU B 169 -34.04 6.12 7.95
N GLU B 170 -33.68 7.10 7.12
CA GLU B 170 -32.32 7.16 6.59
C GLU B 170 -31.81 8.59 6.59
N PHE B 171 -30.49 8.72 6.63
CA PHE B 171 -29.78 10.00 6.60
C PHE B 171 -28.96 10.09 5.32
N ILE B 172 -29.33 11.02 4.46
CA ILE B 172 -28.77 11.15 3.12
C ILE B 172 -27.60 12.13 3.15
N THR B 173 -26.58 11.85 2.35
CA THR B 173 -25.40 12.69 2.16
C THR B 173 -25.19 12.88 0.67
N PRO B 174 -24.35 13.85 0.27
CA PRO B 174 -24.15 14.01 -1.17
C PRO B 174 -22.90 13.32 -1.74
N ALA B 219 -15.23 16.50 8.39
CA ALA B 219 -15.70 16.54 9.77
C ALA B 219 -16.52 17.80 10.02
N LYS B 220 -16.07 18.93 9.48
CA LYS B 220 -16.88 20.14 9.58
C LYS B 220 -18.16 19.99 8.77
N GLU B 221 -18.06 19.31 7.62
CA GLU B 221 -19.24 19.04 6.80
C GLU B 221 -20.24 18.18 7.55
N ALA B 222 -19.75 17.32 8.45
CA ALA B 222 -20.64 16.47 9.23
C ALA B 222 -21.52 17.33 10.14
N LYS B 223 -20.90 18.27 10.86
CA LYS B 223 -21.66 19.14 11.76
C LYS B 223 -22.62 20.03 10.99
N GLU B 224 -22.31 20.32 9.73
CA GLU B 224 -23.23 21.07 8.89
C GLU B 224 -24.37 20.21 8.39
N TYR B 225 -24.13 18.92 8.13
CA TYR B 225 -25.23 18.03 7.76
C TYR B 225 -26.22 17.86 8.90
N PHE B 226 -25.71 17.70 10.13
CA PHE B 226 -26.59 17.45 11.26
C PHE B 226 -27.29 18.71 11.75
N ALA B 227 -26.65 19.88 11.58
CA ALA B 227 -27.35 21.13 11.89
C ALA B 227 -28.56 21.31 10.98
N ASP B 228 -28.45 20.88 9.73
CA ASP B 228 -29.56 20.86 8.78
C ASP B 228 -30.12 19.44 8.68
N MET B 229 -30.48 18.88 9.83
CA MET B 229 -30.83 17.47 9.90
C MET B 229 -32.02 17.13 9.01
N GLU B 230 -33.09 17.90 9.10
CA GLU B 230 -34.33 17.49 8.45
C GLU B 230 -34.26 17.56 6.93
N ARG B 231 -33.29 18.28 6.38
CA ARG B 231 -33.11 18.26 4.93
C ARG B 231 -32.51 16.94 4.46
N HIS B 232 -31.77 16.27 5.34
CA HIS B 232 -31.10 15.01 5.02
C HIS B 232 -31.85 13.78 5.53
N ARG B 233 -32.97 13.96 6.23
CA ARG B 233 -33.65 12.86 6.88
C ARG B 233 -34.87 12.45 6.07
N ILE B 234 -34.90 11.20 5.62
CA ILE B 234 -36.00 10.62 4.85
C ILE B 234 -36.53 9.42 5.63
N LEU B 235 -37.85 9.31 5.71
CA LEU B 235 -38.49 8.23 6.45
C LEU B 235 -39.12 7.23 5.49
N PHE B 236 -38.99 5.96 5.84
CA PHE B 236 -39.62 4.91 5.05
C PHE B 236 -41.07 4.76 5.47
N ARG B 237 -41.91 4.43 4.49
CA ARG B 237 -43.35 4.42 4.68
C ARG B 237 -43.90 3.10 4.17
N TYR B 238 -44.72 2.45 4.99
CA TYR B 238 -45.42 1.25 4.58
C TYR B 238 -46.80 1.63 4.05
N ALA B 239 -47.09 1.26 2.80
CA ALA B 239 -48.33 1.69 2.17
C ALA B 239 -49.22 0.55 1.73
N GLY B 240 -48.83 -0.70 1.94
CA GLY B 240 -49.68 -1.81 1.55
C GLY B 240 -48.91 -3.05 1.15
N PRO B 241 -49.61 -4.06 0.64
CA PRO B 241 -48.94 -5.34 0.33
C PRO B 241 -47.93 -5.23 -0.78
N GLU B 242 -47.94 -4.15 -1.57
CA GLU B 242 -46.91 -3.95 -2.59
C GLU B 242 -45.53 -3.81 -1.96
N ASP B 243 -45.45 -3.27 -0.73
CA ASP B 243 -44.16 -3.16 -0.06
C ASP B 243 -43.67 -4.50 0.45
N ASP B 244 -44.58 -5.34 0.96
CA ASP B 244 -44.16 -6.67 1.38
C ASP B 244 -43.67 -7.47 0.19
N ALA B 245 -44.39 -7.37 -0.93
CA ALA B 245 -44.02 -8.11 -2.14
C ALA B 245 -42.70 -7.62 -2.70
N ALA B 246 -42.44 -6.31 -2.61
CA ALA B 246 -41.19 -5.76 -3.11
C ALA B 246 -40.00 -6.24 -2.29
N ILE B 247 -40.13 -6.23 -0.96
CA ILE B 247 -39.04 -6.71 -0.11
C ILE B 247 -38.81 -8.19 -0.31
N THR B 248 -39.88 -8.98 -0.38
CA THR B 248 -39.73 -10.39 -0.64
C THR B 248 -39.08 -10.64 -2.01
N LEU B 249 -39.45 -9.83 -3.00
CA LEU B 249 -38.86 -9.96 -4.33
C LEU B 249 -37.35 -9.84 -4.27
N ALA B 250 -36.85 -8.97 -3.41
CA ALA B 250 -35.43 -8.66 -3.37
C ALA B 250 -34.63 -9.65 -2.52
N PHE B 251 -35.23 -10.26 -1.48
CA PHE B 251 -34.43 -10.95 -0.48
C PHE B 251 -34.86 -12.37 -0.18
N SER B 252 -35.79 -12.96 -0.95
CA SER B 252 -36.26 -14.32 -0.73
C SER B 252 -35.59 -15.29 -1.68
N LYS B 253 -35.09 -16.42 -1.15
CA LYS B 253 -34.48 -17.44 -2.01
C LYS B 253 -35.49 -18.09 -2.94
N LYS B 254 -36.78 -18.00 -2.62
CA LYS B 254 -37.80 -18.56 -3.50
C LYS B 254 -38.16 -17.64 -4.66
N LYS B 255 -37.47 -16.50 -4.80
CA LYS B 255 -37.84 -15.50 -5.80
C LYS B 255 -36.70 -15.19 -6.76
N ILE B 256 -35.82 -16.16 -7.02
CA ILE B 256 -34.73 -15.93 -7.95
C ILE B 256 -35.26 -15.67 -9.35
N ASP B 257 -36.22 -16.49 -9.81
CA ASP B 257 -36.77 -16.30 -11.15
C ASP B 257 -37.46 -14.96 -11.27
N ASP B 258 -38.18 -14.54 -10.23
CA ASP B 258 -38.80 -13.22 -10.27
C ASP B 258 -37.75 -12.12 -10.36
N ARG B 259 -36.60 -12.31 -9.71
CA ARG B 259 -35.52 -11.33 -9.83
C ARG B 259 -34.96 -11.30 -11.26
N LYS B 260 -34.90 -12.45 -11.94
CA LYS B 260 -34.49 -12.44 -13.34
C LYS B 260 -35.43 -11.60 -14.18
N GLU B 261 -36.74 -11.83 -14.04
CA GLU B 261 -37.72 -11.02 -14.76
C GLU B 261 -37.64 -9.56 -14.34
N TRP B 262 -37.49 -9.33 -13.04
CA TRP B 262 -37.37 -7.98 -12.51
C TRP B 262 -36.21 -7.23 -13.16
N LEU B 263 -35.07 -7.89 -13.30
CA LEU B 263 -33.91 -7.24 -13.88
C LEU B 263 -33.94 -7.21 -15.39
N THR B 264 -34.58 -8.19 -16.03
CA THR B 264 -34.69 -8.17 -17.50
C THR B 264 -35.50 -6.95 -17.95
N ASN B 265 -36.61 -6.66 -17.27
CA ASN B 265 -37.41 -5.48 -17.61
C ASN B 265 -36.62 -4.20 -17.38
N PHE B 266 -35.81 -4.17 -16.32
CA PHE B 266 -35.03 -2.97 -16.03
C PHE B 266 -33.98 -2.72 -17.11
N MET B 267 -33.26 -3.76 -17.52
CA MET B 267 -32.25 -3.60 -18.55
C MET B 267 -32.88 -3.22 -19.88
N GLU B 268 -34.05 -3.81 -20.18
CA GLU B 268 -34.74 -3.48 -21.40
C GLU B 268 -35.28 -2.05 -21.37
N ASP B 269 -35.88 -1.66 -20.25
CA ASP B 269 -36.40 -0.30 -20.16
C ASP B 269 -35.29 0.74 -20.23
N ARG B 270 -34.10 0.42 -19.67
CA ARG B 270 -33.00 1.37 -19.71
C ARG B 270 -32.49 1.58 -21.13
N ARG B 271 -32.55 0.54 -21.97
CA ARG B 271 -32.13 0.70 -23.36
C ARG B 271 -33.08 1.61 -24.13
N GLN B 272 -34.38 1.51 -23.83
CA GLN B 272 -35.38 2.32 -24.53
C GLN B 272 -35.18 3.80 -24.28
N ARG B 273 -34.89 4.18 -23.04
CA ARG B 273 -34.71 5.59 -22.74
C ARG B 273 -33.35 6.11 -23.19
N ARG B 274 -32.46 5.25 -23.68
CA ARG B 274 -31.18 5.72 -24.22
C ARG B 274 -31.17 5.79 -25.73
N LEU B 275 -32.23 5.34 -26.40
CA LEU B 275 -32.48 5.75 -27.77
C LEU B 275 -33.20 7.10 -27.84
N HIS B 276 -33.78 7.55 -26.73
CA HIS B 276 -34.46 8.84 -26.68
C HIS B 276 -33.64 9.72 -25.75
N GLY B 277 -34.09 9.96 -24.51
CA GLY B 277 -33.34 10.77 -23.56
C GLY B 277 -33.70 10.45 -22.12
N THR B 288 -39.81 16.02 -1.45
CA THR B 288 -40.39 14.85 -0.78
C THR B 288 -39.52 14.42 0.40
N LYS B 289 -40.09 13.58 1.27
CA LYS B 289 -39.43 13.24 2.53
C LYS B 289 -39.81 11.84 3.00
N HIS B 290 -40.93 11.34 2.50
CA HIS B 290 -41.36 9.97 2.72
C HIS B 290 -41.09 9.14 1.48
N LEU B 291 -40.78 7.85 1.71
CA LEU B 291 -40.39 6.95 0.64
C LEU B 291 -40.94 5.57 0.98
N THR B 292 -41.76 5.01 0.10
CA THR B 292 -42.30 3.69 0.34
C THR B 292 -41.25 2.61 0.06
N TYR B 293 -41.41 1.48 0.74
CA TYR B 293 -40.48 0.38 0.53
C TYR B 293 -40.53 -0.10 -0.91
N ASN B 294 -41.71 -0.10 -1.52
CA ASN B 294 -41.84 -0.53 -2.91
C ASN B 294 -41.05 0.38 -3.86
N ASP B 295 -41.04 1.69 -3.61
CA ASP B 295 -40.25 2.58 -4.45
C ASP B 295 -38.76 2.45 -4.14
N PHE B 296 -38.40 2.15 -2.89
CA PHE B 296 -36.98 1.94 -2.58
C PHE B 296 -36.46 0.70 -3.28
N ILE B 297 -37.24 -0.38 -3.28
CA ILE B 297 -36.81 -1.61 -3.92
C ILE B 297 -36.69 -1.43 -5.42
N ASN B 298 -37.75 -0.90 -6.04
CA ASN B 298 -37.87 -0.87 -7.49
C ASN B 298 -37.18 0.31 -8.15
N LYS B 299 -36.69 1.28 -7.38
CA LYS B 299 -36.03 2.43 -7.97
C LYS B 299 -34.67 2.73 -7.38
N GLU B 300 -34.31 2.18 -6.22
CA GLU B 300 -32.98 2.39 -5.66
C GLU B 300 -32.19 1.09 -5.51
N LEU B 301 -32.77 0.08 -4.86
CA LEU B 301 -32.07 -1.18 -4.69
C LEU B 301 -31.78 -1.86 -6.02
N ILE B 302 -32.68 -1.71 -7.00
CA ILE B 302 -32.48 -2.37 -8.27
C ILE B 302 -31.22 -1.86 -8.95
N LEU B 303 -30.79 -0.64 -8.64
CA LEU B 303 -29.52 -0.16 -9.17
C LEU B 303 -28.35 -0.94 -8.61
N PHE B 304 -28.44 -1.41 -7.36
CA PHE B 304 -27.39 -2.27 -6.85
C PHE B 304 -27.42 -3.63 -7.54
N SER B 305 -28.61 -4.22 -7.67
CA SER B 305 -28.70 -5.54 -8.28
C SER B 305 -28.14 -5.53 -9.68
N ASN B 306 -28.40 -4.46 -10.44
CA ASN B 306 -27.89 -4.41 -11.80
C ASN B 306 -26.38 -4.24 -11.81
N SER B 307 -25.86 -3.25 -11.06
CA SER B 307 -24.42 -3.05 -11.02
C SER B 307 -23.70 -4.23 -10.37
N ASP B 308 -24.39 -4.98 -9.49
CA ASP B 308 -23.82 -6.23 -8.99
C ASP B 308 -23.55 -7.22 -10.12
N ASN B 309 -24.45 -7.28 -11.11
CA ASN B 309 -24.20 -8.15 -12.25
C ASN B 309 -23.10 -7.58 -13.15
N GLU B 310 -23.08 -6.25 -13.32
CA GLU B 310 -22.07 -5.65 -14.19
C GLU B 310 -20.67 -5.86 -13.66
N ARG B 311 -20.50 -6.02 -12.34
CA ARG B 311 -19.17 -6.23 -11.81
C ARG B 311 -18.87 -7.69 -11.52
N SER B 312 -19.87 -8.58 -11.60
CA SER B 312 -19.68 -9.97 -11.20
C SER B 312 -19.81 -10.97 -12.34
N ILE B 313 -20.49 -10.62 -13.43
CA ILE B 313 -20.68 -11.51 -14.58
C ILE B 313 -19.68 -11.10 -15.65
N PRO B 314 -18.82 -12.00 -16.11
CA PRO B 314 -17.75 -11.59 -17.04
C PRO B 314 -18.28 -11.30 -18.45
N SER B 315 -17.43 -10.62 -19.23
CA SER B 315 -17.69 -10.40 -20.64
C SER B 315 -17.26 -11.61 -21.47
N LEU B 316 -18.06 -11.94 -22.49
CA LEU B 316 -17.67 -13.01 -23.39
C LEU B 316 -16.41 -12.68 -24.17
N VAL B 317 -16.20 -11.40 -24.49
CA VAL B 317 -15.15 -11.02 -25.43
C VAL B 317 -13.76 -11.33 -24.86
N ASP B 318 -13.48 -10.87 -23.63
CA ASP B 318 -12.17 -11.06 -23.03
C ASP B 318 -12.19 -11.90 -21.77
N GLY B 319 -13.35 -12.34 -21.31
CA GLY B 319 -13.39 -13.11 -20.09
C GLY B 319 -13.15 -12.34 -18.82
N PHE B 320 -13.07 -11.00 -18.89
CA PHE B 320 -12.80 -10.17 -17.73
C PHE B 320 -14.08 -9.60 -17.13
N LYS B 321 -14.01 -9.27 -15.87
CA LYS B 321 -14.94 -8.34 -15.26
C LYS B 321 -14.27 -6.97 -15.18
N PRO B 322 -15.04 -5.89 -15.01
CA PRO B 322 -14.41 -4.55 -15.04
C PRO B 322 -13.24 -4.38 -14.08
N GLY B 323 -13.32 -4.91 -12.86
CA GLY B 323 -12.20 -4.80 -11.95
C GLY B 323 -10.95 -5.50 -12.46
N GLN B 324 -11.11 -6.74 -12.93
CA GLN B 324 -9.98 -7.43 -13.55
C GLN B 324 -9.44 -6.65 -14.73
N ARG B 325 -10.33 -6.06 -15.53
CA ARG B 325 -9.92 -5.33 -16.72
C ARG B 325 -9.16 -4.06 -16.36
N LYS B 326 -9.54 -3.38 -15.27
CA LYS B 326 -8.79 -2.21 -14.83
C LYS B 326 -7.38 -2.58 -14.41
N VAL B 327 -7.20 -3.76 -13.82
CA VAL B 327 -5.87 -4.22 -13.42
C VAL B 327 -4.98 -4.42 -14.64
N LEU B 328 -5.48 -5.16 -15.63
CA LEU B 328 -4.66 -5.44 -16.81
C LEU B 328 -4.41 -4.16 -17.62
N PHE B 329 -5.41 -3.29 -17.71
CA PHE B 329 -5.23 -1.98 -18.33
C PHE B 329 -4.12 -1.21 -17.61
N THR B 330 -4.11 -1.25 -16.28
CA THR B 330 -3.06 -0.55 -15.55
C THR B 330 -1.70 -1.18 -15.80
N CYS B 331 -1.61 -2.51 -15.77
CA CYS B 331 -0.34 -3.19 -16.03
C CYS B 331 0.17 -2.89 -17.44
N PHE B 332 -0.74 -2.81 -18.40
CA PHE B 332 -0.30 -2.50 -19.76
C PHE B 332 0.27 -1.09 -19.84
N LYS B 333 -0.38 -0.14 -19.17
CA LYS B 333 0.09 1.24 -19.25
C LYS B 333 1.40 1.44 -18.50
N ARG B 334 1.56 0.74 -17.37
CA ARG B 334 2.81 0.84 -16.61
C ARG B 334 3.96 0.14 -17.33
N ASN B 335 3.70 -1.03 -17.90
CA ASN B 335 4.69 -1.82 -18.62
C ASN B 335 5.93 -2.06 -17.75
N ASP B 336 5.70 -2.64 -16.57
CA ASP B 336 6.77 -2.89 -15.64
C ASP B 336 7.73 -3.94 -16.17
N LYS B 337 9.02 -3.66 -16.09
CA LYS B 337 10.05 -4.62 -16.45
C LYS B 337 10.58 -5.38 -15.26
N ARG B 338 10.27 -4.92 -14.04
CA ARG B 338 10.67 -5.60 -12.81
C ARG B 338 9.46 -5.81 -11.93
N GLU B 339 9.62 -6.70 -10.94
CA GLU B 339 8.51 -7.05 -10.05
C GLU B 339 8.02 -5.83 -9.26
N VAL B 340 6.72 -5.83 -8.99
CA VAL B 340 6.05 -4.78 -8.23
C VAL B 340 5.22 -5.43 -7.13
N LYS B 341 5.27 -4.85 -5.94
CA LYS B 341 4.45 -5.35 -4.83
C LYS B 341 2.97 -5.22 -5.15
N VAL B 342 2.21 -6.26 -4.79
CA VAL B 342 0.78 -6.29 -5.09
C VAL B 342 0.06 -5.09 -4.49
N ALA B 343 0.40 -4.76 -3.24
CA ALA B 343 -0.24 -3.60 -2.60
C ALA B 343 0.11 -2.30 -3.34
N GLN B 344 1.36 -2.17 -3.78
CA GLN B 344 1.70 -1.00 -4.58
C GLN B 344 0.91 -0.98 -5.89
N LEU B 345 0.85 -2.12 -6.59
CA LEU B 345 0.12 -2.15 -7.86
C LEU B 345 -1.36 -1.81 -7.65
N ALA B 346 -1.95 -2.36 -6.58
CA ALA B 346 -3.35 -2.04 -6.29
C ALA B 346 -3.58 -0.54 -6.20
N GLY B 347 -2.68 0.17 -5.50
CA GLY B 347 -2.80 1.62 -5.42
C GLY B 347 -2.61 2.29 -6.77
N SER B 348 -1.73 1.74 -7.61
CA SER B 348 -1.57 2.27 -8.95
C SER B 348 -2.84 2.06 -9.78
N VAL B 349 -3.52 0.93 -9.58
CA VAL B 349 -4.74 0.65 -10.34
C VAL B 349 -5.84 1.62 -9.94
N ALA B 350 -6.02 1.85 -8.63
CA ALA B 350 -7.07 2.76 -8.18
C ALA B 350 -6.89 4.15 -8.76
N GLU B 351 -5.64 4.57 -8.94
CA GLU B 351 -5.37 5.92 -9.43
C GLU B 351 -5.49 5.98 -10.96
N MET B 352 -4.86 5.04 -11.66
CA MET B 352 -4.81 5.14 -13.12
C MET B 352 -6.10 4.68 -13.80
N SER B 353 -6.91 3.86 -13.13
CA SER B 353 -8.10 3.33 -13.78
C SER B 353 -9.41 3.76 -13.12
N ALA B 354 -9.35 4.65 -12.14
CA ALA B 354 -10.53 5.14 -11.44
C ALA B 354 -11.33 4.00 -10.83
N TYR B 355 -10.64 3.19 -10.03
CA TYR B 355 -11.27 2.12 -9.28
C TYR B 355 -11.81 2.72 -7.98
N HIS B 356 -13.12 2.62 -7.78
CA HIS B 356 -13.82 3.34 -6.72
C HIS B 356 -14.20 2.46 -5.54
N HIS B 357 -13.50 1.36 -5.31
CA HIS B 357 -13.83 0.45 -4.22
C HIS B 357 -12.62 0.25 -3.31
N GLY B 358 -12.82 -0.54 -2.27
CA GLY B 358 -11.77 -0.78 -1.30
C GLY B 358 -10.56 -1.46 -1.93
N GLU B 359 -9.40 -1.20 -1.34
CA GLU B 359 -8.16 -1.77 -1.85
C GLU B 359 -8.12 -3.28 -1.65
N GLN B 360 -8.83 -3.77 -0.64
CA GLN B 360 -8.79 -5.19 -0.32
C GLN B 360 -9.37 -6.03 -1.46
N ALA B 361 -10.52 -5.63 -1.99
CA ALA B 361 -11.09 -6.34 -3.13
C ALA B 361 -10.13 -6.35 -4.31
N LEU B 362 -9.47 -5.22 -4.55
CA LEU B 362 -8.56 -5.12 -5.67
C LEU B 362 -7.34 -6.01 -5.49
N MET B 363 -6.80 -6.07 -4.27
CA MET B 363 -5.69 -6.97 -4.01
C MET B 363 -6.12 -8.44 -4.10
N MET B 364 -7.38 -8.73 -3.76
CA MET B 364 -7.94 -10.04 -4.03
C MET B 364 -7.87 -10.38 -5.51
N THR B 365 -8.40 -9.48 -6.34
CA THR B 365 -8.43 -9.71 -7.77
C THR B 365 -7.04 -9.97 -8.32
N ILE B 366 -6.05 -9.20 -7.86
CA ILE B 366 -4.69 -9.34 -8.38
C ILE B 366 -4.13 -10.70 -8.02
N VAL B 367 -4.30 -11.13 -6.77
CA VAL B 367 -3.83 -12.45 -6.37
C VAL B 367 -4.50 -13.53 -7.22
N ASN B 368 -5.82 -13.39 -7.42
CA ASN B 368 -6.57 -14.39 -8.18
C ASN B 368 -6.08 -14.47 -9.63
N LEU B 369 -5.71 -13.34 -10.24
CA LEU B 369 -5.21 -13.33 -11.60
C LEU B 369 -3.82 -13.95 -11.73
N ALA B 370 -3.09 -14.05 -10.63
CA ALA B 370 -1.72 -14.53 -10.67
C ALA B 370 -1.57 -16.00 -10.30
N GLN B 371 -2.57 -16.60 -9.66
CA GLN B 371 -2.42 -17.96 -9.18
C GLN B 371 -2.26 -18.94 -10.33
N ASN B 372 -1.46 -19.98 -10.08
CA ASN B 372 -1.18 -20.94 -11.14
C ASN B 372 -1.14 -22.39 -10.66
N PHE B 373 -1.64 -22.67 -9.46
CA PHE B 373 -1.67 -24.05 -9.02
C PHE B 373 -2.80 -24.80 -9.73
N VAL B 374 -2.77 -26.13 -9.64
CA VAL B 374 -3.74 -26.97 -10.32
C VAL B 374 -5.14 -26.60 -9.84
N GLY B 375 -6.01 -26.23 -10.77
CA GLY B 375 -7.37 -25.83 -10.44
C GLY B 375 -7.64 -24.34 -10.49
N SER B 376 -6.60 -23.50 -10.68
CA SER B 376 -6.82 -22.07 -10.82
C SER B 376 -6.78 -21.67 -12.29
N ASN B 377 -5.75 -20.97 -12.73
CA ASN B 377 -5.67 -20.47 -14.10
C ASN B 377 -4.88 -21.40 -15.01
N ASN B 378 -5.40 -21.62 -16.21
CA ASN B 378 -4.62 -22.32 -17.23
C ASN B 378 -3.52 -21.45 -17.79
N ILE B 379 -3.77 -20.15 -17.92
CA ILE B 379 -2.75 -19.19 -18.32
C ILE B 379 -2.89 -17.99 -17.39
N ASN B 380 -2.02 -17.90 -16.38
CA ASN B 380 -2.06 -16.75 -15.52
C ASN B 380 -1.42 -15.56 -16.22
N LEU B 381 -2.14 -14.44 -16.27
CA LEU B 381 -1.67 -13.26 -16.97
C LEU B 381 -0.70 -12.42 -16.14
N LEU B 382 -0.76 -12.53 -14.81
CA LEU B 382 0.20 -11.92 -13.92
C LEU B 382 1.07 -13.01 -13.31
N GLN B 383 2.39 -12.67 -13.04
CA GLN B 383 3.24 -13.72 -12.50
C GLN B 383 3.17 -13.75 -10.97
N PRO B 384 3.06 -14.95 -10.37
CA PRO B 384 3.06 -15.04 -8.90
C PRO B 384 4.46 -15.09 -8.31
N ILE B 385 5.04 -13.92 -8.03
CA ILE B 385 6.40 -13.81 -7.48
C ILE B 385 6.26 -13.73 -5.97
N GLY B 386 6.28 -14.87 -5.31
CA GLY B 386 6.10 -14.95 -3.88
C GLY B 386 5.13 -16.06 -3.56
N GLN B 387 4.60 -16.04 -2.33
CA GLN B 387 3.64 -17.04 -1.88
C GLN B 387 2.24 -16.55 -2.22
N PHE B 388 1.70 -17.01 -3.36
CA PHE B 388 0.35 -16.66 -3.78
C PHE B 388 -0.67 -17.74 -3.45
N GLY B 389 -0.28 -18.76 -2.70
CA GLY B 389 -1.19 -19.84 -2.38
C GLY B 389 -0.85 -21.12 -3.13
N THR B 390 -1.28 -22.24 -2.57
CA THR B 390 -1.00 -23.54 -3.16
C THR B 390 -2.30 -24.35 -3.20
N ARG B 391 -2.22 -25.53 -3.83
CA ARG B 391 -3.35 -26.44 -3.82
C ARG B 391 -3.56 -27.08 -2.45
N LEU B 392 -2.65 -26.89 -1.50
CA LEU B 392 -2.84 -27.45 -0.17
CA LEU B 392 -2.84 -27.44 -0.18
C LEU B 392 -4.06 -26.84 0.50
N HIS B 393 -4.30 -25.54 0.30
CA HIS B 393 -5.43 -24.83 0.91
C HIS B 393 -6.25 -24.05 -0.10
N GLY B 394 -6.16 -24.41 -1.37
CA GLY B 394 -6.91 -23.69 -2.39
C GLY B 394 -6.55 -22.23 -2.49
N GLY B 395 -5.28 -21.90 -2.24
CA GLY B 395 -4.83 -20.52 -2.33
C GLY B 395 -5.11 -19.65 -1.13
N LYS B 396 -5.83 -20.16 -0.12
CA LYS B 396 -6.09 -19.37 1.08
C LYS B 396 -4.83 -19.18 1.92
N ASP B 397 -3.77 -19.93 1.63
CA ASP B 397 -2.49 -19.77 2.31
C ASP B 397 -1.59 -18.76 1.62
N ALA B 398 -2.15 -17.84 0.83
CA ALA B 398 -1.33 -16.79 0.22
C ALA B 398 -0.82 -15.82 1.28
N ALA B 399 0.41 -15.35 1.09
CA ALA B 399 0.98 -14.39 2.01
C ALA B 399 0.27 -13.05 1.85
N SER B 400 0.60 -12.13 2.75
CA SER B 400 -0.03 -10.82 2.72
C SER B 400 0.31 -10.08 1.43
N PRO B 401 -0.63 -9.32 0.87
CA PRO B 401 -0.33 -8.60 -0.38
C PRO B 401 0.75 -7.54 -0.24
N ARG B 402 1.23 -7.27 0.98
CA ARG B 402 2.33 -6.35 1.19
C ARG B 402 3.70 -7.01 1.01
N TYR B 403 3.76 -8.34 0.92
CA TYR B 403 5.02 -9.07 0.83
C TYR B 403 5.20 -9.83 -0.47
N ILE B 404 4.21 -9.86 -1.34
CA ILE B 404 4.28 -10.62 -2.57
C ILE B 404 4.33 -9.65 -3.74
N PHE B 405 5.02 -10.08 -4.79
CA PHE B 405 5.29 -9.26 -5.95
C PHE B 405 4.60 -9.86 -7.17
N THR B 406 4.40 -9.02 -8.19
CA THR B 406 3.82 -9.53 -9.42
C THR B 406 4.33 -8.71 -10.60
N MET B 407 3.96 -9.16 -11.78
CA MET B 407 4.39 -8.57 -13.04
C MET B 407 3.62 -9.28 -14.15
N LEU B 408 3.56 -8.64 -15.31
CA LEU B 408 2.90 -9.23 -16.46
C LEU B 408 3.62 -10.50 -16.90
N SER B 409 2.85 -11.52 -17.26
CA SER B 409 3.38 -12.66 -17.99
C SER B 409 3.81 -12.23 -19.39
N THR B 410 4.82 -12.91 -19.92
CA THR B 410 5.23 -12.64 -21.29
C THR B 410 4.15 -13.05 -22.28
N LEU B 411 3.19 -13.87 -21.86
CA LEU B 411 2.09 -14.25 -22.72
C LEU B 411 1.01 -13.20 -22.83
N ALA B 412 0.95 -12.24 -21.91
CA ALA B 412 -0.19 -11.34 -21.84
C ALA B 412 -0.32 -10.49 -23.10
N ARG B 413 0.78 -9.90 -23.57
CA ARG B 413 0.70 -9.04 -24.76
C ARG B 413 0.64 -9.83 -26.06
N LEU B 414 1.01 -11.11 -26.04
CA LEU B 414 0.78 -11.93 -27.22
C LEU B 414 -0.69 -12.29 -27.34
N LEU B 415 -1.38 -12.41 -26.20
CA LEU B 415 -2.81 -12.68 -26.19
C LEU B 415 -3.62 -11.40 -26.43
N PHE B 416 -3.15 -10.25 -25.94
CA PHE B 416 -3.83 -8.97 -26.10
C PHE B 416 -2.88 -8.04 -26.84
N PRO B 417 -2.77 -8.17 -28.17
CA PRO B 417 -1.76 -7.41 -28.91
C PRO B 417 -1.96 -5.92 -28.78
N ALA B 418 -0.86 -5.19 -28.54
CA ALA B 418 -0.96 -3.77 -28.28
C ALA B 418 -1.56 -3.02 -29.45
N VAL B 419 -1.29 -3.48 -30.68
CA VAL B 419 -1.82 -2.78 -31.85
C VAL B 419 -3.34 -2.74 -31.83
N ASP B 420 -3.99 -3.76 -31.25
CA ASP B 420 -5.45 -3.77 -31.18
C ASP B 420 -6.00 -2.72 -30.24
N ASP B 421 -5.18 -2.14 -29.36
CA ASP B 421 -5.67 -1.07 -28.49
C ASP B 421 -6.25 0.07 -29.32
N ASN B 422 -5.73 0.30 -30.53
CA ASN B 422 -6.28 1.37 -31.36
C ASN B 422 -7.69 1.06 -31.85
N LEU B 423 -8.24 -0.11 -31.57
CA LEU B 423 -9.58 -0.46 -32.04
C LEU B 423 -10.61 -0.48 -30.92
N LEU B 424 -10.20 -0.24 -29.68
CA LEU B 424 -11.08 -0.41 -28.55
C LEU B 424 -11.80 0.89 -28.21
N LYS B 425 -12.94 0.76 -27.54
CA LYS B 425 -13.69 1.90 -27.03
C LYS B 425 -13.30 2.09 -25.57
N PHE B 426 -12.41 3.05 -25.31
CA PHE B 426 -11.98 3.35 -23.96
C PHE B 426 -13.00 4.21 -23.25
N LEU B 427 -13.27 3.88 -21.99
CA LEU B 427 -14.26 4.56 -21.17
C LEU B 427 -13.66 5.77 -20.48
N TYR B 428 -14.54 6.58 -19.89
CA TYR B 428 -14.17 7.81 -19.21
C TYR B 428 -14.80 7.86 -17.82
N ASP B 429 -13.99 8.19 -16.83
CA ASP B 429 -14.47 8.50 -15.49
C ASP B 429 -14.11 9.95 -15.23
N ASP B 430 -15.09 10.73 -14.78
CA ASP B 430 -15.04 12.19 -14.77
C ASP B 430 -14.58 12.67 -16.14
N ASN B 431 -13.31 13.02 -16.29
CA ASN B 431 -12.76 13.41 -17.59
C ASN B 431 -11.51 12.62 -17.92
N GLN B 432 -11.15 11.63 -17.09
CA GLN B 432 -9.98 10.79 -17.30
C GLN B 432 -10.34 9.55 -18.11
N ARG B 433 -9.47 9.22 -19.07
CA ARG B 433 -9.65 8.01 -19.86
C ARG B 433 -9.20 6.78 -19.06
N VAL B 434 -10.04 5.75 -19.05
CA VAL B 434 -9.74 4.57 -18.25
C VAL B 434 -9.77 3.32 -19.13
N GLU B 435 -10.11 2.18 -18.54
CA GLU B 435 -10.03 0.90 -19.25
C GLU B 435 -11.10 0.84 -20.34
N PRO B 436 -10.90 -0.01 -21.35
CA PRO B 436 -11.90 -0.14 -22.42
C PRO B 436 -13.12 -0.93 -21.96
N GLU B 437 -14.18 -0.90 -22.79
CA GLU B 437 -15.34 -1.71 -22.48
C GLU B 437 -15.02 -3.19 -22.54
N TRP B 438 -14.12 -3.58 -23.43
CA TRP B 438 -13.49 -4.89 -23.42
C TRP B 438 -12.25 -4.87 -24.27
N TYR B 439 -11.32 -5.77 -23.96
CA TYR B 439 -10.22 -6.11 -24.86
C TYR B 439 -10.69 -7.18 -25.85
N ILE B 440 -9.92 -7.37 -26.91
CA ILE B 440 -10.29 -8.38 -27.91
C ILE B 440 -9.11 -9.33 -28.10
N PRO B 441 -8.97 -10.35 -27.24
CA PRO B 441 -7.82 -11.24 -27.33
C PRO B 441 -7.85 -12.10 -28.57
N ILE B 442 -6.73 -12.76 -28.84
CA ILE B 442 -6.62 -13.59 -30.05
C ILE B 442 -7.33 -14.92 -29.89
N ILE B 443 -7.64 -15.32 -28.65
CA ILE B 443 -8.42 -16.53 -28.38
C ILE B 443 -9.38 -16.26 -27.24
N PRO B 444 -10.50 -17.03 -27.17
CA PRO B 444 -11.50 -16.77 -26.12
C PRO B 444 -10.95 -17.02 -24.73
N MET B 445 -10.38 -15.99 -24.12
CA MET B 445 -9.83 -16.14 -22.78
C MET B 445 -10.91 -16.52 -21.76
N VAL B 446 -12.17 -16.24 -22.06
CA VAL B 446 -13.27 -16.62 -21.17
C VAL B 446 -13.35 -18.13 -20.97
N LEU B 447 -12.77 -18.91 -21.88
CA LEU B 447 -12.74 -20.37 -21.75
C LEU B 447 -11.46 -20.89 -21.13
N ILE B 448 -10.38 -20.12 -21.15
CA ILE B 448 -9.08 -20.62 -20.73
C ILE B 448 -8.99 -20.68 -19.22
N ASN B 449 -9.42 -19.62 -18.53
CA ASN B 449 -9.21 -19.54 -17.09
C ASN B 449 -10.49 -19.73 -16.30
N GLY B 450 -11.57 -20.16 -16.95
CA GLY B 450 -12.80 -20.49 -16.27
C GLY B 450 -13.52 -19.32 -15.64
N ALA B 451 -14.29 -18.59 -16.43
CA ALA B 451 -15.06 -17.48 -15.92
C ALA B 451 -16.04 -17.93 -14.85
N GLU B 452 -16.16 -17.14 -13.79
CA GLU B 452 -16.95 -17.53 -12.64
C GLU B 452 -17.44 -16.27 -11.95
N GLY B 453 -18.72 -16.24 -11.62
CA GLY B 453 -19.25 -15.05 -10.99
C GLY B 453 -20.65 -15.23 -10.44
N ILE B 454 -20.96 -14.52 -9.36
CA ILE B 454 -22.27 -14.57 -8.72
C ILE B 454 -22.82 -13.15 -8.69
N GLY B 455 -23.98 -12.94 -9.33
CA GLY B 455 -24.62 -11.64 -9.28
C GLY B 455 -25.95 -11.68 -8.55
N THR B 456 -26.92 -10.90 -9.04
CA THR B 456 -28.29 -10.96 -8.56
C THR B 456 -29.16 -11.48 -9.70
N GLY B 457 -29.95 -12.50 -9.41
CA GLY B 457 -30.73 -13.14 -10.46
C GLY B 457 -29.97 -14.20 -11.24
N TRP B 458 -28.76 -13.88 -11.69
CA TRP B 458 -27.96 -14.79 -12.49
C TRP B 458 -26.62 -15.07 -11.83
N ALA B 459 -25.99 -16.14 -12.28
CA ALA B 459 -24.62 -16.45 -11.93
C ALA B 459 -23.97 -17.07 -13.14
N CYS B 460 -22.65 -17.06 -13.14
CA CYS B 460 -21.88 -17.62 -14.24
C CYS B 460 -20.87 -18.62 -13.69
N LYS B 461 -20.70 -19.73 -14.39
CA LYS B 461 -19.67 -20.70 -14.04
C LYS B 461 -19.22 -21.43 -15.30
N LEU B 462 -17.94 -21.29 -15.63
CA LEU B 462 -17.30 -21.96 -16.75
C LEU B 462 -16.07 -22.70 -16.27
N PRO B 463 -15.85 -23.94 -16.71
CA PRO B 463 -14.61 -24.62 -16.38
C PRO B 463 -13.47 -24.13 -17.28
N ASN B 464 -12.28 -24.62 -17.00
CA ASN B 464 -11.11 -24.28 -17.79
C ASN B 464 -11.06 -25.13 -19.05
N TYR B 465 -10.41 -24.59 -20.09
CA TYR B 465 -10.24 -25.30 -21.36
C TYR B 465 -8.79 -25.17 -21.82
N ASP B 466 -8.37 -26.12 -22.65
CA ASP B 466 -6.98 -26.17 -23.08
C ASP B 466 -6.67 -25.10 -24.13
N ALA B 467 -5.58 -24.36 -23.92
CA ALA B 467 -5.22 -23.28 -24.84
C ALA B 467 -4.88 -23.83 -26.22
N ARG B 468 -4.10 -24.91 -26.28
CA ARG B 468 -3.70 -25.41 -27.59
C ARG B 468 -4.91 -25.95 -28.36
N GLU B 469 -5.79 -26.71 -27.70
CA GLU B 469 -6.98 -27.17 -28.41
C GLU B 469 -7.82 -26.00 -28.93
N ILE B 470 -7.88 -24.90 -28.17
CA ILE B 470 -8.65 -23.76 -28.63
C ILE B 470 -7.99 -23.11 -29.84
N VAL B 471 -6.65 -23.00 -29.81
CA VAL B 471 -5.93 -22.49 -30.97
C VAL B 471 -6.19 -23.36 -32.19
N ASN B 472 -6.21 -24.68 -32.00
CA ASN B 472 -6.47 -25.59 -33.11
C ASN B 472 -7.88 -25.39 -33.67
N ASN B 473 -8.88 -25.22 -32.80
CA ASN B 473 -10.23 -24.99 -33.28
C ASN B 473 -10.36 -23.67 -34.02
N VAL B 474 -9.65 -22.63 -33.56
CA VAL B 474 -9.65 -21.36 -34.28
C VAL B 474 -9.02 -21.53 -35.67
N ARG B 475 -7.93 -22.30 -35.76
CA ARG B 475 -7.32 -22.56 -37.06
C ARG B 475 -8.24 -23.35 -37.97
N ARG B 476 -8.97 -24.32 -37.42
CA ARG B 476 -9.91 -25.08 -38.21
C ARG B 476 -11.02 -24.20 -38.74
N MET B 477 -11.57 -23.32 -37.88
CA MET B 477 -12.65 -22.46 -38.34
C MET B 477 -12.15 -21.44 -39.36
N LEU B 478 -10.89 -21.02 -39.26
CA LEU B 478 -10.32 -20.11 -40.26
C LEU B 478 -10.22 -20.77 -41.63
N ASP B 479 -10.08 -22.10 -41.67
CA ASP B 479 -10.01 -22.85 -42.90
C ASP B 479 -11.37 -23.39 -43.34
N GLY B 480 -12.46 -22.93 -42.74
CA GLY B 480 -13.77 -23.40 -43.15
C GLY B 480 -14.14 -24.78 -42.66
N LEU B 481 -13.39 -25.36 -41.73
CA LEU B 481 -13.68 -26.67 -41.18
C LEU B 481 -14.52 -26.53 -39.91
N ASP B 482 -15.12 -27.64 -39.51
CA ASP B 482 -15.92 -27.62 -38.30
C ASP B 482 -15.01 -27.76 -37.07
N PRO B 483 -15.29 -27.02 -36.00
CA PRO B 483 -14.48 -27.15 -34.79
C PRO B 483 -14.76 -28.47 -34.07
N HIS B 484 -13.71 -29.06 -33.51
CA HIS B 484 -13.85 -30.26 -32.71
C HIS B 484 -14.54 -29.94 -31.39
N PRO B 485 -15.29 -30.89 -30.84
CA PRO B 485 -15.80 -30.70 -29.47
C PRO B 485 -14.65 -30.65 -28.48
N MET B 486 -14.84 -29.90 -27.40
CA MET B 486 -13.79 -29.68 -26.42
C MET B 486 -14.28 -30.10 -25.05
N LEU B 487 -13.49 -30.89 -24.37
CA LEU B 487 -13.77 -31.16 -22.99
C LEU B 487 -13.00 -30.21 -22.09
N PRO B 488 -13.49 -29.95 -20.89
CA PRO B 488 -12.71 -29.16 -19.93
C PRO B 488 -11.34 -29.77 -19.70
N ASN B 489 -10.34 -28.91 -19.53
CA ASN B 489 -8.96 -29.33 -19.36
C ASN B 489 -8.27 -28.38 -18.40
N TYR B 490 -7.64 -28.92 -17.37
CA TYR B 490 -6.94 -28.13 -16.36
C TYR B 490 -5.44 -28.42 -16.46
N LYS B 491 -4.64 -27.35 -16.56
CA LYS B 491 -3.20 -27.50 -16.66
C LYS B 491 -2.66 -28.29 -15.47
N ASN B 492 -1.78 -29.24 -15.76
CA ASN B 492 -1.07 -30.07 -14.77
C ASN B 492 -1.99 -30.98 -13.98
N PHE B 493 -3.24 -31.14 -14.39
CA PHE B 493 -4.13 -32.09 -13.74
C PHE B 493 -3.88 -33.47 -14.32
N LYS B 494 -3.52 -34.41 -13.47
CA LYS B 494 -3.17 -35.77 -13.87
C LYS B 494 -4.37 -36.70 -13.91
N GLY B 495 -5.55 -36.22 -13.52
CA GLY B 495 -6.74 -37.05 -13.45
C GLY B 495 -7.47 -37.17 -14.76
N THR B 496 -8.76 -37.47 -14.67
CA THR B 496 -9.58 -37.73 -15.83
C THR B 496 -10.83 -36.86 -15.77
N ILE B 497 -11.22 -36.34 -16.93
CA ILE B 497 -12.45 -35.59 -17.10
C ILE B 497 -13.22 -36.27 -18.23
N GLN B 498 -14.36 -36.86 -17.89
CA GLN B 498 -15.15 -37.62 -18.86
C GLN B 498 -16.50 -36.95 -19.04
N GLU B 499 -16.95 -36.89 -20.27
CA GLU B 499 -18.24 -36.28 -20.57
C GLU B 499 -19.36 -37.29 -20.34
N LEU B 500 -20.27 -36.97 -19.42
CA LEU B 500 -21.46 -37.77 -19.25
C LEU B 500 -22.57 -37.35 -20.19
N GLY B 501 -22.55 -36.09 -20.60
CA GLY B 501 -23.57 -35.54 -21.47
C GLY B 501 -23.30 -34.07 -21.68
N GLN B 502 -24.26 -33.38 -22.29
CA GLN B 502 -24.09 -31.96 -22.55
C GLN B 502 -23.94 -31.19 -21.25
N ASN B 503 -22.77 -30.55 -21.07
CA ASN B 503 -22.44 -29.72 -19.92
C ASN B 503 -22.38 -30.50 -18.61
N GLN B 504 -22.13 -31.81 -18.70
CA GLN B 504 -22.06 -32.67 -17.51
C GLN B 504 -20.80 -33.52 -17.59
N TYR B 505 -20.02 -33.55 -16.51
CA TYR B 505 -18.72 -34.20 -16.54
C TYR B 505 -18.46 -34.92 -15.23
N ALA B 506 -17.73 -36.02 -15.33
CA ALA B 506 -17.22 -36.74 -14.16
C ALA B 506 -15.74 -36.45 -14.06
N VAL B 507 -15.32 -35.90 -12.92
CA VAL B 507 -13.93 -35.53 -12.66
C VAL B 507 -13.39 -36.50 -11.63
N SER B 508 -12.30 -37.19 -11.97
CA SER B 508 -11.79 -38.28 -11.16
C SER B 508 -10.32 -38.06 -10.83
N GLY B 509 -9.97 -38.30 -9.56
CA GLY B 509 -8.58 -38.33 -9.16
C GLY B 509 -7.94 -39.64 -9.57
N GLU B 510 -6.82 -39.97 -8.92
CA GLU B 510 -6.09 -41.19 -9.25
C GLU B 510 -5.77 -41.97 -7.99
N ILE B 511 -6.15 -43.25 -7.99
CA ILE B 511 -5.86 -44.17 -6.89
C ILE B 511 -5.60 -45.55 -7.49
N PHE B 512 -4.58 -46.23 -6.97
CA PHE B 512 -4.22 -47.55 -7.48
C PHE B 512 -3.73 -48.42 -6.34
N VAL B 513 -3.89 -49.74 -6.52
CA VAL B 513 -3.49 -50.70 -5.50
C VAL B 513 -2.00 -50.95 -5.60
N VAL B 514 -1.29 -50.81 -4.49
CA VAL B 514 0.14 -51.09 -4.44
C VAL B 514 0.34 -52.56 -4.06
N ASP B 515 -0.10 -52.94 -2.86
CA ASP B 515 -0.16 -54.35 -2.47
C ASP B 515 -1.51 -54.66 -1.85
N ARG B 516 -1.67 -55.84 -1.27
CA ARG B 516 -2.96 -56.20 -0.71
C ARG B 516 -3.19 -55.60 0.69
N ASN B 517 -2.37 -54.63 1.09
CA ASN B 517 -2.60 -53.84 2.29
C ASN B 517 -2.40 -52.35 2.06
N THR B 518 -2.22 -51.91 0.82
CA THR B 518 -1.82 -50.53 0.54
C THR B 518 -2.49 -50.03 -0.72
N VAL B 519 -3.07 -48.84 -0.65
CA VAL B 519 -3.44 -48.10 -1.85
C VAL B 519 -2.67 -46.78 -1.83
N GLU B 520 -2.53 -46.20 -3.01
CA GLU B 520 -1.80 -44.93 -3.16
C GLU B 520 -2.66 -43.96 -3.93
N ILE B 521 -2.77 -42.73 -3.42
CA ILE B 521 -3.56 -41.66 -4.03
C ILE B 521 -2.57 -40.62 -4.55
N THR B 522 -2.51 -40.46 -5.87
CA THR B 522 -1.55 -39.55 -6.49
C THR B 522 -2.19 -38.36 -7.16
N GLU B 523 -3.51 -38.25 -7.14
CA GLU B 523 -4.19 -37.10 -7.71
C GLU B 523 -5.59 -37.01 -7.10
N LEU B 524 -6.00 -35.79 -6.75
CA LEU B 524 -7.34 -35.46 -6.30
C LEU B 524 -8.10 -34.76 -7.42
N PRO B 525 -9.43 -34.90 -7.47
CA PRO B 525 -10.20 -34.20 -8.50
C PRO B 525 -9.99 -32.70 -8.45
N VAL B 526 -10.24 -32.05 -9.59
CA VAL B 526 -9.98 -30.62 -9.72
C VAL B 526 -10.75 -29.86 -8.66
N ARG B 527 -10.06 -28.92 -8.00
CA ARG B 527 -10.56 -28.03 -6.95
C ARG B 527 -10.90 -28.77 -5.66
N THR B 528 -10.46 -30.01 -5.50
CA THR B 528 -10.41 -30.65 -4.19
C THR B 528 -9.02 -30.39 -3.62
N TRP B 529 -8.96 -29.60 -2.56
CA TRP B 529 -7.67 -29.19 -2.00
C TRP B 529 -7.15 -30.25 -1.03
N THR B 530 -5.82 -30.31 -0.91
CA THR B 530 -5.20 -31.46 -0.23
C THR B 530 -5.59 -31.52 1.24
N GLN B 531 -5.46 -30.39 1.95
CA GLN B 531 -5.76 -30.40 3.38
C GLN B 531 -7.23 -30.68 3.63
N VAL B 532 -8.12 -30.19 2.76
CA VAL B 532 -9.54 -30.44 2.93
C VAL B 532 -9.85 -31.92 2.74
N TYR B 533 -9.21 -32.54 1.74
CA TYR B 533 -9.41 -33.97 1.52
C TYR B 533 -8.91 -34.77 2.71
N LYS B 534 -7.76 -34.40 3.27
CA LYS B 534 -7.25 -35.13 4.42
C LYS B 534 -8.22 -35.07 5.59
N GLU B 535 -8.76 -33.87 5.87
CA GLU B 535 -9.56 -33.68 7.08
C GLU B 535 -10.97 -34.23 6.93
N GLN B 536 -11.56 -34.10 5.74
CA GLN B 536 -12.95 -34.48 5.54
C GLN B 536 -13.12 -35.90 4.99
N VAL B 537 -12.04 -36.55 4.58
CA VAL B 537 -12.18 -37.89 3.99
C VAL B 537 -11.29 -38.88 4.73
N LEU B 538 -9.99 -38.60 4.76
CA LEU B 538 -9.06 -39.59 5.30
C LEU B 538 -9.17 -39.70 6.82
N GLU B 539 -9.36 -38.57 7.52
CA GLU B 539 -9.49 -38.63 8.97
C GLU B 539 -10.75 -39.38 9.41
N PRO B 540 -11.94 -39.10 8.86
CA PRO B 540 -13.09 -39.95 9.19
C PRO B 540 -12.89 -41.42 8.85
N MET B 541 -12.14 -41.75 7.79
CA MET B 541 -11.88 -43.15 7.51
C MET B 541 -10.95 -43.77 8.55
N LEU B 542 -10.03 -42.99 9.08
CA LEU B 542 -9.08 -43.51 10.05
C LEU B 542 -9.73 -43.64 11.43
N ASN B 543 -10.51 -42.64 11.83
CA ASN B 543 -11.11 -42.57 13.16
C ASN B 543 -12.56 -43.04 13.17
N GLY B 544 -13.40 -42.36 13.95
CA GLY B 544 -14.75 -42.81 14.17
C GLY B 544 -15.70 -42.44 13.05
N THR B 545 -16.07 -41.16 13.00
CA THR B 545 -17.07 -40.63 12.06
C THR B 545 -18.46 -41.20 12.34
N ASP B 546 -18.87 -41.14 13.61
CA ASP B 546 -20.23 -41.43 14.06
C ASP B 546 -20.58 -42.88 13.73
N LYS B 547 -21.71 -43.15 13.06
CA LYS B 547 -22.18 -44.52 12.89
C LYS B 547 -21.24 -45.36 12.03
N THR B 548 -20.57 -44.76 11.04
CA THR B 548 -19.66 -45.51 10.20
C THR B 548 -18.44 -45.96 11.00
N PRO B 549 -17.98 -47.20 10.82
CA PRO B 549 -16.76 -47.65 11.50
C PRO B 549 -15.52 -47.20 10.74
N ALA B 550 -14.37 -47.34 11.40
CA ALA B 550 -13.11 -47.01 10.76
C ALA B 550 -12.84 -47.98 9.62
N LEU B 551 -12.26 -47.46 8.55
CA LEU B 551 -12.05 -48.22 7.33
C LEU B 551 -10.57 -48.39 6.96
N ILE B 552 -9.71 -47.47 7.36
CA ILE B 552 -8.29 -47.59 7.07
C ILE B 552 -7.56 -47.68 8.40
N SER B 553 -6.36 -48.25 8.34
CA SER B 553 -5.56 -48.43 9.54
C SER B 553 -4.53 -47.33 9.76
N ASP B 554 -4.06 -46.68 8.68
CA ASP B 554 -3.10 -45.59 8.78
C ASP B 554 -2.96 -44.96 7.39
N TYR B 555 -2.35 -43.78 7.35
CA TYR B 555 -2.00 -43.15 6.08
C TYR B 555 -0.83 -42.20 6.30
N LYS B 556 -0.03 -42.02 5.25
CA LYS B 556 1.11 -41.11 5.29
C LYS B 556 1.04 -40.15 4.11
N GLU B 557 1.65 -38.98 4.29
CA GLU B 557 1.62 -37.91 3.30
C GLU B 557 3.02 -37.71 2.74
N TYR B 558 3.11 -37.61 1.42
CA TYR B 558 4.35 -37.35 0.70
C TYR B 558 4.11 -36.30 -0.38
N HIS B 559 3.44 -35.23 0.02
CA HIS B 559 3.08 -34.17 -0.92
C HIS B 559 4.27 -33.28 -1.20
N THR B 560 4.21 -32.60 -2.35
CA THR B 560 5.02 -31.42 -2.60
C THR B 560 4.07 -30.22 -2.61
N ASP B 561 4.60 -29.05 -2.97
CA ASP B 561 3.74 -27.88 -3.04
C ASP B 561 2.74 -27.98 -4.19
N THR B 562 3.02 -28.84 -5.18
CA THR B 562 2.22 -28.92 -6.38
C THR B 562 1.69 -30.32 -6.70
N THR B 563 2.05 -31.33 -5.93
CA THR B 563 1.60 -32.68 -6.19
C THR B 563 1.02 -33.29 -4.92
N VAL B 564 0.29 -34.38 -5.12
CA VAL B 564 -0.41 -35.09 -4.04
C VAL B 564 0.06 -36.53 -4.00
N LYS B 565 0.38 -37.02 -2.82
CA LYS B 565 0.75 -38.44 -2.69
C LYS B 565 0.35 -38.91 -1.30
N PHE B 566 -0.76 -39.65 -1.23
CA PHE B 566 -1.19 -40.32 0.00
C PHE B 566 -0.93 -41.82 -0.13
N VAL B 567 -0.30 -42.40 0.89
CA VAL B 567 -0.16 -43.85 0.99
C VAL B 567 -1.02 -44.32 2.16
N VAL B 568 -1.99 -45.18 1.87
CA VAL B 568 -3.02 -45.57 2.83
C VAL B 568 -2.90 -47.07 3.09
N LYS B 569 -2.95 -47.46 4.38
CA LYS B 569 -2.84 -48.85 4.79
C LYS B 569 -4.19 -49.41 5.23
N MET B 570 -4.52 -50.61 4.77
CA MET B 570 -5.76 -51.28 5.13
C MET B 570 -5.50 -52.77 5.32
N THR B 571 -6.43 -53.44 5.99
CA THR B 571 -6.35 -54.90 6.03
C THR B 571 -6.80 -55.47 4.70
N GLU B 572 -6.40 -56.73 4.43
CA GLU B 572 -6.79 -57.39 3.18
C GLU B 572 -8.30 -57.46 3.06
N GLU B 573 -9.01 -57.59 4.18
CA GLU B 573 -10.46 -57.72 4.13
C GLU B 573 -11.09 -56.43 3.64
N LYS B 574 -10.88 -55.32 4.37
CA LYS B 574 -11.59 -54.10 4.00
C LYS B 574 -11.03 -53.46 2.73
N LEU B 575 -9.79 -53.79 2.35
CA LEU B 575 -9.31 -53.39 1.04
C LEU B 575 -10.01 -54.15 -0.07
N ALA B 576 -10.26 -55.45 0.15
CA ALA B 576 -10.94 -56.24 -0.87
C ALA B 576 -12.37 -55.76 -1.10
N GLN B 577 -13.09 -55.44 -0.02
CA GLN B 577 -14.45 -54.92 -0.21
C GLN B 577 -14.42 -53.51 -0.80
N ALA B 578 -13.43 -52.69 -0.41
CA ALA B 578 -13.30 -51.39 -1.05
C ALA B 578 -12.98 -51.54 -2.52
N GLU B 579 -12.09 -52.48 -2.85
CA GLU B 579 -11.81 -52.75 -4.25
C GLU B 579 -13.03 -53.36 -4.94
N ALA B 580 -13.84 -54.14 -4.21
CA ALA B 580 -15.06 -54.69 -4.80
C ALA B 580 -16.00 -53.58 -5.19
N ALA B 581 -16.17 -52.58 -4.33
CA ALA B 581 -16.90 -51.39 -4.69
C ALA B 581 -15.94 -50.50 -5.48
N GLY B 582 -16.34 -49.28 -5.78
CA GLY B 582 -15.44 -48.41 -6.49
C GLY B 582 -14.38 -47.78 -5.60
N LEU B 583 -13.09 -48.01 -5.90
CA LEU B 583 -12.04 -47.36 -5.12
C LEU B 583 -12.17 -45.85 -5.19
N HIS B 584 -12.38 -45.30 -6.38
CA HIS B 584 -12.64 -43.87 -6.51
C HIS B 584 -13.91 -43.48 -5.76
N LYS B 585 -14.89 -44.37 -5.74
CA LYS B 585 -16.13 -44.10 -5.01
C LYS B 585 -15.90 -44.10 -3.51
N VAL B 586 -15.24 -45.15 -3.00
CA VAL B 586 -15.05 -45.27 -1.56
C VAL B 586 -14.20 -44.11 -1.01
N PHE B 587 -13.15 -43.74 -1.73
CA PHE B 587 -12.23 -42.70 -1.26
C PHE B 587 -12.61 -41.31 -1.73
N LYS B 588 -13.82 -41.14 -2.28
CA LYS B 588 -14.36 -39.82 -2.64
C LYS B 588 -13.44 -39.09 -3.62
N LEU B 589 -13.02 -39.80 -4.67
CA LEU B 589 -12.11 -39.24 -5.66
C LEU B 589 -12.82 -38.92 -6.97
N GLN B 590 -14.15 -38.88 -6.95
CA GLN B 590 -14.94 -38.52 -8.12
C GLN B 590 -15.92 -37.42 -7.76
N THR B 591 -15.89 -36.35 -8.54
CA THR B 591 -16.82 -35.25 -8.39
C THR B 591 -17.44 -34.96 -9.75
N THR B 592 -18.66 -34.47 -9.76
CA THR B 592 -19.36 -34.09 -10.97
C THR B 592 -19.23 -32.59 -11.22
N LEU B 593 -19.17 -32.23 -12.49
CA LEU B 593 -19.07 -30.83 -12.91
C LEU B 593 -20.21 -30.56 -13.89
N THR B 594 -21.13 -29.69 -13.50
CA THR B 594 -22.31 -29.36 -14.28
C THR B 594 -22.28 -27.88 -14.61
N CYS B 595 -22.45 -27.53 -15.89
CA CYS B 595 -22.27 -26.16 -16.37
C CYS B 595 -23.50 -25.71 -17.15
N ASN B 596 -24.61 -25.54 -16.43
CA ASN B 596 -25.85 -25.09 -17.04
C ASN B 596 -26.14 -23.63 -16.74
N SER B 597 -25.11 -22.84 -16.40
CA SER B 597 -25.31 -21.44 -16.11
C SER B 597 -24.15 -20.64 -16.72
N MET B 598 -23.95 -20.80 -18.03
CA MET B 598 -22.94 -20.03 -18.74
C MET B 598 -23.57 -18.72 -19.19
N VAL B 599 -23.64 -17.79 -18.24
CA VAL B 599 -24.23 -16.47 -18.45
C VAL B 599 -23.11 -15.46 -18.61
N LEU B 600 -23.15 -14.67 -19.68
CA LEU B 600 -22.10 -13.69 -19.96
C LEU B 600 -22.72 -12.45 -20.59
N PHE B 601 -21.96 -11.37 -20.59
CA PHE B 601 -22.30 -10.19 -21.37
C PHE B 601 -21.73 -10.35 -22.77
N ASP B 602 -22.58 -10.17 -23.79
CA ASP B 602 -22.11 -10.23 -25.18
C ASP B 602 -21.37 -8.94 -25.52
N HIS B 603 -20.91 -8.84 -26.78
CA HIS B 603 -20.08 -7.71 -27.17
C HIS B 603 -20.83 -6.39 -27.11
N MET B 604 -22.17 -6.41 -27.15
CA MET B 604 -22.98 -5.20 -27.01
C MET B 604 -23.31 -4.87 -25.56
N GLY B 605 -22.86 -5.68 -24.60
CA GLY B 605 -23.24 -5.46 -23.22
C GLY B 605 -24.55 -6.06 -22.81
N CYS B 606 -25.13 -6.94 -23.62
CA CYS B 606 -26.39 -7.58 -23.28
C CYS B 606 -26.09 -8.88 -22.55
N LEU B 607 -26.83 -9.11 -21.47
CA LEU B 607 -26.69 -10.35 -20.72
C LEU B 607 -27.29 -11.48 -21.55
N LYS B 608 -26.58 -12.60 -21.62
CA LYS B 608 -26.99 -13.67 -22.52
C LYS B 608 -26.60 -15.00 -21.91
N LYS B 609 -27.45 -16.01 -22.11
CA LYS B 609 -27.19 -17.36 -21.62
C LYS B 609 -26.79 -18.24 -22.79
N TYR B 610 -25.64 -18.90 -22.66
CA TYR B 610 -25.08 -19.74 -23.71
C TYR B 610 -25.19 -21.20 -23.30
N GLU B 611 -25.69 -22.02 -24.23
CA GLU B 611 -25.96 -23.41 -23.92
C GLU B 611 -24.73 -24.30 -24.07
N THR B 612 -23.83 -23.99 -24.99
CA THR B 612 -22.62 -24.79 -25.20
C THR B 612 -21.44 -23.84 -25.38
N VAL B 613 -20.22 -24.37 -25.13
CA VAL B 613 -19.04 -23.54 -25.35
C VAL B 613 -18.80 -23.29 -26.84
N GLN B 614 -19.30 -24.18 -27.71
CA GLN B 614 -19.24 -23.92 -29.15
C GLN B 614 -20.00 -22.65 -29.51
N ASP B 615 -21.13 -22.40 -28.85
CA ASP B 615 -21.83 -21.15 -29.07
C ASP B 615 -20.96 -19.96 -28.67
N ILE B 616 -20.26 -20.09 -27.53
CA ILE B 616 -19.36 -19.04 -27.08
C ILE B 616 -18.22 -18.87 -28.08
N LEU B 617 -17.63 -19.98 -28.52
CA LEU B 617 -16.51 -19.90 -29.44
C LEU B 617 -16.91 -19.27 -30.76
N LYS B 618 -18.09 -19.61 -31.27
CA LYS B 618 -18.52 -19.09 -32.55
C LYS B 618 -18.76 -17.59 -32.49
N GLU B 619 -19.46 -17.13 -31.44
CA GLU B 619 -19.73 -15.71 -31.30
C GLU B 619 -18.43 -14.92 -31.09
N PHE B 620 -17.48 -15.49 -30.36
CA PHE B 620 -16.18 -14.84 -30.22
C PHE B 620 -15.46 -14.80 -31.56
N PHE B 621 -15.57 -15.88 -32.33
CA PHE B 621 -14.82 -15.99 -33.58
C PHE B 621 -15.24 -14.91 -34.57
N ASP B 622 -16.55 -14.72 -34.73
CA ASP B 622 -17.03 -13.74 -35.70
C ASP B 622 -16.61 -12.33 -35.32
N LEU B 623 -16.57 -12.03 -34.02
CA LEU B 623 -16.16 -10.70 -33.59
C LEU B 623 -14.66 -10.51 -33.81
N ARG B 624 -13.86 -11.48 -33.37
CA ARG B 624 -12.41 -11.34 -33.47
C ARG B 624 -11.95 -11.32 -34.93
N LEU B 625 -12.55 -12.14 -35.79
CA LEU B 625 -12.20 -12.07 -37.21
C LEU B 625 -12.53 -10.71 -37.78
N SER B 626 -13.68 -10.16 -37.41
CA SER B 626 -14.05 -8.83 -37.86
C SER B 626 -13.03 -7.80 -37.40
N TYR B 627 -12.55 -7.91 -36.15
CA TYR B 627 -11.57 -6.96 -35.63
C TYR B 627 -10.19 -7.15 -36.23
N TYR B 628 -9.84 -8.35 -36.70
CA TYR B 628 -8.63 -8.47 -37.51
C TYR B 628 -8.81 -7.76 -38.84
N GLY B 629 -10.05 -7.65 -39.33
CA GLY B 629 -10.30 -6.80 -40.48
C GLY B 629 -10.04 -5.35 -40.17
N LEU B 630 -10.56 -4.88 -39.02
CA LEU B 630 -10.33 -3.50 -38.60
C LEU B 630 -8.86 -3.22 -38.37
N ARG B 631 -8.12 -4.20 -37.83
CA ARG B 631 -6.71 -3.96 -37.60
C ARG B 631 -5.99 -3.73 -38.93
N LYS B 632 -6.36 -4.48 -39.97
CA LYS B 632 -5.70 -4.28 -41.26
C LYS B 632 -6.03 -2.91 -41.85
N GLU B 633 -7.31 -2.52 -41.85
CA GLU B 633 -7.64 -1.19 -42.34
C GLU B 633 -6.91 -0.11 -41.54
N TRP B 634 -6.83 -0.28 -40.22
CA TRP B 634 -6.15 0.72 -39.39
C TRP B 634 -4.65 0.76 -39.69
N LEU B 635 -4.01 -0.41 -39.80
CA LEU B 635 -2.57 -0.44 -40.05
C LEU B 635 -2.22 0.07 -41.44
N VAL B 636 -3.02 -0.27 -42.45
CA VAL B 636 -2.75 0.20 -43.80
C VAL B 636 -2.80 1.73 -43.84
N GLY B 637 -3.77 2.32 -43.13
CA GLY B 637 -3.85 3.77 -43.09
C GLY B 637 -2.69 4.39 -42.33
N MET B 638 -2.36 3.83 -41.16
CA MET B 638 -1.30 4.39 -40.33
C MET B 638 0.08 4.17 -40.96
N LEU B 639 0.37 2.94 -41.40
CA LEU B 639 1.63 2.71 -42.07
C LEU B 639 1.73 3.52 -43.36
N GLY B 640 0.61 3.72 -44.06
CA GLY B 640 0.63 4.58 -45.23
C GLY B 640 0.98 6.01 -44.88
N ALA B 641 0.40 6.52 -43.78
CA ALA B 641 0.75 7.86 -43.32
C ALA B 641 2.22 7.95 -42.95
N GLU B 642 2.75 6.93 -42.28
CA GLU B 642 4.16 6.93 -41.93
C GLU B 642 5.04 6.87 -43.17
N SER B 643 4.60 6.14 -44.20
CA SER B 643 5.33 6.09 -45.46
C SER B 643 5.41 7.47 -46.10
N THR B 644 4.27 8.17 -46.15
CA THR B 644 4.24 9.53 -46.68
C THR B 644 5.12 10.45 -45.85
N LYS B 645 5.11 10.26 -44.53
CA LYS B 645 5.94 11.07 -43.64
C LYS B 645 7.41 10.90 -43.99
N LEU B 646 7.88 9.65 -44.08
CA LEU B 646 9.27 9.42 -44.43
C LEU B 646 9.59 9.91 -45.83
N ASN B 647 8.66 9.79 -46.78
CA ASN B 647 8.94 10.28 -48.12
C ASN B 647 9.27 11.76 -48.11
N ASN B 648 8.49 12.56 -47.38
CA ASN B 648 8.77 13.98 -47.30
C ASN B 648 10.09 14.24 -46.61
N GLN B 649 10.36 13.55 -45.50
CA GLN B 649 11.61 13.76 -44.79
C GLN B 649 12.81 13.42 -45.67
N ALA B 650 12.77 12.28 -46.34
CA ALA B 650 13.87 11.91 -47.23
C ALA B 650 13.98 12.91 -48.38
N ARG B 651 12.84 13.36 -48.92
CA ARG B 651 12.90 14.34 -49.99
C ARG B 651 13.56 15.62 -49.52
N PHE B 652 13.24 16.06 -48.30
CA PHE B 652 13.83 17.29 -47.78
C PHE B 652 15.32 17.13 -47.54
N ILE B 653 15.76 15.96 -47.04
CA ILE B 653 17.17 15.75 -46.77
C ILE B 653 17.97 15.71 -48.07
N LEU B 654 17.45 15.01 -49.10
CA LEU B 654 18.15 14.95 -50.38
C LEU B 654 18.20 16.33 -51.04
N GLU B 655 17.11 17.08 -51.01
CA GLU B 655 17.13 18.41 -51.58
C GLU B 655 18.02 19.36 -50.79
N LYS B 656 18.28 19.07 -49.52
CA LYS B 656 19.10 19.97 -48.72
C LYS B 656 20.59 19.73 -48.98
N ILE B 657 21.00 18.45 -49.06
CA ILE B 657 22.41 18.15 -49.30
C ILE B 657 22.83 18.38 -50.74
N GLN B 658 21.93 18.81 -51.61
CA GLN B 658 22.25 19.09 -53.01
C GLN B 658 22.13 20.56 -53.37
N GLY B 659 21.67 21.40 -52.46
CA GLY B 659 21.47 22.80 -52.71
C GLY B 659 20.13 23.19 -53.25
N LYS B 660 19.24 22.21 -53.53
CA LYS B 660 17.95 22.55 -54.11
C LYS B 660 17.04 23.28 -53.13
N ILE B 661 17.30 23.16 -51.83
CA ILE B 661 16.56 23.87 -50.80
C ILE B 661 17.58 24.37 -49.78
N THR B 662 17.37 25.57 -49.27
CA THR B 662 18.16 26.12 -48.17
C THR B 662 17.21 26.72 -47.15
N ILE B 663 17.56 26.58 -45.87
CA ILE B 663 16.77 27.14 -44.78
C ILE B 663 17.55 28.17 -43.98
N GLU B 664 18.85 28.34 -44.24
CA GLU B 664 19.70 29.16 -43.37
C GLU B 664 19.21 30.60 -43.32
N ASN B 665 19.00 31.09 -42.10
CA ASN B 665 18.64 32.47 -41.82
C ASN B 665 17.33 32.88 -42.49
N ARG B 666 16.48 31.93 -42.86
CA ARG B 666 15.15 32.26 -43.36
C ARG B 666 14.17 32.35 -42.21
N SER B 667 13.25 33.31 -42.29
CA SER B 667 12.26 33.45 -41.23
CA SER B 667 12.27 33.45 -41.22
C SER B 667 11.33 32.24 -41.19
N LYS B 668 10.63 32.09 -40.08
CA LYS B 668 9.73 30.96 -39.91
C LYS B 668 8.64 30.99 -40.97
N LYS B 669 7.95 32.14 -41.12
CA LYS B 669 6.79 32.16 -42.00
C LYS B 669 7.21 32.06 -43.47
N ASP B 670 8.36 32.62 -43.84
CA ASP B 670 8.88 32.44 -45.19
C ASP B 670 9.23 30.97 -45.43
N LEU B 671 9.78 30.30 -44.43
CA LEU B 671 10.14 28.89 -44.60
C LEU B 671 8.90 28.03 -44.68
N ILE B 672 7.85 28.39 -43.94
CA ILE B 672 6.60 27.64 -44.01
C ILE B 672 5.96 27.83 -45.37
N GLN B 673 5.89 29.07 -45.84
CA GLN B 673 5.30 29.31 -47.15
C GLN B 673 6.14 28.67 -48.26
N MET B 674 7.47 28.70 -48.12
CA MET B 674 8.32 28.06 -49.11
C MET B 674 8.06 26.56 -49.21
N LEU B 675 7.93 25.89 -48.07
CA LEU B 675 7.67 24.45 -48.09
C LEU B 675 6.31 24.13 -48.71
N VAL B 676 5.31 24.99 -48.48
CA VAL B 676 4.00 24.76 -49.07
C VAL B 676 4.08 24.87 -50.60
N GLN B 677 4.80 25.86 -51.11
CA GLN B 677 4.87 26.05 -52.56
C GLN B 677 5.59 24.93 -53.27
N ARG B 678 6.42 24.15 -52.57
CA ARG B 678 7.12 23.05 -53.21
C ARG B 678 6.47 21.70 -52.93
N GLY B 679 5.20 21.70 -52.53
CA GLY B 679 4.48 20.45 -52.43
C GLY B 679 4.81 19.58 -51.24
N TYR B 680 5.42 20.13 -50.20
CA TYR B 680 5.64 19.36 -48.98
C TYR B 680 4.34 19.28 -48.20
N GLU B 681 4.07 18.10 -47.64
CA GLU B 681 2.81 17.83 -46.97
C GLU B 681 2.87 18.12 -45.48
N SER B 682 1.81 18.74 -44.97
CA SER B 682 1.66 18.87 -43.53
C SER B 682 1.63 17.48 -42.90
N ASP B 683 2.09 17.40 -41.64
CA ASP B 683 2.32 16.15 -40.91
C ASP B 683 1.31 15.08 -41.31
N PRO B 684 1.73 14.10 -42.12
CA PRO B 684 0.77 13.09 -42.59
C PRO B 684 0.26 12.18 -41.49
N VAL B 685 1.06 11.89 -40.47
CA VAL B 685 0.57 11.06 -39.38
C VAL B 685 -0.46 11.82 -38.57
N LYS B 686 -0.17 13.08 -38.24
CA LYS B 686 -1.15 13.88 -37.52
C LYS B 686 -2.43 14.05 -38.32
N ALA B 687 -2.30 14.33 -39.62
CA ALA B 687 -3.46 14.46 -40.46
C ALA B 687 -4.30 13.19 -40.47
N TRP B 688 -3.64 12.02 -40.54
CA TRP B 688 -4.38 10.77 -40.56
C TRP B 688 -5.08 10.51 -39.22
N LYS B 689 -4.40 10.81 -38.10
CA LYS B 689 -5.00 10.60 -36.79
C LYS B 689 -6.19 11.52 -36.58
N GLU B 690 -6.09 12.78 -37.03
CA GLU B 690 -7.21 13.70 -36.92
C GLU B 690 -8.33 13.32 -37.89
N ALA B 691 -7.99 12.70 -39.02
CA ALA B 691 -9.03 12.24 -39.95
C ALA B 691 -9.92 11.19 -39.31
N GLN B 692 -9.36 10.38 -38.41
CA GLN B 692 -10.13 9.42 -37.64
C GLN B 692 -10.85 10.18 -36.52
N GLU B 693 -11.93 10.85 -36.90
CA GLU B 693 -12.75 11.64 -35.98
C GLU B 693 -14.17 11.08 -35.86
N GLY B 717 -2.90 25.86 -39.80
CA GLY B 717 -1.79 26.00 -40.73
C GLY B 717 -1.01 24.71 -40.92
N PRO B 718 -0.16 24.67 -41.95
CA PRO B 718 0.62 23.45 -42.21
C PRO B 718 1.60 23.16 -41.07
N ASP B 719 1.82 21.87 -40.82
CA ASP B 719 2.70 21.41 -39.74
C ASP B 719 3.90 20.71 -40.36
N PHE B 720 5.04 21.39 -40.40
CA PHE B 720 6.28 20.82 -40.91
C PHE B 720 7.29 20.52 -39.81
N ASN B 721 6.83 20.49 -38.55
CA ASN B 721 7.74 20.20 -37.43
C ASN B 721 8.39 18.83 -37.56
N TYR B 722 7.70 17.86 -38.16
CA TYR B 722 8.30 16.53 -38.31
C TYR B 722 9.51 16.56 -39.23
N ILE B 723 9.66 17.60 -40.04
CA ILE B 723 10.83 17.75 -40.90
C ILE B 723 11.92 18.54 -40.19
N LEU B 724 11.57 19.69 -39.63
CA LEU B 724 12.56 20.61 -39.11
C LEU B 724 12.97 20.33 -37.67
N ASN B 725 12.32 19.38 -36.98
CA ASN B 725 12.82 18.94 -35.68
C ASN B 725 13.89 17.86 -35.80
N MET B 726 14.16 17.36 -37.01
CA MET B 726 15.25 16.41 -37.19
C MET B 726 16.57 17.08 -36.82
N SER B 727 17.49 16.27 -36.31
CA SER B 727 18.79 16.79 -35.90
C SER B 727 19.63 17.14 -37.12
N LEU B 728 20.66 17.96 -36.89
CA LEU B 728 21.63 18.23 -37.94
C LEU B 728 22.39 16.97 -38.35
N TRP B 729 22.44 15.95 -37.49
CA TRP B 729 23.03 14.68 -37.89
C TRP B 729 22.39 14.14 -39.17
N SER B 730 21.12 14.50 -39.42
CA SER B 730 20.38 13.96 -40.56
C SER B 730 21.06 14.26 -41.89
N LEU B 731 21.84 15.34 -41.96
CA LEU B 731 22.48 15.71 -43.20
C LEU B 731 23.79 14.96 -43.45
N THR B 732 24.25 14.16 -42.50
CA THR B 732 25.52 13.46 -42.69
C THR B 732 25.32 12.18 -43.51
N LYS B 733 26.43 11.68 -44.03
CA LYS B 733 26.37 10.60 -45.02
C LYS B 733 25.66 9.39 -44.47
N GLU B 734 26.07 8.89 -43.30
CA GLU B 734 25.47 7.67 -42.78
C GLU B 734 24.00 7.86 -42.44
N LYS B 735 23.60 9.04 -41.97
CA LYS B 735 22.20 9.25 -41.65
C LYS B 735 21.34 9.41 -42.90
N VAL B 736 21.90 9.89 -44.00
CA VAL B 736 21.14 9.97 -45.25
C VAL B 736 20.86 8.57 -45.79
N GLU B 737 21.87 7.70 -45.80
CA GLU B 737 21.67 6.33 -46.23
C GLU B 737 20.67 5.61 -45.31
N GLU B 738 20.76 5.86 -44.00
CA GLU B 738 19.84 5.23 -43.06
C GLU B 738 18.40 5.69 -43.31
N LEU B 739 18.22 6.99 -43.53
CA LEU B 739 16.86 7.50 -43.78
C LEU B 739 16.29 6.91 -45.06
N ILE B 740 17.13 6.74 -46.09
CA ILE B 740 16.65 6.20 -47.35
C ILE B 740 16.22 4.74 -47.15
N LYS B 741 16.97 3.99 -46.35
CA LYS B 741 16.59 2.59 -46.13
C LYS B 741 15.33 2.48 -45.29
N GLN B 742 15.14 3.37 -44.31
CA GLN B 742 13.93 3.30 -43.49
C GLN B 742 12.70 3.63 -44.33
N ARG B 743 12.82 4.59 -45.24
CA ARG B 743 11.72 4.96 -46.12
C ARG B 743 11.31 3.79 -47.00
N ASP B 744 12.30 3.09 -47.57
CA ASP B 744 11.98 1.97 -48.45
C ASP B 744 11.39 0.80 -47.67
N ALA B 745 11.84 0.58 -46.42
CA ALA B 745 11.30 -0.54 -45.65
C ALA B 745 9.84 -0.31 -45.25
N LYS B 746 9.47 0.93 -44.93
CA LYS B 746 8.07 1.21 -44.61
C LYS B 746 7.18 1.07 -45.84
N GLY B 747 7.68 1.51 -47.00
CA GLY B 747 6.92 1.29 -48.22
C GLY B 747 6.65 -0.19 -48.45
N ARG B 748 7.69 -1.02 -48.30
CA ARG B 748 7.53 -2.46 -48.42
C ARG B 748 6.59 -3.00 -47.35
N GLU B 749 6.65 -2.44 -46.15
CA GLU B 749 5.80 -2.89 -45.07
C GLU B 749 4.32 -2.62 -45.37
N VAL B 750 4.01 -1.47 -45.95
CA VAL B 750 2.63 -1.18 -46.33
C VAL B 750 2.17 -2.19 -47.37
N ASN B 751 2.97 -2.39 -48.42
CA ASN B 751 2.57 -3.27 -49.51
C ASN B 751 2.44 -4.71 -49.05
N ASP B 752 3.37 -5.18 -48.21
CA ASP B 752 3.29 -6.54 -47.69
C ASP B 752 2.03 -6.74 -46.86
N LEU B 753 1.57 -5.69 -46.19
CA LEU B 753 0.38 -5.81 -45.37
C LEU B 753 -0.89 -5.82 -46.21
N LYS B 754 -0.95 -5.02 -47.28
CA LYS B 754 -2.17 -5.01 -48.09
C LYS B 754 -2.43 -6.33 -48.77
N ARG B 755 -1.40 -7.13 -49.03
CA ARG B 755 -1.59 -8.43 -49.66
CA ARG B 755 -1.59 -8.43 -49.65
C ARG B 755 -2.15 -9.46 -48.69
N LYS B 756 -1.83 -9.34 -47.39
CA LYS B 756 -2.26 -10.31 -46.40
C LYS B 756 -3.74 -10.19 -46.09
N SER B 757 -4.36 -11.33 -45.78
CA SER B 757 -5.75 -11.33 -45.32
C SER B 757 -5.82 -11.17 -43.81
N PRO B 758 -6.96 -10.75 -43.28
CA PRO B 758 -7.13 -10.80 -41.82
C PRO B 758 -6.87 -12.18 -41.21
N SER B 759 -7.22 -13.26 -41.91
CA SER B 759 -6.89 -14.59 -41.39
C SER B 759 -5.39 -14.79 -41.28
N ASP B 760 -4.63 -14.28 -42.24
CA ASP B 760 -3.17 -14.39 -42.18
C ASP B 760 -2.62 -13.71 -40.94
N LEU B 761 -3.10 -12.50 -40.64
CA LEU B 761 -2.64 -11.79 -39.44
C LEU B 761 -2.99 -12.58 -38.18
N TRP B 762 -4.18 -13.16 -38.15
CA TRP B 762 -4.58 -13.95 -36.99
C TRP B 762 -3.66 -15.17 -36.84
N LYS B 763 -3.33 -15.85 -37.94
CA LYS B 763 -2.46 -17.02 -37.85
C LYS B 763 -1.06 -16.64 -37.37
N GLU B 764 -0.55 -15.49 -37.80
CA GLU B 764 0.75 -15.02 -37.32
C GLU B 764 0.73 -14.87 -35.80
N ASP B 765 -0.32 -14.23 -35.28
CA ASP B 765 -0.41 -14.02 -33.83
C ASP B 765 -0.52 -15.35 -33.09
N LEU B 766 -1.28 -16.31 -33.63
CA LEU B 766 -1.46 -17.60 -32.96
C LEU B 766 -0.14 -18.35 -32.89
N ALA B 767 0.62 -18.34 -33.99
CA ALA B 767 1.91 -19.03 -34.00
C ALA B 767 2.87 -18.39 -33.00
N ALA B 768 2.91 -17.06 -32.96
CA ALA B 768 3.79 -16.40 -32.00
C ALA B 768 3.38 -16.73 -30.58
N PHE B 769 2.08 -16.81 -30.32
CA PHE B 769 1.58 -17.14 -28.99
C PHE B 769 1.96 -18.57 -28.61
N VAL B 770 1.77 -19.52 -29.53
CA VAL B 770 2.05 -20.92 -29.23
C VAL B 770 3.54 -21.12 -29.00
N GLU B 771 4.38 -20.40 -29.73
CA GLU B 771 5.83 -20.54 -29.57
C GLU B 771 6.25 -20.15 -28.16
N GLU B 772 5.73 -19.03 -27.66
CA GLU B 772 6.10 -18.60 -26.30
C GLU B 772 5.41 -19.45 -25.24
N LEU B 773 4.19 -19.92 -25.50
CA LEU B 773 3.51 -20.80 -24.57
C LEU B 773 4.30 -22.09 -24.35
N ASP B 774 4.88 -22.63 -25.43
CA ASP B 774 5.71 -23.82 -25.29
C ASP B 774 6.97 -23.53 -24.47
N LYS B 775 7.58 -22.37 -24.70
CA LYS B 775 8.81 -22.02 -23.98
C LYS B 775 8.53 -21.76 -22.51
N VAL B 776 7.47 -20.99 -22.22
CA VAL B 776 7.14 -20.65 -20.84
C VAL B 776 6.77 -21.90 -20.06
N GLU B 777 5.96 -22.77 -20.65
CA GLU B 777 5.52 -23.97 -19.93
C GLU B 777 6.65 -24.98 -19.77
N SER B 778 7.63 -25.00 -20.67
CA SER B 778 8.79 -25.88 -20.47
C SER B 778 9.68 -25.35 -19.34
N GLN B 779 9.86 -24.03 -19.28
CA GLN B 779 10.62 -23.46 -18.16
C GLN B 779 9.91 -23.69 -16.83
N GLU B 780 8.58 -23.66 -16.82
CA GLU B 780 7.85 -23.87 -15.56
C GLU B 780 8.06 -25.28 -15.04
N ARG B 781 8.07 -26.28 -15.92
CA ARG B 781 8.24 -27.66 -15.47
C ARG B 781 9.67 -27.91 -14.99
N GLU B 782 10.65 -27.19 -15.54
CA GLU B 782 12.03 -27.30 -15.04
C GLU B 782 12.15 -26.75 -13.62
N ASP B 783 11.62 -25.54 -13.39
CA ASP B 783 11.72 -24.84 -12.11
C ASP B 783 10.96 -25.57 -10.98
#